data_3GRK
#
_entry.id   3GRK
#
_cell.length_a   66.100
_cell.length_b   120.100
_cell.length_c   137.700
_cell.angle_alpha   90.000
_cell.angle_beta   99.200
_cell.angle_gamma   90.000
#
_symmetry.space_group_name_H-M   'P 1 21 1'
#
loop_
_entity.id
_entity.type
_entity.pdbx_description
1 polymer 'Enoyl-(acyl-carrier-protein) reductase (NADH)'
2 water water
#
_entity_poly.entity_id   1
_entity_poly.type   'polypeptide(L)'
_entity_poly.pdbx_seq_one_letter_code
;MAHHHHHHMGTLEAQTQGPGSMTAQSGLLQGKRGLILGVANNRSIAWGIAKAAREAGAELAFTYQGDALKKRVEPLAEEL
GAFVAGHCDVADAASIDAVFETLEKKWGKLDFLVHAIGFSDKDELTGRYIDTSEANFTNTMLISVYSLTAVSRRAEKLMA
DGGSILTLTYYGAEKVMPNYNVMGVAKAALEASVKYLAVDLGPQNIRVNAISAGPIKTLAASGIGDFRYILKWNEYNAPL
RRTVTIDEVGDVGLYFLSDLSRSVTGEVHHADSGYHVIGMKAVDAPDISVVKD
;
_entity_poly.pdbx_strand_id   A,B,C,D,E,F,G,H
#
# COMPACT_ATOMS: atom_id res chain seq x y z
N GLY A 27 43.47 3.01 9.89
CA GLY A 27 44.39 2.36 8.90
C GLY A 27 44.01 0.90 8.64
N LEU A 28 43.30 0.67 7.53
CA LEU A 28 42.88 -0.68 7.15
C LEU A 28 44.08 -1.58 6.86
N LEU A 29 45.14 -1.01 6.27
CA LEU A 29 46.38 -1.73 6.00
C LEU A 29 47.49 -1.32 6.98
N GLN A 30 47.12 -0.94 8.20
CA GLN A 30 48.11 -0.58 9.18
C GLN A 30 48.86 -1.83 9.54
N GLY A 31 50.18 -1.76 9.52
CA GLY A 31 51.03 -2.88 9.92
C GLY A 31 51.26 -3.91 8.84
N LYS A 32 50.84 -3.61 7.59
CA LYS A 32 50.98 -4.54 6.46
C LYS A 32 51.99 -3.99 5.48
N ARG A 33 52.76 -4.89 4.88
CA ARG A 33 53.75 -4.55 3.86
C ARG A 33 53.35 -5.19 2.55
N GLY A 34 53.43 -4.44 1.47
CA GLY A 34 53.09 -4.98 0.17
C GLY A 34 53.92 -4.50 -0.98
N LEU A 35 53.95 -5.30 -2.05
CA LEU A 35 54.73 -5.02 -3.23
C LEU A 35 53.77 -4.65 -4.34
N ILE A 36 54.01 -3.50 -4.96
CA ILE A 36 53.26 -3.08 -6.13
C ILE A 36 54.17 -3.21 -7.35
N LEU A 37 53.76 -4.07 -8.28
CA LEU A 37 54.46 -4.21 -9.57
C LEU A 37 53.67 -3.43 -10.63
N GLY A 38 54.34 -2.55 -11.35
CA GLY A 38 53.72 -1.84 -12.48
C GLY A 38 53.49 -0.32 -12.35
N VAL A 39 53.98 0.27 -11.27
CA VAL A 39 53.95 1.73 -11.12
C VAL A 39 55.02 2.36 -12.01
N ALA A 40 54.59 2.96 -13.11
CA ALA A 40 55.48 3.64 -14.05
C ALA A 40 55.19 5.15 -14.16
N ASN A 41 54.15 5.63 -13.47
CA ASN A 41 53.75 7.04 -13.48
C ASN A 41 52.70 7.28 -12.39
N ASN A 42 52.16 8.50 -12.33
CA ASN A 42 51.18 8.83 -11.30
C ASN A 42 49.72 8.86 -11.77
N ARG A 43 49.48 8.31 -12.97
CA ARG A 43 48.14 8.31 -13.60
C ARG A 43 47.51 6.91 -13.69
N SER A 44 48.23 5.90 -13.21
CA SER A 44 47.85 4.50 -13.42
C SER A 44 47.00 3.97 -12.28
N ILE A 45 46.34 2.85 -12.49
CA ILE A 45 45.55 2.20 -11.44
C ILE A 45 46.48 1.70 -10.36
N ALA A 46 47.63 1.18 -10.75
CA ALA A 46 48.65 0.74 -9.80
C ALA A 46 48.97 1.84 -8.80
N TRP A 47 49.23 3.04 -9.31
CA TRP A 47 49.49 4.20 -8.45
C TRP A 47 48.28 4.49 -7.57
N GLY A 48 47.09 4.55 -8.18
CA GLY A 48 45.84 4.68 -7.43
C GLY A 48 45.73 3.73 -6.26
N ILE A 49 46.06 2.47 -6.49
CA ILE A 49 46.03 1.46 -5.46
C ILE A 49 47.12 1.70 -4.41
N ALA A 50 48.31 2.05 -4.87
CA ALA A 50 49.44 2.33 -3.99
C ALA A 50 49.15 3.52 -3.07
N LYS A 51 48.63 4.59 -3.65
CA LYS A 51 48.25 5.80 -2.89
C LYS A 51 47.25 5.41 -1.79
N ALA A 52 46.15 4.80 -2.19
CA ALA A 52 45.12 4.42 -1.24
C ALA A 52 45.66 3.43 -0.21
N ALA A 53 46.55 2.55 -0.65
CA ALA A 53 47.15 1.58 0.25
C ALA A 53 48.07 2.29 1.25
N ARG A 54 48.74 3.34 0.77
CA ARG A 54 49.64 4.12 1.60
C ARG A 54 48.86 4.98 2.59
N GLU A 55 47.79 5.61 2.13
CA GLU A 55 46.86 6.35 2.99
C GLU A 55 46.30 5.47 4.12
N ALA A 56 46.12 4.19 3.84
CA ALA A 56 45.59 3.25 4.82
C ALA A 56 46.68 2.65 5.71
N GLY A 57 47.92 3.13 5.58
CA GLY A 57 49.00 2.78 6.50
C GLY A 57 49.95 1.66 6.08
N ALA A 58 49.84 1.22 4.84
CA ALA A 58 50.71 0.17 4.32
C ALA A 58 52.13 0.68 4.17
N GLU A 59 53.10 -0.23 4.29
CA GLU A 59 54.46 0.01 3.80
C GLU A 59 54.53 -0.61 2.41
N LEU A 60 55.03 0.14 1.44
CA LEU A 60 54.98 -0.29 0.06
C LEU A 60 56.39 -0.56 -0.48
N ALA A 61 56.43 -1.37 -1.54
CA ALA A 61 57.65 -1.63 -2.28
C ALA A 61 57.30 -1.54 -3.75
N PHE A 62 58.13 -0.83 -4.51
CA PHE A 62 57.95 -0.71 -5.94
C PHE A 62 59.09 -1.41 -6.67
N THR A 63 58.75 -2.10 -7.74
CA THR A 63 59.72 -2.54 -8.71
C THR A 63 59.66 -1.54 -9.85
N TYR A 64 60.68 -1.54 -10.70
CA TYR A 64 60.64 -0.78 -11.96
C TYR A 64 61.01 -1.71 -13.14
N GLN A 65 61.05 -1.14 -14.34
CA GLN A 65 61.37 -1.89 -15.55
C GLN A 65 62.27 -1.06 -16.47
N GLY A 66 63.58 -1.23 -16.30
CA GLY A 66 64.60 -0.56 -17.13
C GLY A 66 65.18 0.70 -16.49
N ASP A 67 66.21 1.26 -17.14
CA ASP A 67 66.87 2.49 -16.66
C ASP A 67 66.03 3.75 -16.83
N ALA A 68 65.17 3.76 -17.84
CA ALA A 68 64.32 4.91 -18.12
C ALA A 68 63.28 5.06 -17.02
N LEU A 69 62.74 3.92 -16.58
CA LEU A 69 61.66 3.90 -15.58
C LEU A 69 62.19 4.06 -14.16
N LYS A 70 63.46 3.74 -13.92
CA LYS A 70 64.07 3.93 -12.59
C LYS A 70 64.11 5.42 -12.24
N LYS A 71 64.30 6.25 -13.27
CA LYS A 71 64.28 7.71 -13.13
C LYS A 71 62.91 8.20 -12.65
N ARG A 72 61.86 7.74 -13.32
CA ARG A 72 60.48 8.16 -13.01
C ARG A 72 59.91 7.51 -11.73
N VAL A 73 60.40 6.33 -11.37
CA VAL A 73 59.87 5.55 -10.23
C VAL A 73 60.40 5.98 -8.86
N GLU A 74 61.68 6.31 -8.80
CA GLU A 74 62.33 6.80 -7.57
C GLU A 74 61.52 7.88 -6.84
N PRO A 75 61.07 8.94 -7.57
CA PRO A 75 60.27 10.01 -6.94
C PRO A 75 58.85 9.60 -6.59
N LEU A 76 58.22 8.79 -7.43
CA LEU A 76 56.91 8.21 -7.10
C LEU A 76 57.04 7.43 -5.81
N ALA A 77 58.09 6.61 -5.72
CA ALA A 77 58.41 5.89 -4.49
C ALA A 77 58.53 6.85 -3.31
N GLU A 78 59.26 7.95 -3.51
CA GLU A 78 59.47 8.93 -2.44
C GLU A 78 58.18 9.52 -1.87
N GLU A 79 57.23 9.87 -2.76
CA GLU A 79 55.93 10.43 -2.33
C GLU A 79 55.18 9.51 -1.37
N LEU A 80 55.34 8.20 -1.53
CA LEU A 80 54.59 7.23 -0.71
C LEU A 80 55.49 6.49 0.28
N GLY A 81 56.75 6.87 0.35
CA GLY A 81 57.73 6.22 1.22
C GLY A 81 57.97 4.78 0.82
N ALA A 82 57.84 4.49 -0.48
CA ALA A 82 57.98 3.13 -0.98
C ALA A 82 59.45 2.77 -1.12
N PHE A 83 59.84 1.67 -0.50
CA PHE A 83 61.12 1.04 -0.76
C PHE A 83 61.21 0.61 -2.23
N VAL A 84 62.32 0.92 -2.91
CA VAL A 84 62.52 0.46 -4.28
C VAL A 84 63.21 -0.89 -4.21
N ALA A 85 62.55 -1.94 -4.69
CA ALA A 85 63.05 -3.30 -4.54
C ALA A 85 63.84 -3.80 -5.74
N GLY A 86 64.14 -2.91 -6.69
CA GLY A 86 64.98 -3.26 -7.84
C GLY A 86 64.19 -3.43 -9.13
N HIS A 87 64.93 -3.48 -10.23
CA HIS A 87 64.33 -3.72 -11.56
C HIS A 87 63.69 -5.10 -11.61
N CYS A 88 62.57 -5.20 -12.32
CA CYS A 88 61.86 -6.46 -12.55
C CYS A 88 61.36 -6.57 -13.98
N ASP A 89 61.91 -7.53 -14.73
CA ASP A 89 61.40 -7.91 -16.04
C ASP A 89 60.84 -9.31 -15.87
N VAL A 90 59.52 -9.41 -15.90
CA VAL A 90 58.84 -10.68 -15.65
C VAL A 90 59.25 -11.77 -16.64
N ALA A 91 59.68 -11.36 -17.83
CA ALA A 91 60.31 -12.27 -18.79
C ALA A 91 61.55 -12.93 -18.15
N ASP A 92 62.34 -12.12 -17.46
CA ASP A 92 63.55 -12.57 -16.80
C ASP A 92 63.24 -13.17 -15.43
N ALA A 93 63.34 -14.48 -15.30
CA ALA A 93 63.07 -15.15 -14.04
C ALA A 93 64.10 -14.80 -12.97
N ALA A 94 65.33 -14.52 -13.40
CA ALA A 94 66.39 -14.14 -12.48
C ALA A 94 65.97 -12.89 -11.72
N SER A 95 65.46 -11.90 -12.47
CA SER A 95 64.98 -10.62 -11.92
C SER A 95 63.94 -10.79 -10.82
N ILE A 96 62.92 -11.59 -11.09
CA ILE A 96 61.85 -11.84 -10.12
C ILE A 96 62.43 -12.37 -8.81
N ASP A 97 63.39 -13.28 -8.90
CA ASP A 97 64.00 -13.84 -7.69
C ASP A 97 64.89 -12.83 -6.96
N ALA A 98 65.58 -11.95 -7.69
CA ALA A 98 66.37 -10.89 -7.05
C ALA A 98 65.45 -10.01 -6.19
N VAL A 99 64.45 -9.43 -6.83
CA VAL A 99 63.42 -8.63 -6.17
C VAL A 99 62.92 -9.29 -4.88
N PHE A 100 62.53 -10.55 -4.95
CA PHE A 100 61.99 -11.23 -3.78
C PHE A 100 63.07 -11.69 -2.80
N GLU A 101 64.31 -11.79 -3.27
CA GLU A 101 65.47 -12.01 -2.40
C GLU A 101 65.64 -10.74 -1.56
N THR A 102 65.70 -9.60 -2.26
CA THR A 102 65.75 -8.27 -1.64
C THR A 102 64.63 -8.09 -0.63
N LEU A 103 63.39 -8.25 -1.08
CA LEU A 103 62.24 -8.14 -0.17
C LEU A 103 62.35 -9.03 1.06
N GLU A 104 62.85 -10.25 0.87
CA GLU A 104 62.99 -11.19 1.99
C GLU A 104 63.98 -10.62 3.00
N LYS A 105 65.07 -10.03 2.49
CA LYS A 105 66.09 -9.41 3.33
C LYS A 105 65.50 -8.26 4.14
N LYS A 106 64.93 -7.27 3.43
CA LYS A 106 64.41 -6.03 4.03
C LYS A 106 63.26 -6.25 5.03
N TRP A 107 62.28 -7.08 4.66
CA TRP A 107 61.06 -7.31 5.47
C TRP A 107 60.94 -8.71 6.04
N GLY A 108 61.22 -9.71 5.22
CA GLY A 108 61.06 -11.12 5.61
C GLY A 108 59.62 -11.63 5.59
N LYS A 109 58.68 -10.77 5.20
CA LYS A 109 57.29 -11.18 5.04
C LYS A 109 56.59 -10.18 4.14
N LEU A 110 55.72 -10.67 3.27
CA LEU A 110 54.80 -9.82 2.52
C LEU A 110 53.40 -10.12 3.01
N ASP A 111 52.55 -9.10 3.00
CA ASP A 111 51.16 -9.25 3.37
C ASP A 111 50.28 -9.19 2.14
N PHE A 112 50.70 -8.44 1.12
CA PHE A 112 49.97 -8.36 -0.13
C PHE A 112 50.89 -8.09 -1.31
N LEU A 113 50.36 -8.36 -2.51
CA LEU A 113 51.05 -8.12 -3.76
C LEU A 113 50.04 -7.60 -4.77
N VAL A 114 50.39 -6.51 -5.46
CA VAL A 114 49.53 -5.92 -6.47
C VAL A 114 50.22 -6.10 -7.82
N HIS A 115 49.56 -6.83 -8.70
CA HIS A 115 50.10 -7.18 -10.00
C HIS A 115 49.40 -6.33 -11.04
N ALA A 116 50.05 -5.25 -11.46
CA ALA A 116 49.49 -4.33 -12.46
C ALA A 116 50.36 -4.29 -13.69
N ILE A 117 50.73 -5.48 -14.17
CA ILE A 117 51.64 -5.62 -15.31
C ILE A 117 50.89 -6.18 -16.51
N GLY A 118 51.03 -5.53 -17.65
CA GLY A 118 50.41 -6.02 -18.86
C GLY A 118 50.94 -5.32 -20.09
N PHE A 119 51.08 -6.08 -21.16
CA PHE A 119 51.48 -5.51 -22.44
C PHE A 119 50.95 -6.37 -23.57
N SER A 120 50.60 -5.70 -24.66
CA SER A 120 50.40 -6.33 -25.95
C SER A 120 50.81 -5.33 -27.03
N ASP A 121 51.26 -5.83 -28.16
CA ASP A 121 51.74 -4.95 -29.23
C ASP A 121 50.70 -3.92 -29.67
N LYS A 122 51.08 -2.64 -29.60
CA LYS A 122 50.19 -1.53 -29.92
C LYS A 122 49.55 -1.64 -31.30
N ASP A 123 50.36 -1.97 -32.31
CA ASP A 123 49.87 -2.05 -33.69
C ASP A 123 48.72 -3.07 -33.83
N GLU A 124 48.92 -4.25 -33.27
CA GLU A 124 47.97 -5.35 -33.50
C GLU A 124 46.65 -5.17 -32.75
N LEU A 125 46.64 -4.31 -31.73
CA LEU A 125 45.39 -4.00 -31.04
C LEU A 125 44.40 -3.36 -32.00
N THR A 126 44.90 -2.55 -32.91
CA THR A 126 44.06 -1.75 -33.80
C THR A 126 43.46 -2.54 -34.97
N GLY A 127 44.02 -3.73 -35.24
CA GLY A 127 43.53 -4.58 -36.32
C GLY A 127 42.60 -5.71 -35.86
N ARG A 128 42.60 -6.80 -36.60
CA ARG A 128 41.74 -7.94 -36.30
C ARG A 128 42.46 -8.88 -35.36
N TYR A 129 41.74 -9.38 -34.36
CA TYR A 129 42.31 -10.42 -33.50
C TYR A 129 42.92 -11.56 -34.30
N ILE A 130 42.22 -12.00 -35.36
CA ILE A 130 42.65 -13.15 -36.16
C ILE A 130 44.01 -12.93 -36.86
N ASP A 131 44.40 -11.68 -37.04
CA ASP A 131 45.72 -11.33 -37.63
C ASP A 131 46.82 -11.22 -36.58
N THR A 132 46.50 -11.53 -35.33
CA THR A 132 47.49 -11.57 -34.26
C THR A 132 48.68 -12.48 -34.58
N SER A 133 49.90 -11.96 -34.38
CA SER A 133 51.11 -12.71 -34.65
C SER A 133 51.48 -13.59 -33.47
N GLU A 134 52.19 -14.67 -33.73
CA GLU A 134 52.62 -15.56 -32.67
C GLU A 134 53.47 -14.91 -31.61
N ALA A 135 54.44 -14.09 -32.04
CA ALA A 135 55.31 -13.37 -31.12
C ALA A 135 54.48 -12.53 -30.16
N ASN A 136 53.54 -11.74 -30.69
CA ASN A 136 52.69 -10.90 -29.86
C ASN A 136 51.80 -11.72 -28.96
N PHE A 137 51.30 -12.83 -29.48
CA PHE A 137 50.48 -13.75 -28.70
C PHE A 137 51.28 -14.29 -27.52
N THR A 138 52.51 -14.70 -27.78
CA THR A 138 53.33 -15.32 -26.75
C THR A 138 53.78 -14.29 -25.73
N ASN A 139 54.25 -13.15 -26.23
CA ASN A 139 54.76 -12.05 -25.42
C ASN A 139 53.66 -11.51 -24.50
N THR A 140 52.48 -11.29 -25.08
CA THR A 140 51.34 -10.82 -24.31
C THR A 140 50.98 -11.84 -23.23
N MET A 141 50.89 -13.12 -23.60
CA MET A 141 50.59 -14.16 -22.61
C MET A 141 51.63 -14.21 -21.50
N LEU A 142 52.91 -14.14 -21.88
CA LEU A 142 53.97 -14.18 -20.88
C LEU A 142 53.85 -13.03 -19.88
N ILE A 143 53.76 -11.82 -20.41
CA ILE A 143 53.78 -10.61 -19.58
C ILE A 143 52.45 -10.36 -18.85
N SER A 144 51.33 -10.56 -19.55
CA SER A 144 50.01 -10.23 -18.97
C SER A 144 49.47 -11.32 -18.08
N VAL A 145 49.87 -12.56 -18.30
CA VAL A 145 49.27 -13.69 -17.61
C VAL A 145 50.26 -14.47 -16.75
N TYR A 146 51.31 -14.99 -17.37
CA TYR A 146 52.24 -15.85 -16.65
C TYR A 146 52.96 -15.10 -15.54
N SER A 147 53.21 -13.81 -15.77
CA SER A 147 53.86 -12.98 -14.75
C SER A 147 53.20 -13.12 -13.40
N LEU A 148 51.87 -13.03 -13.35
CA LEU A 148 51.19 -13.15 -12.06
C LEU A 148 51.51 -14.48 -11.41
N THR A 149 51.46 -15.55 -12.20
CA THR A 149 51.74 -16.87 -11.67
C THR A 149 53.20 -16.95 -11.20
N ALA A 150 54.10 -16.34 -11.96
CA ALA A 150 55.51 -16.33 -11.61
C ALA A 150 55.75 -15.59 -10.28
N VAL A 151 55.22 -14.38 -10.16
CA VAL A 151 55.43 -13.60 -8.92
C VAL A 151 54.66 -14.17 -7.73
N SER A 152 53.50 -14.78 -7.98
CA SER A 152 52.72 -15.38 -6.90
C SER A 152 53.44 -16.59 -6.29
N ARG A 153 54.15 -17.34 -7.12
CA ARG A 153 54.96 -18.47 -6.64
C ARG A 153 56.06 -18.01 -5.68
N ARG A 154 56.73 -16.90 -6.00
CA ARG A 154 57.68 -16.34 -5.04
C ARG A 154 56.95 -15.72 -3.86
N ALA A 155 55.90 -14.93 -4.13
CA ALA A 155 55.13 -14.28 -3.05
C ALA A 155 54.79 -15.25 -1.92
N GLU A 156 54.44 -16.48 -2.30
CA GLU A 156 53.99 -17.50 -1.37
C GLU A 156 54.99 -17.79 -0.23
N LYS A 157 56.27 -17.87 -0.57
CA LYS A 157 57.29 -18.18 0.44
C LYS A 157 57.29 -17.12 1.54
N LEU A 158 57.23 -15.86 1.11
CA LEU A 158 57.16 -14.70 2.00
C LEU A 158 55.78 -14.47 2.63
N MET A 159 54.75 -15.13 2.11
CA MET A 159 53.38 -14.89 2.61
C MET A 159 52.84 -16.02 3.46
N ALA A 160 53.70 -16.96 3.86
CA ALA A 160 53.25 -18.20 4.50
C ALA A 160 52.09 -17.98 5.47
N ASP A 161 52.18 -16.94 6.31
CA ASP A 161 51.15 -16.70 7.35
C ASP A 161 49.95 -15.81 6.87
N GLY A 162 49.74 -15.75 5.55
CA GLY A 162 48.52 -15.17 4.98
C GLY A 162 48.78 -13.97 4.12
N GLY A 163 47.76 -13.56 3.36
CA GLY A 163 47.85 -12.37 2.55
C GLY A 163 46.84 -12.25 1.44
N SER A 164 47.09 -11.28 0.58
CA SER A 164 46.19 -10.96 -0.50
C SER A 164 46.98 -10.69 -1.77
N ILE A 165 46.63 -11.40 -2.85
CA ILE A 165 47.19 -11.11 -4.14
C ILE A 165 46.11 -10.49 -5.00
N LEU A 166 46.46 -9.40 -5.69
CA LEU A 166 45.51 -8.66 -6.48
C LEU A 166 46.07 -8.39 -7.86
N THR A 167 45.26 -8.62 -8.89
CA THR A 167 45.62 -8.28 -10.27
C THR A 167 44.50 -7.48 -10.95
N LEU A 168 44.77 -6.99 -12.16
CA LEU A 168 43.87 -6.15 -12.90
C LEU A 168 43.43 -6.83 -14.19
N THR A 169 42.16 -6.64 -14.52
CA THR A 169 41.59 -7.21 -15.71
C THR A 169 40.59 -6.20 -16.32
N TYR A 170 39.87 -6.65 -17.35
CA TYR A 170 39.02 -5.77 -18.10
C TYR A 170 37.92 -6.61 -18.74
N TYR A 171 36.74 -6.02 -18.89
CA TYR A 171 35.55 -6.70 -19.43
C TYR A 171 35.79 -7.40 -20.76
N GLY A 172 36.80 -6.94 -21.50
CA GLY A 172 37.32 -7.61 -22.70
C GLY A 172 37.72 -9.06 -22.49
N ALA A 173 37.90 -9.49 -21.25
CA ALA A 173 38.08 -10.91 -20.97
C ALA A 173 36.77 -11.69 -21.13
N GLU A 174 35.65 -11.06 -20.77
CA GLU A 174 34.34 -11.73 -20.73
C GLU A 174 33.60 -11.65 -22.07
N LYS A 175 33.68 -10.50 -22.71
CA LYS A 175 33.00 -10.26 -23.99
C LYS A 175 33.99 -9.56 -24.90
N VAL A 176 33.69 -9.53 -26.19
CA VAL A 176 34.53 -8.85 -27.16
C VAL A 176 34.40 -7.34 -26.99
N MET A 177 35.54 -6.68 -26.82
CA MET A 177 35.59 -5.23 -26.71
C MET A 177 36.53 -4.74 -27.78
N PRO A 178 36.28 -3.52 -28.29
CA PRO A 178 37.06 -3.06 -29.44
C PRO A 178 38.51 -2.79 -29.10
N ASN A 179 39.36 -2.81 -30.12
CA ASN A 179 40.76 -2.47 -29.98
C ASN A 179 41.40 -3.16 -28.80
N TYR A 180 41.17 -4.46 -28.68
CA TYR A 180 41.63 -5.22 -27.52
C TYR A 180 42.20 -6.58 -27.89
N ASN A 181 41.56 -7.27 -28.83
CA ASN A 181 42.11 -8.48 -29.43
C ASN A 181 42.81 -9.45 -28.47
N VAL A 182 44.10 -9.73 -28.69
CA VAL A 182 44.73 -10.82 -27.98
C VAL A 182 44.78 -10.56 -26.50
N MET A 183 44.62 -9.30 -26.08
CA MET A 183 44.66 -8.98 -24.65
C MET A 183 43.41 -9.50 -23.96
N GLY A 184 42.27 -9.42 -24.64
CA GLY A 184 41.03 -10.06 -24.14
C GLY A 184 41.26 -11.53 -23.81
N VAL A 185 41.81 -12.23 -24.79
CA VAL A 185 42.18 -13.63 -24.69
C VAL A 185 43.12 -13.83 -23.53
N ALA A 186 44.12 -12.97 -23.42
CA ALA A 186 45.07 -13.01 -22.31
C ALA A 186 44.40 -12.80 -20.97
N LYS A 187 43.49 -11.83 -20.93
CA LYS A 187 42.84 -11.51 -19.66
C LYS A 187 41.84 -12.58 -19.25
N ALA A 188 41.23 -13.26 -20.22
CA ALA A 188 40.44 -14.48 -19.93
C ALA A 188 41.30 -15.52 -19.23
N ALA A 189 42.54 -15.68 -19.69
CA ALA A 189 43.48 -16.63 -19.10
C ALA A 189 43.93 -16.19 -17.71
N LEU A 190 44.15 -14.89 -17.54
CA LEU A 190 44.54 -14.33 -16.26
C LEU A 190 43.42 -14.52 -15.26
N GLU A 191 42.18 -14.21 -15.67
CA GLU A 191 41.04 -14.40 -14.77
C GLU A 191 40.92 -15.88 -14.38
N ALA A 192 41.02 -16.78 -15.36
CA ALA A 192 41.12 -18.21 -15.06
C ALA A 192 42.29 -18.50 -14.12
N SER A 193 43.48 -17.94 -14.37
CA SER A 193 44.65 -18.21 -13.53
C SER A 193 44.38 -17.82 -12.07
N VAL A 194 43.67 -16.72 -11.89
CA VAL A 194 43.26 -16.25 -10.56
C VAL A 194 42.52 -17.34 -9.81
N LYS A 195 41.62 -18.03 -10.51
CA LYS A 195 40.85 -19.11 -9.88
C LYS A 195 41.74 -20.26 -9.43
N TYR A 196 42.63 -20.67 -10.31
CA TYR A 196 43.57 -21.76 -9.99
C TYR A 196 44.55 -21.38 -8.88
N LEU A 197 45.14 -20.19 -8.96
CA LEU A 197 45.99 -19.69 -7.89
C LEU A 197 45.24 -19.61 -6.56
N ALA A 198 43.99 -19.15 -6.60
CA ALA A 198 43.17 -19.07 -5.38
C ALA A 198 43.04 -20.41 -4.69
N VAL A 199 42.86 -21.48 -5.47
CA VAL A 199 42.80 -22.82 -4.90
C VAL A 199 44.18 -23.23 -4.38
N ASP A 200 45.23 -23.06 -5.16
CA ASP A 200 46.57 -23.39 -4.66
C ASP A 200 46.93 -22.66 -3.37
N LEU A 201 46.63 -21.37 -3.28
CA LEU A 201 47.12 -20.53 -2.16
C LEU A 201 46.14 -20.36 -1.00
N GLY A 202 44.88 -20.73 -1.23
CA GLY A 202 43.83 -20.53 -0.25
C GLY A 202 44.00 -21.23 1.09
N PRO A 203 44.47 -22.47 1.06
CA PRO A 203 44.71 -23.16 2.35
C PRO A 203 45.83 -22.56 3.20
N GLN A 204 46.65 -21.68 2.60
CA GLN A 204 47.64 -20.90 3.34
C GLN A 204 47.10 -19.50 3.65
N ASN A 205 45.80 -19.33 3.44
CA ASN A 205 45.11 -18.08 3.72
C ASN A 205 45.66 -16.95 2.86
N ILE A 206 46.09 -17.28 1.67
CA ILE A 206 46.47 -16.25 0.72
C ILE A 206 45.33 -16.18 -0.26
N ARG A 207 44.81 -14.98 -0.47
CA ARG A 207 43.69 -14.75 -1.36
C ARG A 207 44.23 -14.20 -2.66
N VAL A 208 43.51 -14.49 -3.72
CA VAL A 208 43.92 -14.07 -5.07
C VAL A 208 42.66 -13.58 -5.76
N ASN A 209 42.70 -12.34 -6.22
CA ASN A 209 41.55 -11.67 -6.79
C ASN A 209 41.95 -10.74 -7.92
N ALA A 210 40.98 -10.37 -8.73
CA ALA A 210 41.20 -9.43 -9.82
C ALA A 210 40.12 -8.37 -9.79
N ILE A 211 40.53 -7.13 -10.13
CA ILE A 211 39.58 -6.06 -10.36
C ILE A 211 39.46 -5.83 -11.84
N SER A 212 38.22 -5.86 -12.31
CA SER A 212 37.93 -5.62 -13.70
C SER A 212 37.60 -4.14 -13.78
N ALA A 213 38.54 -3.39 -14.32
CA ALA A 213 38.47 -1.95 -14.30
C ALA A 213 37.85 -1.49 -15.59
N GLY A 214 36.94 -0.53 -15.51
CA GLY A 214 36.48 0.17 -16.69
C GLY A 214 37.62 1.02 -17.21
N PRO A 215 37.46 1.57 -18.42
CA PRO A 215 38.48 2.44 -18.98
C PRO A 215 38.54 3.76 -18.21
N ILE A 216 39.74 4.33 -18.12
CA ILE A 216 40.02 5.49 -17.28
C ILE A 216 40.66 6.63 -18.09
N LYS A 217 40.15 7.86 -17.95
CA LYS A 217 40.75 9.06 -18.61
C LYS A 217 42.21 9.28 -18.19
N THR A 218 43.07 9.53 -19.17
CA THR A 218 44.51 9.75 -18.89
C THR A 218 45.10 10.77 -19.85
N GLY A 225 44.93 4.43 -29.60
CA GLY A 225 44.13 3.46 -30.34
C GLY A 225 42.63 3.59 -30.07
N ASP A 226 42.04 4.71 -30.51
CA ASP A 226 40.57 4.89 -30.54
C ASP A 226 39.91 4.88 -29.15
N PHE A 227 40.58 5.49 -28.17
CA PHE A 227 40.20 5.39 -26.76
C PHE A 227 39.08 6.36 -26.37
N ARG A 228 39.03 7.51 -27.03
CA ARG A 228 38.05 8.55 -26.72
C ARG A 228 36.63 7.99 -26.79
N TYR A 229 36.34 7.27 -27.88
CA TYR A 229 35.02 6.70 -28.11
C TYR A 229 34.66 5.63 -27.07
N ILE A 230 35.65 4.82 -26.67
CA ILE A 230 35.39 3.81 -25.65
C ILE A 230 35.02 4.48 -24.31
N LEU A 231 35.78 5.51 -23.92
CA LEU A 231 35.50 6.29 -22.71
C LEU A 231 34.13 6.92 -22.74
N LYS A 232 33.76 7.48 -23.89
CA LYS A 232 32.49 8.19 -24.05
C LYS A 232 31.34 7.17 -24.07
N TRP A 233 31.58 6.00 -24.64
CA TRP A 233 30.62 4.91 -24.59
C TRP A 233 30.27 4.49 -23.17
N ASN A 234 31.30 4.28 -22.34
CA ASN A 234 31.09 3.98 -20.92
C ASN A 234 30.43 5.13 -20.18
N GLU A 235 30.82 6.36 -20.52
CA GLU A 235 30.27 7.54 -19.89
C GLU A 235 28.76 7.60 -20.10
N TYR A 236 28.30 7.29 -21.30
CA TYR A 236 26.89 7.44 -21.64
C TYR A 236 26.05 6.20 -21.35
N ASN A 237 26.68 5.01 -21.39
CA ASN A 237 25.93 3.76 -21.19
C ASN A 237 26.13 3.07 -19.83
N ALA A 238 27.24 3.32 -19.13
CA ALA A 238 27.41 2.73 -17.80
C ALA A 238 26.33 3.25 -16.85
N PRO A 239 25.72 2.36 -16.04
CA PRO A 239 24.70 2.72 -15.07
C PRO A 239 24.98 4.03 -14.31
N LEU A 240 26.19 4.19 -13.78
CA LEU A 240 26.54 5.38 -12.99
C LEU A 240 26.88 6.58 -13.85
N ARG A 241 26.96 6.37 -15.17
CA ARG A 241 27.05 7.44 -16.16
C ARG A 241 28.35 8.24 -16.05
N ARG A 242 29.42 7.53 -15.72
CA ARG A 242 30.75 8.10 -15.62
C ARG A 242 31.80 7.00 -15.77
N THR A 243 32.97 7.38 -16.28
CA THR A 243 34.08 6.47 -16.34
C THR A 243 34.71 6.47 -14.96
N VAL A 244 35.36 5.38 -14.59
CA VAL A 244 35.93 5.26 -13.26
C VAL A 244 37.27 5.98 -13.21
N THR A 245 37.73 6.28 -12.01
CA THR A 245 38.97 7.04 -11.81
C THR A 245 39.95 6.15 -11.06
N ILE A 246 41.24 6.50 -11.13
CA ILE A 246 42.22 5.70 -10.41
C ILE A 246 41.98 5.75 -8.91
N ASP A 247 41.42 6.85 -8.42
CA ASP A 247 41.08 6.96 -7.00
C ASP A 247 39.97 5.97 -6.63
N GLU A 248 39.01 5.81 -7.54
CA GLU A 248 37.92 4.88 -7.32
C GLU A 248 38.40 3.42 -7.33
N VAL A 249 39.20 3.05 -8.32
CA VAL A 249 39.71 1.68 -8.40
C VAL A 249 40.69 1.40 -7.24
N GLY A 250 41.46 2.41 -6.83
CA GLY A 250 42.42 2.25 -5.73
C GLY A 250 41.73 1.80 -4.46
N ASP A 251 40.57 2.38 -4.19
CA ASP A 251 39.79 2.06 -2.97
C ASP A 251 39.19 0.67 -3.04
N VAL A 252 38.82 0.26 -4.26
CA VAL A 252 38.43 -1.13 -4.48
C VAL A 252 39.65 -1.98 -4.23
N GLY A 253 40.82 -1.57 -4.73
CA GLY A 253 42.08 -2.24 -4.42
C GLY A 253 42.33 -2.33 -2.93
N LEU A 254 42.19 -1.19 -2.25
CA LEU A 254 42.29 -1.14 -0.79
C LEU A 254 41.43 -2.21 -0.11
N TYR A 255 40.16 -2.28 -0.50
CA TYR A 255 39.24 -3.30 0.02
C TYR A 255 39.89 -4.67 -0.13
N PHE A 256 40.40 -4.95 -1.32
CA PHE A 256 40.94 -6.28 -1.58
C PHE A 256 42.15 -6.62 -0.74
N LEU A 257 43.01 -5.64 -0.51
CA LEU A 257 44.20 -5.83 0.28
C LEU A 257 43.86 -5.91 1.77
N SER A 258 42.77 -5.23 2.15
CA SER A 258 42.33 -5.16 3.55
C SER A 258 41.67 -6.44 3.99
N ASP A 259 41.46 -6.54 5.29
CA ASP A 259 40.78 -7.67 5.88
C ASP A 259 39.28 -7.62 5.71
N LEU A 260 38.75 -6.52 5.20
CA LEU A 260 37.35 -6.44 4.78
C LEU A 260 37.02 -7.55 3.78
N SER A 261 37.98 -7.91 2.92
CA SER A 261 37.78 -8.88 1.85
C SER A 261 38.29 -10.29 2.18
N ARG A 262 38.44 -10.60 3.46
CA ARG A 262 39.17 -11.80 3.86
C ARG A 262 38.41 -13.10 3.58
N SER A 263 37.13 -13.01 3.32
CA SER A 263 36.33 -14.16 2.93
C SER A 263 36.21 -14.29 1.41
N VAL A 264 36.94 -13.46 0.69
CA VAL A 264 36.77 -13.35 -0.75
C VAL A 264 38.04 -13.73 -1.45
N THR A 265 37.99 -14.80 -2.24
CA THR A 265 39.10 -15.14 -3.11
C THR A 265 38.61 -15.72 -4.43
N GLY A 266 39.48 -15.65 -5.43
CA GLY A 266 39.22 -16.18 -6.74
C GLY A 266 38.12 -15.44 -7.46
N GLU A 267 38.00 -14.14 -7.16
CA GLU A 267 36.92 -13.30 -7.63
C GLU A 267 37.39 -12.31 -8.67
N VAL A 268 36.58 -12.13 -9.72
CA VAL A 268 36.73 -11.04 -10.66
C VAL A 268 35.68 -9.98 -10.35
N HIS A 269 36.14 -8.80 -9.97
CA HIS A 269 35.27 -7.80 -9.35
C HIS A 269 35.27 -6.56 -10.22
N HIS A 270 34.09 -6.16 -10.66
CA HIS A 270 33.95 -5.07 -11.60
C HIS A 270 33.96 -3.72 -10.89
N ALA A 271 34.95 -2.91 -11.22
CA ALA A 271 35.01 -1.50 -10.80
C ALA A 271 34.93 -0.69 -12.07
N ASP A 272 33.72 -0.59 -12.60
CA ASP A 272 33.48 -0.10 -13.95
C ASP A 272 32.19 0.68 -14.07
N SER A 273 31.71 1.24 -12.96
CA SER A 273 30.48 2.03 -12.93
C SER A 273 29.28 1.25 -13.41
N GLY A 274 29.36 -0.08 -13.26
CA GLY A 274 28.28 -0.97 -13.66
C GLY A 274 28.24 -1.34 -15.12
N TYR A 275 29.23 -0.90 -15.91
CA TYR A 275 29.18 -1.16 -17.36
C TYR A 275 28.87 -2.63 -17.72
N HIS A 276 29.43 -3.57 -16.96
CA HIS A 276 29.32 -5.01 -17.26
C HIS A 276 27.89 -5.62 -17.31
N VAL A 277 26.91 -4.94 -16.71
CA VAL A 277 25.52 -5.43 -16.73
C VAL A 277 24.79 -5.08 -18.03
N ILE A 278 25.35 -4.15 -18.79
CA ILE A 278 24.72 -3.63 -20.00
C ILE A 278 24.82 -4.59 -21.19
N GLY A 279 23.68 -5.06 -21.67
CA GLY A 279 23.64 -5.91 -22.87
C GLY A 279 23.53 -5.13 -24.18
N MET A 280 23.08 -3.88 -24.10
CA MET A 280 22.84 -3.04 -25.27
C MET A 280 22.80 -1.56 -24.87
N GLY B 27 14.03 -36.97 -40.80
CA GLY B 27 14.36 -38.25 -40.11
C GLY B 27 14.87 -38.15 -38.68
N LEU B 28 15.35 -36.98 -38.27
CA LEU B 28 15.96 -36.83 -36.94
C LEU B 28 14.98 -37.10 -35.80
N LEU B 29 13.70 -36.88 -36.02
CA LEU B 29 12.67 -37.13 -35.00
C LEU B 29 11.67 -38.20 -35.41
N GLN B 30 12.12 -39.13 -36.26
CA GLN B 30 11.25 -40.20 -36.75
C GLN B 30 10.94 -41.13 -35.59
N GLY B 31 9.67 -41.51 -35.47
CA GLY B 31 9.22 -42.28 -34.33
C GLY B 31 8.96 -41.47 -33.07
N LYS B 32 9.18 -40.15 -33.11
CA LYS B 32 9.06 -39.29 -31.91
C LYS B 32 7.72 -38.59 -31.86
N ARG B 33 7.21 -38.43 -30.65
CA ARG B 33 5.97 -37.71 -30.38
C ARG B 33 6.19 -36.66 -29.30
N GLY B 34 5.80 -35.43 -29.60
CA GLY B 34 6.02 -34.34 -28.66
C GLY B 34 4.93 -33.29 -28.62
N LEU B 35 4.93 -32.55 -27.51
CA LEU B 35 3.95 -31.52 -27.21
C LEU B 35 4.59 -30.17 -27.38
N ILE B 36 3.98 -29.31 -28.19
CA ILE B 36 4.40 -27.93 -28.28
C ILE B 36 3.35 -27.01 -27.67
N LEU B 37 3.74 -26.35 -26.59
CA LEU B 37 2.90 -25.37 -25.91
C LEU B 37 3.27 -23.96 -26.34
N GLY B 38 2.30 -23.21 -26.83
CA GLY B 38 2.53 -21.80 -27.20
C GLY B 38 2.44 -21.48 -28.69
N VAL B 39 1.91 -22.39 -29.50
CA VAL B 39 1.66 -22.12 -30.91
C VAL B 39 0.35 -21.35 -30.99
N ALA B 40 0.45 -20.06 -31.34
CA ALA B 40 -0.71 -19.19 -31.49
C ALA B 40 -0.85 -18.64 -32.92
N ASN B 41 0.23 -18.70 -33.71
CA ASN B 41 0.25 -18.15 -35.08
C ASN B 41 1.32 -18.91 -35.88
N ASN B 42 1.75 -18.38 -37.03
CA ASN B 42 2.73 -19.08 -37.87
C ASN B 42 4.02 -18.32 -38.05
N ARG B 43 4.27 -17.39 -37.14
CA ARG B 43 5.45 -16.53 -37.19
C ARG B 43 6.26 -16.53 -35.89
N SER B 44 5.99 -17.48 -34.99
CA SER B 44 6.65 -17.52 -33.67
C SER B 44 7.71 -18.60 -33.63
N ILE B 45 8.63 -18.52 -32.67
CA ILE B 45 9.65 -19.55 -32.54
C ILE B 45 9.02 -20.91 -32.32
N ALA B 46 7.95 -20.95 -31.54
CA ALA B 46 7.21 -22.17 -31.30
C ALA B 46 6.85 -22.86 -32.61
N TRP B 47 6.33 -22.07 -33.55
CA TRP B 47 5.89 -22.56 -34.84
C TRP B 47 7.05 -23.04 -35.69
N GLY B 48 8.13 -22.26 -35.69
CA GLY B 48 9.35 -22.65 -36.39
C GLY B 48 9.90 -23.98 -35.87
N ILE B 49 9.83 -24.16 -34.56
CA ILE B 49 10.25 -25.42 -33.95
C ILE B 49 9.28 -26.55 -34.36
N ALA B 50 7.98 -26.27 -34.29
CA ALA B 50 6.95 -27.24 -34.72
C ALA B 50 7.17 -27.70 -36.16
N LYS B 51 7.32 -26.73 -37.05
CA LYS B 51 7.56 -26.96 -38.46
C LYS B 51 8.79 -27.86 -38.64
N ALA B 52 9.93 -27.40 -38.15
CA ALA B 52 11.17 -28.15 -38.24
C ALA B 52 11.03 -29.58 -37.67
N ALA B 53 10.26 -29.71 -36.58
CA ALA B 53 10.09 -31.02 -35.94
C ALA B 53 9.19 -31.95 -36.77
N ARG B 54 8.12 -31.41 -37.31
CA ARG B 54 7.27 -32.16 -38.22
C ARG B 54 8.02 -32.60 -39.47
N GLU B 55 8.80 -31.69 -40.05
CA GLU B 55 9.59 -32.02 -41.26
C GLU B 55 10.68 -33.04 -40.94
N ALA B 56 11.06 -33.12 -39.67
CA ALA B 56 12.00 -34.12 -39.19
C ALA B 56 11.36 -35.48 -38.86
N GLY B 57 10.04 -35.59 -39.04
CA GLY B 57 9.32 -36.86 -38.86
C GLY B 57 8.55 -37.02 -37.56
N ALA B 58 8.52 -35.96 -36.76
CA ALA B 58 7.82 -35.94 -35.48
C ALA B 58 6.30 -35.91 -35.67
N GLU B 59 5.59 -36.58 -34.77
CA GLU B 59 4.16 -36.37 -34.58
C GLU B 59 4.01 -35.37 -33.46
N LEU B 60 3.22 -34.33 -33.71
CA LEU B 60 3.08 -33.23 -32.78
C LEU B 60 1.71 -33.21 -32.09
N ALA B 61 1.70 -32.61 -30.92
CA ALA B 61 0.49 -32.18 -30.26
C ALA B 61 0.64 -30.71 -29.95
N PHE B 62 -0.44 -29.95 -30.17
CA PHE B 62 -0.49 -28.55 -29.80
C PHE B 62 -1.53 -28.41 -28.71
N THR B 63 -1.29 -27.49 -27.79
CA THR B 63 -2.35 -26.96 -26.96
C THR B 63 -2.72 -25.62 -27.56
N TYR B 64 -3.84 -25.09 -27.11
CA TYR B 64 -4.14 -23.69 -27.36
C TYR B 64 -4.14 -22.96 -26.01
N GLN B 65 -3.27 -21.95 -25.91
CA GLN B 65 -2.97 -21.28 -24.62
C GLN B 65 -3.89 -20.10 -24.34
N GLY B 66 -4.12 -19.85 -23.05
CA GLY B 66 -4.87 -18.67 -22.59
C GLY B 66 -6.00 -18.22 -23.53
N ASP B 67 -5.86 -17.02 -24.09
CA ASP B 67 -6.91 -16.39 -24.93
C ASP B 67 -6.95 -16.91 -26.39
N ALA B 68 -5.96 -17.73 -26.78
CA ALA B 68 -5.94 -18.37 -28.09
C ALA B 68 -7.18 -19.25 -28.26
N LEU B 69 -7.74 -19.24 -29.48
CA LEU B 69 -9.00 -19.94 -29.76
C LEU B 69 -8.70 -21.27 -30.41
N LYS B 70 -9.50 -22.29 -30.07
CA LYS B 70 -9.36 -23.62 -30.67
C LYS B 70 -9.35 -23.51 -32.18
N LYS B 71 -10.33 -22.78 -32.72
CA LYS B 71 -10.46 -22.59 -34.17
C LYS B 71 -9.26 -21.87 -34.84
N ARG B 72 -8.41 -21.22 -34.04
CA ARG B 72 -7.23 -20.51 -34.56
C ARG B 72 -5.99 -21.41 -34.58
N VAL B 73 -5.88 -22.27 -33.57
CA VAL B 73 -4.76 -23.19 -33.48
C VAL B 73 -5.04 -24.43 -34.35
N GLU B 74 -6.33 -24.73 -34.58
CA GLU B 74 -6.73 -25.89 -35.37
C GLU B 74 -6.07 -25.94 -36.76
N PRO B 75 -6.15 -24.84 -37.53
CA PRO B 75 -5.55 -24.84 -38.87
C PRO B 75 -4.02 -24.90 -38.89
N LEU B 76 -3.40 -24.48 -37.79
CA LEU B 76 -1.96 -24.61 -37.63
C LEU B 76 -1.65 -26.06 -37.31
N ALA B 77 -2.36 -26.63 -36.37
CA ALA B 77 -2.24 -28.05 -36.06
C ALA B 77 -2.36 -28.85 -37.36
N GLU B 78 -3.42 -28.56 -38.12
CA GLU B 78 -3.74 -29.34 -39.30
C GLU B 78 -2.65 -29.21 -40.38
N GLU B 79 -1.99 -28.07 -40.44
CA GLU B 79 -0.88 -27.89 -41.38
C GLU B 79 0.27 -28.86 -41.10
N LEU B 80 0.42 -29.30 -39.85
CA LEU B 80 1.46 -30.25 -39.46
C LEU B 80 0.91 -31.61 -38.99
N GLY B 81 -0.35 -31.90 -39.30
CA GLY B 81 -1.07 -33.09 -38.81
C GLY B 81 -0.90 -33.26 -37.30
N ALA B 82 -0.96 -32.13 -36.61
CA ALA B 82 -0.85 -32.12 -35.17
C ALA B 82 -2.23 -32.42 -34.57
N PHE B 83 -2.18 -33.12 -33.45
CA PHE B 83 -3.33 -33.42 -32.62
C PHE B 83 -3.47 -32.26 -31.63
N VAL B 84 -4.64 -31.62 -31.59
CA VAL B 84 -4.88 -30.58 -30.61
C VAL B 84 -5.20 -31.25 -29.28
N ALA B 85 -4.30 -31.10 -28.31
CA ALA B 85 -4.42 -31.77 -27.02
C ALA B 85 -5.34 -31.03 -26.04
N GLY B 86 -5.84 -29.87 -26.43
CA GLY B 86 -6.79 -29.13 -25.60
C GLY B 86 -6.29 -27.77 -25.15
N HIS B 87 -7.19 -27.04 -24.50
CA HIS B 87 -6.87 -25.75 -23.91
C HIS B 87 -5.95 -26.00 -22.73
N CYS B 88 -5.00 -25.10 -22.55
CA CYS B 88 -4.14 -25.12 -21.39
C CYS B 88 -4.00 -23.70 -20.89
N ASP B 89 -4.30 -23.48 -19.62
CA ASP B 89 -3.94 -22.27 -18.91
C ASP B 89 -2.93 -22.72 -17.88
N VAL B 90 -1.73 -22.15 -17.96
CA VAL B 90 -0.65 -22.60 -17.10
C VAL B 90 -0.84 -22.14 -15.64
N ALA B 91 -1.76 -21.19 -15.42
CA ALA B 91 -2.19 -20.77 -14.07
C ALA B 91 -3.27 -21.66 -13.40
N ASP B 92 -3.69 -22.73 -14.08
CA ASP B 92 -4.72 -23.65 -13.58
C ASP B 92 -4.15 -25.06 -13.59
N ALA B 93 -3.79 -25.57 -12.42
CA ALA B 93 -3.09 -26.85 -12.34
C ALA B 93 -3.88 -27.96 -13.02
N ALA B 94 -5.21 -27.95 -12.82
CA ALA B 94 -6.08 -28.96 -13.40
C ALA B 94 -6.02 -28.92 -14.93
N SER B 95 -5.80 -27.73 -15.49
CA SER B 95 -5.67 -27.57 -16.94
C SER B 95 -4.46 -28.33 -17.49
N ILE B 96 -3.33 -28.23 -16.80
CA ILE B 96 -2.10 -28.92 -17.21
C ILE B 96 -2.33 -30.42 -17.12
N ASP B 97 -2.97 -30.87 -16.04
CA ASP B 97 -3.26 -32.29 -15.87
C ASP B 97 -4.13 -32.85 -17.00
N ALA B 98 -5.17 -32.12 -17.36
CA ALA B 98 -6.07 -32.53 -18.44
C ALA B 98 -5.30 -32.80 -19.74
N VAL B 99 -4.49 -31.82 -20.16
CA VAL B 99 -3.65 -31.97 -21.35
C VAL B 99 -2.85 -33.26 -21.31
N PHE B 100 -2.20 -33.49 -20.19
CA PHE B 100 -1.32 -34.63 -20.05
C PHE B 100 -2.06 -35.95 -19.85
N GLU B 101 -3.26 -35.91 -19.25
CA GLU B 101 -4.18 -37.05 -19.28
C GLU B 101 -4.59 -37.36 -20.74
N THR B 102 -5.02 -36.33 -21.46
CA THR B 102 -5.37 -36.49 -22.87
C THR B 102 -4.25 -37.18 -23.65
N LEU B 103 -3.04 -36.62 -23.61
CA LEU B 103 -1.90 -37.22 -24.33
C LEU B 103 -1.57 -38.61 -23.80
N GLU B 104 -1.80 -38.80 -22.50
CA GLU B 104 -1.60 -40.08 -21.82
C GLU B 104 -2.54 -41.15 -22.36
N LYS B 105 -3.77 -40.77 -22.69
CA LYS B 105 -4.72 -41.64 -23.36
C LYS B 105 -4.27 -41.92 -24.79
N LYS B 106 -4.06 -40.85 -25.56
CA LYS B 106 -3.80 -40.96 -26.99
C LYS B 106 -2.47 -41.66 -27.29
N TRP B 107 -1.39 -41.20 -26.67
CA TRP B 107 -0.05 -41.73 -26.92
C TRP B 107 0.52 -42.63 -25.85
N GLY B 108 0.20 -42.35 -24.59
CA GLY B 108 0.75 -43.12 -23.47
C GLY B 108 2.23 -42.95 -23.24
N LYS B 109 2.88 -42.11 -24.04
CA LYS B 109 4.33 -41.93 -23.98
C LYS B 109 4.67 -40.65 -24.74
N LEU B 110 5.54 -39.83 -24.15
CA LEU B 110 5.94 -38.56 -24.74
C LEU B 110 7.46 -38.55 -24.89
N ASP B 111 7.95 -38.12 -26.05
CA ASP B 111 9.39 -38.05 -26.33
C ASP B 111 9.97 -36.65 -26.08
N PHE B 112 9.16 -35.60 -26.30
CA PHE B 112 9.62 -34.24 -26.06
C PHE B 112 8.52 -33.24 -25.75
N LEU B 113 8.94 -32.10 -25.22
CA LEU B 113 8.05 -31.00 -24.86
C LEU B 113 8.73 -29.66 -25.19
N VAL B 114 8.05 -28.84 -25.96
CA VAL B 114 8.56 -27.51 -26.27
C VAL B 114 7.71 -26.53 -25.46
N HIS B 115 8.36 -25.80 -24.56
CA HIS B 115 7.71 -24.82 -23.71
C HIS B 115 8.00 -23.43 -24.22
N ALA B 116 7.03 -22.85 -24.91
CA ALA B 116 7.16 -21.54 -25.54
C ALA B 116 6.14 -20.55 -24.97
N ILE B 117 5.92 -20.63 -23.66
CA ILE B 117 4.98 -19.77 -22.97
C ILE B 117 5.71 -18.64 -22.28
N GLY B 118 5.09 -17.48 -22.27
CA GLY B 118 5.66 -16.31 -21.65
C GLY B 118 4.67 -15.17 -21.73
N PHE B 119 4.62 -14.40 -20.65
CA PHE B 119 3.76 -13.23 -20.59
C PHE B 119 4.35 -12.23 -19.63
N SER B 120 4.21 -10.96 -20.00
CA SER B 120 4.49 -9.86 -19.11
C SER B 120 3.62 -8.70 -19.59
N ASP B 121 3.14 -7.87 -18.67
CA ASP B 121 2.31 -6.75 -19.08
C ASP B 121 3.06 -5.89 -20.09
N LYS B 122 2.41 -5.66 -21.22
CA LYS B 122 2.97 -4.91 -22.33
C LYS B 122 3.39 -3.50 -21.94
N ASP B 123 2.58 -2.81 -21.14
CA ASP B 123 2.83 -1.41 -20.81
C ASP B 123 3.99 -1.20 -19.83
N GLU B 124 4.18 -2.14 -18.92
CA GLU B 124 5.30 -2.05 -17.99
C GLU B 124 6.67 -2.37 -18.63
N LEU B 125 6.66 -3.05 -19.78
CA LEU B 125 7.91 -3.29 -20.55
C LEU B 125 8.54 -1.98 -21.05
N THR B 126 7.70 -0.99 -21.30
CA THR B 126 8.16 0.32 -21.75
C THR B 126 8.63 1.18 -20.58
N GLY B 127 8.14 0.88 -19.38
CA GLY B 127 8.54 1.63 -18.20
C GLY B 127 9.94 1.28 -17.71
N ARG B 128 10.24 1.78 -16.51
CA ARG B 128 11.45 1.39 -15.81
C ARG B 128 11.15 0.08 -15.10
N TYR B 129 12.12 -0.83 -15.08
CA TYR B 129 11.97 -2.08 -14.31
C TYR B 129 11.49 -1.80 -12.89
N ILE B 130 12.11 -0.84 -12.22
CA ILE B 130 11.81 -0.54 -10.83
C ILE B 130 10.34 -0.17 -10.59
N ASP B 131 9.64 0.29 -11.64
CA ASP B 131 8.22 0.61 -11.52
C ASP B 131 7.33 -0.60 -11.68
N THR B 132 7.91 -1.79 -11.76
CA THR B 132 7.14 -3.00 -11.96
C THR B 132 6.17 -3.17 -10.81
N SER B 133 4.90 -3.39 -11.17
CA SER B 133 3.85 -3.62 -10.19
C SER B 133 3.94 -5.05 -9.73
N GLU B 134 3.44 -5.30 -8.52
CA GLU B 134 3.47 -6.61 -7.91
C GLU B 134 2.67 -7.64 -8.70
N ALA B 135 1.49 -7.24 -9.18
CA ALA B 135 0.64 -8.16 -9.94
C ALA B 135 1.30 -8.59 -11.27
N ASN B 136 2.04 -7.69 -11.91
CA ASN B 136 2.77 -8.05 -13.13
C ASN B 136 3.96 -8.97 -12.82
N PHE B 137 4.72 -8.62 -11.77
CA PHE B 137 5.83 -9.48 -11.33
C PHE B 137 5.31 -10.90 -11.18
N THR B 138 4.34 -11.06 -10.30
CA THR B 138 3.81 -12.38 -9.95
C THR B 138 3.25 -13.16 -11.13
N ASN B 139 2.50 -12.47 -11.99
CA ASN B 139 1.88 -13.11 -13.13
C ASN B 139 2.91 -13.52 -14.18
N THR B 140 3.85 -12.62 -14.47
CA THR B 140 4.95 -12.93 -15.39
C THR B 140 5.70 -14.16 -14.92
N MET B 141 6.05 -14.17 -13.63
CA MET B 141 6.77 -15.28 -13.03
C MET B 141 5.97 -16.55 -13.12
N LEU B 142 4.68 -16.48 -12.82
CA LEU B 142 3.83 -17.68 -12.83
C LEU B 142 3.75 -18.26 -14.24
N ILE B 143 3.44 -17.40 -15.21
CA ILE B 143 3.21 -17.85 -16.57
C ILE B 143 4.51 -18.17 -17.31
N SER B 144 5.54 -17.36 -17.10
CA SER B 144 6.78 -17.50 -17.85
C SER B 144 7.79 -18.46 -17.24
N VAL B 145 7.74 -18.66 -15.92
CA VAL B 145 8.74 -19.46 -15.21
C VAL B 145 8.14 -20.73 -14.60
N TYR B 146 7.21 -20.57 -13.65
CA TYR B 146 6.59 -21.73 -13.00
C TYR B 146 5.98 -22.71 -13.99
N SER B 147 5.41 -22.19 -15.07
CA SER B 147 4.76 -23.05 -16.08
C SER B 147 5.62 -24.19 -16.59
N LEU B 148 6.91 -23.93 -16.78
CA LEU B 148 7.82 -24.96 -17.26
C LEU B 148 8.04 -26.03 -16.19
N THR B 149 8.10 -25.60 -14.94
CA THR B 149 8.27 -26.56 -13.85
C THR B 149 6.99 -27.36 -13.70
N ALA B 150 5.86 -26.68 -13.84
CA ALA B 150 4.57 -27.33 -13.73
C ALA B 150 4.38 -28.35 -14.87
N VAL B 151 4.71 -27.96 -16.11
CA VAL B 151 4.49 -28.86 -17.23
C VAL B 151 5.53 -29.97 -17.26
N SER B 152 6.75 -29.70 -16.83
CA SER B 152 7.77 -30.75 -16.73
C SER B 152 7.38 -31.79 -15.69
N ARG B 153 6.74 -31.36 -14.61
CA ARG B 153 6.28 -32.28 -13.58
C ARG B 153 5.31 -33.31 -14.19
N ARG B 154 4.34 -32.85 -14.97
CA ARG B 154 3.43 -33.80 -15.66
C ARG B 154 4.14 -34.56 -16.75
N ALA B 155 5.05 -33.91 -17.46
CA ALA B 155 5.73 -34.52 -18.60
C ALA B 155 6.67 -35.66 -18.17
N GLU B 156 7.25 -35.50 -16.99
CA GLU B 156 8.07 -36.54 -16.43
C GLU B 156 7.39 -37.90 -16.46
N LYS B 157 6.13 -37.93 -16.06
CA LYS B 157 5.39 -39.19 -15.91
C LYS B 157 5.19 -39.93 -17.24
N LEU B 158 5.19 -39.19 -18.35
CA LEU B 158 5.02 -39.72 -19.69
C LEU B 158 6.38 -40.03 -20.38
N MET B 159 7.48 -39.65 -19.73
CA MET B 159 8.82 -39.76 -20.32
C MET B 159 9.69 -40.74 -19.54
N ALA B 160 9.11 -41.87 -19.12
CA ALA B 160 9.86 -42.89 -18.36
C ALA B 160 11.09 -43.39 -19.13
N ASP B 161 10.93 -43.54 -20.44
CA ASP B 161 12.06 -43.84 -21.34
C ASP B 161 12.90 -42.59 -21.71
N GLY B 162 12.71 -41.50 -20.98
CA GLY B 162 13.45 -40.27 -21.22
C GLY B 162 12.86 -39.44 -22.33
N GLY B 163 13.55 -38.33 -22.62
CA GLY B 163 13.08 -37.36 -23.62
C GLY B 163 13.77 -36.01 -23.51
N SER B 164 13.23 -35.02 -24.19
CA SER B 164 13.83 -33.70 -24.25
C SER B 164 12.80 -32.62 -23.95
N ILE B 165 13.12 -31.76 -22.97
CA ILE B 165 12.29 -30.62 -22.63
C ILE B 165 13.03 -29.36 -23.04
N LEU B 166 12.34 -28.49 -23.79
CA LEU B 166 12.95 -27.33 -24.42
C LEU B 166 12.16 -26.11 -24.05
N THR B 167 12.85 -25.07 -23.62
CA THR B 167 12.22 -23.79 -23.38
C THR B 167 12.98 -22.70 -24.13
N LEU B 168 12.50 -21.46 -24.02
CA LEU B 168 12.99 -20.34 -24.79
C LEU B 168 13.33 -19.20 -23.84
N THR B 169 14.48 -18.58 -24.06
CA THR B 169 14.91 -17.48 -23.24
C THR B 169 15.54 -16.42 -24.14
N TYR B 170 16.14 -15.41 -23.52
CA TYR B 170 16.62 -14.24 -24.20
C TYR B 170 17.73 -13.63 -23.38
N TYR B 171 18.72 -13.07 -24.06
CA TYR B 171 19.92 -12.50 -23.44
C TYR B 171 19.63 -11.48 -22.33
N GLY B 172 18.45 -10.88 -22.39
CA GLY B 172 17.93 -10.03 -21.30
C GLY B 172 17.98 -10.67 -19.93
N ALA B 173 18.06 -12.01 -19.88
CA ALA B 173 18.21 -12.73 -18.63
C ALA B 173 19.61 -12.64 -18.06
N GLU B 174 20.60 -12.35 -18.91
CA GLU B 174 21.99 -12.33 -18.52
C GLU B 174 22.48 -10.89 -18.37
N LYS B 175 22.15 -10.06 -19.34
CA LYS B 175 22.48 -8.65 -19.31
C LYS B 175 21.20 -7.83 -19.37
N VAL B 176 21.28 -6.60 -18.86
CA VAL B 176 20.17 -5.66 -19.00
C VAL B 176 19.98 -5.31 -20.46
N MET B 177 18.77 -5.53 -20.97
CA MET B 177 18.42 -5.20 -22.36
C MET B 177 17.21 -4.33 -22.32
N PRO B 178 16.99 -3.52 -23.38
CA PRO B 178 15.86 -2.59 -23.33
C PRO B 178 14.52 -3.27 -23.49
N ASN B 179 13.47 -2.58 -23.04
CA ASN B 179 12.09 -3.05 -23.22
C ASN B 179 11.90 -4.50 -22.79
N TYR B 180 12.48 -4.85 -21.64
CA TYR B 180 12.40 -6.21 -21.13
C TYR B 180 12.14 -6.26 -19.63
N ASN B 181 12.75 -5.34 -18.89
CA ASN B 181 12.45 -5.16 -17.47
C ASN B 181 12.20 -6.49 -16.75
N VAL B 182 11.00 -6.72 -16.24
CA VAL B 182 10.75 -7.86 -15.38
C VAL B 182 10.75 -9.17 -16.15
N MET B 183 10.64 -9.13 -17.48
CA MET B 183 10.79 -10.35 -18.25
C MET B 183 12.24 -10.79 -18.18
N GLY B 184 13.17 -9.85 -18.03
CA GLY B 184 14.57 -10.21 -17.87
C GLY B 184 14.76 -10.97 -16.57
N VAL B 185 14.18 -10.42 -15.51
CA VAL B 185 14.25 -11.02 -14.20
C VAL B 185 13.65 -12.42 -14.26
N ALA B 186 12.54 -12.54 -14.99
CA ALA B 186 11.82 -13.80 -15.12
C ALA B 186 12.63 -14.83 -15.91
N LYS B 187 13.18 -14.43 -17.04
CA LYS B 187 13.99 -15.33 -17.83
C LYS B 187 15.23 -15.80 -17.06
N ALA B 188 15.79 -14.95 -16.21
CA ALA B 188 16.89 -15.34 -15.37
C ALA B 188 16.46 -16.51 -14.51
N ALA B 189 15.31 -16.37 -13.85
CA ALA B 189 14.74 -17.43 -13.03
C ALA B 189 14.47 -18.68 -13.83
N LEU B 190 13.97 -18.50 -15.04
CA LEU B 190 13.70 -19.61 -15.94
C LEU B 190 14.98 -20.34 -16.26
N GLU B 191 16.04 -19.60 -16.56
CA GLU B 191 17.33 -20.24 -16.85
C GLU B 191 17.82 -21.03 -15.63
N ALA B 192 17.65 -20.47 -14.42
CA ALA B 192 18.04 -21.18 -13.23
C ALA B 192 17.22 -22.46 -13.09
N SER B 193 15.92 -22.36 -13.41
CA SER B 193 15.01 -23.48 -13.27
C SER B 193 15.35 -24.60 -14.22
N VAL B 194 15.84 -24.26 -15.42
CA VAL B 194 16.31 -25.28 -16.36
C VAL B 194 17.39 -26.16 -15.73
N LYS B 195 18.29 -25.52 -15.00
CA LYS B 195 19.39 -26.23 -14.33
C LYS B 195 18.89 -27.17 -13.23
N TYR B 196 17.98 -26.69 -12.40
CA TYR B 196 17.44 -27.49 -11.31
C TYR B 196 16.59 -28.63 -11.88
N LEU B 197 15.73 -28.30 -12.84
CA LEU B 197 14.91 -29.29 -13.52
C LEU B 197 15.78 -30.37 -14.12
N ALA B 198 16.89 -29.94 -14.75
CA ALA B 198 17.79 -30.88 -15.41
C ALA B 198 18.40 -31.86 -14.41
N VAL B 199 18.71 -31.37 -13.20
CA VAL B 199 19.25 -32.23 -12.14
C VAL B 199 18.18 -33.25 -11.70
N ASP B 200 16.93 -32.82 -11.52
CA ASP B 200 15.84 -33.72 -11.14
C ASP B 200 15.51 -34.77 -12.18
N LEU B 201 15.57 -34.40 -13.46
CA LEU B 201 15.06 -35.27 -14.52
C LEU B 201 16.16 -36.04 -15.27
N GLY B 202 17.40 -35.65 -15.06
CA GLY B 202 18.53 -36.28 -15.72
C GLY B 202 18.61 -37.78 -15.49
N PRO B 203 18.46 -38.21 -14.23
CA PRO B 203 18.52 -39.64 -13.91
C PRO B 203 17.53 -40.49 -14.71
N GLN B 204 16.40 -39.92 -15.10
CA GLN B 204 15.45 -40.65 -15.94
C GLN B 204 15.72 -40.43 -17.41
N ASN B 205 16.94 -39.99 -17.73
CA ASN B 205 17.33 -39.71 -19.09
C ASN B 205 16.49 -38.63 -19.78
N ILE B 206 15.96 -37.68 -19.01
CA ILE B 206 15.20 -36.57 -19.55
C ILE B 206 16.06 -35.32 -19.52
N ARG B 207 16.25 -34.69 -20.69
CA ARG B 207 17.05 -33.48 -20.82
C ARG B 207 16.18 -32.23 -20.76
N VAL B 208 16.73 -31.15 -20.24
CA VAL B 208 16.04 -29.86 -20.16
C VAL B 208 17.00 -28.76 -20.59
N ASN B 209 16.60 -28.00 -21.60
CA ASN B 209 17.46 -27.00 -22.17
C ASN B 209 16.66 -25.79 -22.54
N ALA B 210 17.37 -24.69 -22.79
CA ALA B 210 16.78 -23.44 -23.18
C ALA B 210 17.54 -22.92 -24.41
N ILE B 211 16.81 -22.40 -25.38
CA ILE B 211 17.39 -21.62 -26.48
C ILE B 211 17.29 -20.13 -26.13
N SER B 212 18.43 -19.45 -26.08
CA SER B 212 18.46 -18.00 -25.94
C SER B 212 18.45 -17.41 -27.34
N ALA B 213 17.25 -17.06 -27.79
CA ALA B 213 17.00 -16.62 -29.14
C ALA B 213 17.31 -15.16 -29.22
N GLY B 214 17.79 -14.72 -30.39
CA GLY B 214 17.92 -13.31 -30.66
C GLY B 214 16.55 -12.76 -31.03
N PRO B 215 16.44 -11.43 -31.15
CA PRO B 215 15.20 -10.87 -31.59
C PRO B 215 14.93 -11.28 -33.04
N ILE B 216 13.67 -11.47 -33.39
CA ILE B 216 13.29 -11.90 -34.73
C ILE B 216 12.41 -10.84 -35.40
N LYS B 217 12.77 -10.47 -36.62
CA LYS B 217 11.95 -9.53 -37.41
C LYS B 217 10.61 -10.18 -37.68
N THR B 218 9.55 -9.44 -37.46
CA THR B 218 8.22 -9.94 -37.79
C THR B 218 7.65 -9.15 -38.97
N LEU B 219 6.86 -9.84 -39.79
CA LEU B 219 6.13 -9.20 -40.88
C LEU B 219 4.83 -8.58 -40.39
N ALA B 220 4.25 -9.14 -39.33
CA ALA B 220 2.99 -8.65 -38.77
C ALA B 220 3.07 -7.22 -38.23
N ALA B 221 1.93 -6.75 -37.71
CA ALA B 221 1.78 -5.36 -37.25
C ALA B 221 2.79 -5.02 -36.15
N SER B 222 3.21 -3.76 -36.13
CA SER B 222 4.28 -3.28 -35.25
C SER B 222 3.73 -2.51 -34.05
N GLY B 225 6.44 -0.31 -28.79
CA GLY B 225 7.80 -0.66 -28.37
C GLY B 225 8.88 -0.02 -29.24
N ASP B 226 10.14 -0.23 -28.83
CA ASP B 226 11.33 0.22 -29.57
C ASP B 226 12.02 -0.99 -30.24
N PHE B 227 11.21 -1.90 -30.77
CA PHE B 227 11.69 -3.16 -31.33
C PHE B 227 12.55 -2.97 -32.60
N ARG B 228 12.14 -2.08 -33.49
CA ARG B 228 12.90 -1.82 -34.72
C ARG B 228 14.36 -1.49 -34.39
N TYR B 229 14.56 -0.65 -33.38
CA TYR B 229 15.90 -0.26 -32.95
C TYR B 229 16.70 -1.47 -32.46
N ILE B 230 16.05 -2.33 -31.68
CA ILE B 230 16.66 -3.56 -31.16
C ILE B 230 17.09 -4.51 -32.28
N LEU B 231 16.20 -4.71 -33.26
CA LEU B 231 16.54 -5.51 -34.43
C LEU B 231 17.74 -4.93 -35.19
N LYS B 232 17.67 -3.63 -35.48
CA LYS B 232 18.73 -2.96 -36.25
C LYS B 232 20.06 -3.07 -35.54
N TRP B 233 20.02 -2.97 -34.22
CA TRP B 233 21.21 -3.03 -33.41
C TRP B 233 21.87 -4.42 -33.52
N ASN B 234 21.06 -5.46 -33.43
CA ASN B 234 21.56 -6.83 -33.59
C ASN B 234 22.11 -7.03 -34.99
N GLU B 235 21.35 -6.56 -35.97
CA GLU B 235 21.76 -6.63 -37.35
C GLU B 235 23.13 -6.04 -37.57
N TYR B 236 23.41 -4.91 -36.95
CA TYR B 236 24.65 -4.18 -37.21
C TYR B 236 25.80 -4.65 -36.33
N ASN B 237 25.50 -5.23 -35.17
CA ASN B 237 26.52 -5.56 -34.17
C ASN B 237 26.77 -7.04 -33.90
N ALA B 238 25.77 -7.88 -34.14
CA ALA B 238 25.95 -9.31 -33.98
C ALA B 238 26.98 -9.79 -35.00
N PRO B 239 27.93 -10.62 -34.55
CA PRO B 239 28.94 -11.16 -35.45
C PRO B 239 28.44 -11.50 -36.87
N LEU B 240 27.28 -12.15 -36.99
CA LEU B 240 26.81 -12.61 -38.32
C LEU B 240 26.01 -11.56 -39.11
N ARG B 241 25.88 -10.35 -38.55
CA ARG B 241 25.31 -9.18 -39.23
C ARG B 241 23.88 -9.37 -39.71
N ARG B 242 23.12 -10.15 -38.97
CA ARG B 242 21.73 -10.42 -39.32
C ARG B 242 20.97 -10.86 -38.09
N THR B 243 19.66 -10.63 -38.09
CA THR B 243 18.84 -11.15 -37.01
C THR B 243 18.40 -12.56 -37.36
N VAL B 244 18.20 -13.38 -36.33
CA VAL B 244 17.80 -14.77 -36.53
C VAL B 244 16.36 -14.81 -37.03
N THR B 245 15.98 -15.96 -37.58
CA THR B 245 14.63 -16.19 -38.07
C THR B 245 14.07 -17.45 -37.40
N ILE B 246 12.76 -17.64 -37.50
CA ILE B 246 12.12 -18.75 -36.78
C ILE B 246 12.51 -20.09 -37.36
N ASP B 247 12.89 -20.10 -38.64
CA ASP B 247 13.39 -21.32 -39.27
C ASP B 247 14.78 -21.65 -38.74
N GLU B 248 15.59 -20.62 -38.48
CA GLU B 248 16.92 -20.82 -37.89
C GLU B 248 16.83 -21.32 -36.45
N VAL B 249 15.98 -20.70 -35.64
CA VAL B 249 15.78 -21.14 -34.25
C VAL B 249 15.04 -22.47 -34.27
N GLY B 250 14.08 -22.61 -35.17
CA GLY B 250 13.40 -23.88 -35.40
C GLY B 250 14.37 -25.02 -35.50
N ASP B 251 15.45 -24.83 -36.27
CA ASP B 251 16.48 -25.86 -36.45
C ASP B 251 17.38 -26.08 -35.22
N VAL B 252 17.65 -25.03 -34.44
CA VAL B 252 18.34 -25.20 -33.18
C VAL B 252 17.46 -26.02 -32.25
N GLY B 253 16.17 -25.69 -32.22
CA GLY B 253 15.18 -26.50 -31.51
C GLY B 253 15.18 -27.96 -31.96
N LEU B 254 15.20 -28.18 -33.27
CA LEU B 254 15.29 -29.54 -33.83
C LEU B 254 16.44 -30.28 -33.18
N TYR B 255 17.62 -29.68 -33.17
CA TYR B 255 18.81 -30.29 -32.53
C TYR B 255 18.54 -30.70 -31.07
N PHE B 256 17.93 -29.81 -30.30
CA PHE B 256 17.65 -30.14 -28.92
C PHE B 256 16.62 -31.24 -28.73
N LEU B 257 15.68 -31.35 -29.65
CA LEU B 257 14.67 -32.41 -29.57
C LEU B 257 15.25 -33.74 -30.08
N SER B 258 16.21 -33.63 -31.00
CA SER B 258 16.85 -34.80 -31.54
C SER B 258 17.81 -35.45 -30.55
N ASP B 259 18.16 -36.71 -30.85
CA ASP B 259 19.23 -37.43 -30.18
C ASP B 259 20.65 -36.91 -30.50
N LEU B 260 20.80 -35.90 -31.35
CA LEU B 260 22.11 -35.30 -31.55
C LEU B 260 22.59 -34.66 -30.27
N SER B 261 21.65 -34.21 -29.45
CA SER B 261 21.92 -33.44 -28.26
C SER B 261 21.71 -34.25 -26.99
N ARG B 262 21.86 -35.58 -27.05
CA ARG B 262 21.59 -36.41 -25.90
C ARG B 262 22.61 -36.30 -24.77
N SER B 263 23.78 -35.72 -25.06
CA SER B 263 24.80 -35.44 -24.04
C SER B 263 24.58 -34.09 -23.37
N VAL B 264 23.64 -33.32 -23.90
CA VAL B 264 23.45 -31.94 -23.50
C VAL B 264 22.21 -31.76 -22.63
N THR B 265 22.41 -31.26 -21.41
CA THR B 265 21.29 -30.88 -20.56
C THR B 265 21.71 -29.77 -19.63
N GLY B 266 20.75 -28.98 -19.15
CA GLY B 266 21.04 -27.82 -18.28
C GLY B 266 21.59 -26.59 -18.99
N GLU B 267 21.48 -26.56 -20.30
CA GLU B 267 22.19 -25.61 -21.13
C GLU B 267 21.30 -24.47 -21.56
N VAL B 268 21.85 -23.26 -21.51
CA VAL B 268 21.29 -22.10 -22.20
C VAL B 268 22.13 -21.89 -23.44
N HIS B 269 21.48 -21.94 -24.60
CA HIS B 269 22.19 -22.01 -25.84
C HIS B 269 21.75 -20.87 -26.72
N HIS B 270 22.69 -20.07 -27.19
CA HIS B 270 22.38 -18.85 -27.92
C HIS B 270 22.23 -19.10 -29.40
N ALA B 271 21.02 -18.88 -29.90
CA ALA B 271 20.74 -18.84 -31.32
C ALA B 271 20.44 -17.38 -31.66
N ASP B 272 21.51 -16.60 -31.80
CA ASP B 272 21.39 -15.14 -31.81
C ASP B 272 22.43 -14.48 -32.71
N SER B 273 22.88 -15.19 -33.75
CA SER B 273 23.86 -14.64 -34.68
C SER B 273 25.12 -14.19 -33.94
N GLY B 274 25.35 -14.77 -32.76
CA GLY B 274 26.51 -14.47 -31.93
C GLY B 274 26.45 -13.22 -31.09
N TYR B 275 25.30 -12.54 -31.07
CA TYR B 275 25.22 -11.26 -30.40
C TYR B 275 25.72 -11.32 -28.97
N HIS B 276 25.52 -12.45 -28.31
CA HIS B 276 25.82 -12.55 -26.86
C HIS B 276 27.28 -12.27 -26.48
N VAL B 277 28.20 -12.39 -27.43
CA VAL B 277 29.62 -12.20 -27.15
C VAL B 277 30.06 -10.76 -27.25
N ILE B 278 29.18 -9.87 -27.70
CA ILE B 278 29.55 -8.47 -27.90
C ILE B 278 29.51 -7.69 -26.60
N GLY B 279 30.64 -7.09 -26.23
CA GLY B 279 30.73 -6.31 -25.01
C GLY B 279 30.33 -4.87 -25.23
N MET B 280 30.48 -4.40 -26.46
CA MET B 280 30.24 -3.01 -26.82
C MET B 280 29.83 -2.94 -28.29
N GLY C 27 21.30 -35.85 -46.15
CA GLY C 27 22.49 -35.89 -45.24
C GLY C 27 22.90 -34.47 -44.89
N LEU C 28 23.18 -34.22 -43.61
CA LEU C 28 23.33 -32.85 -43.11
C LEU C 28 24.58 -32.12 -43.62
N LEU C 29 25.62 -32.87 -43.97
CA LEU C 29 26.82 -32.27 -44.56
C LEU C 29 27.01 -32.70 -46.01
N GLN C 30 25.93 -33.14 -46.66
CA GLN C 30 26.02 -33.51 -48.07
C GLN C 30 26.61 -32.32 -48.82
N GLY C 31 27.65 -32.56 -49.60
CA GLY C 31 28.31 -31.51 -50.37
C GLY C 31 29.34 -30.67 -49.62
N LYS C 32 29.54 -30.93 -48.33
CA LYS C 32 30.47 -30.14 -47.54
C LYS C 32 31.81 -30.80 -47.44
N ARG C 33 32.85 -29.98 -47.37
CA ARG C 33 34.23 -30.44 -47.32
C ARG C 33 34.87 -29.81 -46.11
N GLY C 34 35.57 -30.61 -45.30
CA GLY C 34 36.17 -30.09 -44.10
C GLY C 34 37.46 -30.73 -43.67
N LEU C 35 38.22 -29.99 -42.88
CA LEU C 35 39.50 -30.45 -42.35
C LEU C 35 39.38 -30.73 -40.86
N ILE C 36 39.83 -31.90 -40.44
CA ILE C 36 39.84 -32.29 -39.04
C ILE C 36 41.30 -32.36 -38.59
N LEU C 37 41.70 -31.44 -37.73
CA LEU C 37 43.02 -31.44 -37.11
C LEU C 37 42.96 -32.21 -35.80
N GLY C 38 43.86 -33.17 -35.61
CA GLY C 38 44.00 -33.86 -34.32
C GLY C 38 43.47 -35.28 -34.20
N VAL C 39 43.19 -35.91 -35.33
CA VAL C 39 42.84 -37.32 -35.36
C VAL C 39 44.12 -38.15 -35.34
N ALA C 40 44.38 -38.81 -34.22
CA ALA C 40 45.56 -39.64 -34.02
C ALA C 40 45.21 -41.09 -33.67
N ASN C 41 43.93 -41.36 -33.40
CA ASN C 41 43.43 -42.70 -33.11
C ASN C 41 41.92 -42.79 -33.34
N ASN C 42 41.32 -43.94 -33.04
CA ASN C 42 39.88 -44.13 -33.24
C ASN C 42 39.09 -44.02 -31.93
N ARG C 43 39.74 -43.47 -30.90
CA ARG C 43 39.16 -43.36 -29.56
C ARG C 43 39.02 -41.90 -29.10
N SER C 44 39.15 -40.94 -30.01
CA SER C 44 39.18 -39.52 -29.64
C SER C 44 37.89 -38.82 -30.06
N ILE C 45 37.66 -37.65 -29.51
CA ILE C 45 36.52 -36.82 -29.88
C ILE C 45 36.64 -36.38 -31.33
N ALA C 46 37.88 -36.13 -31.76
CA ALA C 46 38.15 -35.73 -33.14
C ALA C 46 37.61 -36.77 -34.12
N TRP C 47 37.87 -38.03 -33.81
CA TRP C 47 37.39 -39.15 -34.62
C TRP C 47 35.90 -39.25 -34.56
N GLY C 48 35.34 -39.05 -33.36
CA GLY C 48 33.90 -39.05 -33.19
C GLY C 48 33.23 -38.04 -34.10
N ILE C 49 33.75 -36.82 -34.09
CA ILE C 49 33.26 -35.77 -34.97
C ILE C 49 33.48 -36.15 -36.43
N ALA C 50 34.66 -36.64 -36.77
CA ALA C 50 34.98 -37.05 -38.14
C ALA C 50 34.01 -38.11 -38.67
N LYS C 51 33.79 -39.15 -37.89
CA LYS C 51 32.90 -40.24 -38.28
C LYS C 51 31.50 -39.70 -38.51
N ALA C 52 30.99 -38.95 -37.54
CA ALA C 52 29.65 -38.38 -37.62
C ALA C 52 29.51 -37.47 -38.83
N ALA C 53 30.54 -36.70 -39.11
CA ALA C 53 30.46 -35.76 -40.20
C ALA C 53 30.46 -36.54 -41.51
N ARG C 54 31.25 -37.62 -41.54
CA ARG C 54 31.33 -38.48 -42.72
C ARG C 54 29.98 -39.16 -42.95
N GLU C 55 29.43 -39.77 -41.93
CA GLU C 55 28.06 -40.31 -41.99
C GLU C 55 27.04 -39.31 -42.53
N ALA C 56 27.21 -38.04 -42.18
CA ALA C 56 26.29 -37.01 -42.64
C ALA C 56 26.60 -36.56 -44.08
N GLY C 57 27.60 -37.17 -44.73
CA GLY C 57 27.90 -36.89 -46.13
C GLY C 57 29.12 -36.02 -46.42
N ALA C 58 29.85 -35.63 -45.38
CA ALA C 58 31.04 -34.78 -45.55
C ALA C 58 32.16 -35.52 -46.28
N GLU C 59 32.91 -34.78 -47.12
CA GLU C 59 34.23 -35.24 -47.57
C GLU C 59 35.20 -34.65 -46.56
N LEU C 60 36.05 -35.48 -45.98
CA LEU C 60 36.96 -35.04 -44.93
C LEU C 60 38.40 -34.93 -45.42
N ALA C 61 39.20 -34.22 -44.61
CA ALA C 61 40.65 -34.14 -44.79
C ALA C 61 41.27 -34.28 -43.41
N PHE C 62 42.20 -35.21 -43.26
CA PHE C 62 42.95 -35.36 -42.02
C PHE C 62 44.39 -34.89 -42.21
N THR C 63 44.93 -34.33 -41.13
CA THR C 63 46.34 -34.10 -40.99
C THR C 63 46.85 -35.14 -40.02
N TYR C 64 48.17 -35.32 -39.97
CA TYR C 64 48.80 -36.14 -38.92
C TYR C 64 49.90 -35.29 -38.28
N GLN C 65 50.15 -35.52 -37.00
CA GLN C 65 51.25 -34.85 -36.28
C GLN C 65 52.48 -35.76 -36.19
N GLY C 66 53.36 -35.64 -37.18
CA GLY C 66 54.66 -36.33 -37.17
C GLY C 66 54.58 -37.75 -37.71
N ASP C 67 55.53 -38.10 -38.59
CA ASP C 67 55.49 -39.36 -39.35
C ASP C 67 55.25 -40.63 -38.51
N ALA C 68 55.52 -40.58 -37.21
CA ALA C 68 55.10 -41.64 -36.28
C ALA C 68 53.59 -41.87 -36.30
N LEU C 69 52.83 -40.77 -36.32
CA LEU C 69 51.37 -40.83 -36.38
C LEU C 69 50.85 -41.19 -37.78
N LYS C 70 51.55 -40.74 -38.82
CA LYS C 70 51.14 -40.98 -40.21
C LYS C 70 50.61 -42.41 -40.42
N LYS C 71 51.33 -43.40 -39.90
CA LYS C 71 51.01 -44.82 -40.09
C LYS C 71 49.71 -45.25 -39.41
N ARG C 72 49.37 -44.58 -38.31
CA ARG C 72 48.10 -44.81 -37.60
C ARG C 72 46.95 -44.00 -38.22
N VAL C 73 47.28 -42.85 -38.80
CA VAL C 73 46.28 -41.93 -39.37
C VAL C 73 45.81 -42.34 -40.76
N GLU C 74 46.70 -42.96 -41.54
CA GLU C 74 46.37 -43.39 -42.91
C GLU C 74 45.16 -44.32 -43.00
N PRO C 75 45.12 -45.39 -42.19
CA PRO C 75 43.99 -46.30 -42.23
C PRO C 75 42.71 -45.65 -41.70
N LEU C 76 42.85 -44.81 -40.68
CA LEU C 76 41.72 -44.06 -40.16
C LEU C 76 41.12 -43.22 -41.27
N ALA C 77 41.98 -42.57 -42.07
CA ALA C 77 41.54 -41.80 -43.21
C ALA C 77 40.82 -42.70 -44.23
N GLU C 78 41.40 -43.87 -44.50
CA GLU C 78 40.80 -44.82 -45.46
C GLU C 78 39.39 -45.21 -45.00
N GLU C 79 39.26 -45.39 -43.69
CA GLU C 79 38.02 -45.84 -43.05
C GLU C 79 36.88 -44.82 -43.19
N LEU C 80 37.20 -43.54 -43.38
CA LEU C 80 36.21 -42.48 -43.61
C LEU C 80 36.39 -41.78 -44.94
N GLY C 81 37.13 -42.40 -45.85
CA GLY C 81 37.31 -41.82 -47.19
C GLY C 81 38.09 -40.51 -47.17
N ALA C 82 38.90 -40.31 -46.13
CA ALA C 82 39.46 -39.00 -45.85
C ALA C 82 40.71 -38.76 -46.69
N PHE C 83 40.78 -37.58 -47.30
CA PHE C 83 42.02 -37.12 -47.90
C PHE C 83 43.06 -36.82 -46.82
N VAL C 84 44.28 -37.36 -46.96
CA VAL C 84 45.35 -36.99 -46.04
C VAL C 84 46.02 -35.74 -46.59
N ALA C 85 45.92 -34.65 -45.83
CA ALA C 85 46.29 -33.31 -46.31
C ALA C 85 47.75 -32.95 -46.08
N GLY C 86 48.45 -33.77 -45.30
CA GLY C 86 49.86 -33.58 -45.07
C GLY C 86 50.23 -33.55 -43.60
N HIS C 87 51.53 -33.41 -43.34
CA HIS C 87 52.05 -33.23 -42.00
C HIS C 87 51.63 -31.87 -41.47
N CYS C 88 51.27 -31.83 -40.20
CA CYS C 88 50.89 -30.56 -39.58
C CYS C 88 51.19 -30.51 -38.08
N ASP C 89 52.32 -29.92 -37.73
CA ASP C 89 52.60 -29.51 -36.35
C ASP C 89 52.23 -28.04 -36.26
N VAL C 90 51.38 -27.73 -35.31
CA VAL C 90 50.81 -26.38 -35.14
C VAL C 90 51.86 -25.36 -34.69
N ALA C 91 52.88 -25.82 -33.96
CA ALA C 91 54.01 -24.95 -33.60
C ALA C 91 54.98 -24.72 -34.78
N ASP C 92 54.53 -25.03 -35.99
CA ASP C 92 55.30 -24.76 -37.20
C ASP C 92 54.38 -24.11 -38.25
N ALA C 93 54.55 -22.82 -38.44
CA ALA C 93 53.73 -22.06 -39.39
C ALA C 93 53.82 -22.57 -40.83
N ALA C 94 54.95 -23.18 -41.18
CA ALA C 94 55.18 -23.71 -42.53
C ALA C 94 54.35 -24.96 -42.79
N SER C 95 54.30 -25.85 -41.78
CA SER C 95 53.43 -27.04 -41.82
C SER C 95 52.01 -26.64 -42.19
N ILE C 96 51.49 -25.66 -41.45
CA ILE C 96 50.11 -25.23 -41.58
C ILE C 96 49.85 -24.65 -42.97
N ASP C 97 50.72 -23.78 -43.45
CA ASP C 97 50.60 -23.23 -44.82
C ASP C 97 50.57 -24.33 -45.89
N ALA C 98 51.45 -25.32 -45.73
CA ALA C 98 51.51 -26.47 -46.64
C ALA C 98 50.15 -27.16 -46.72
N VAL C 99 49.60 -27.49 -45.55
CA VAL C 99 48.32 -28.21 -45.46
C VAL C 99 47.23 -27.50 -46.23
N PHE C 100 47.15 -26.19 -46.07
CA PHE C 100 46.10 -25.40 -46.73
C PHE C 100 46.42 -25.17 -48.19
N GLU C 101 47.72 -25.17 -48.53
CA GLU C 101 48.18 -25.25 -49.93
C GLU C 101 47.55 -26.48 -50.59
N THR C 102 47.77 -27.64 -49.99
CA THR C 102 47.22 -28.88 -50.52
C THR C 102 45.70 -28.81 -50.72
N LEU C 103 44.98 -28.30 -49.72
CA LEU C 103 43.51 -28.24 -49.76
C LEU C 103 42.97 -27.20 -50.73
N GLU C 104 43.70 -26.09 -50.89
CA GLU C 104 43.29 -25.06 -51.84
C GLU C 104 43.40 -25.59 -53.27
N LYS C 105 44.39 -26.44 -53.53
CA LYS C 105 44.52 -27.08 -54.85
C LYS C 105 43.46 -28.16 -55.06
N LYS C 106 43.31 -29.04 -54.08
CA LYS C 106 42.38 -30.18 -54.20
C LYS C 106 40.91 -29.73 -54.24
N TRP C 107 40.50 -28.94 -53.25
CA TRP C 107 39.10 -28.53 -53.13
C TRP C 107 38.85 -27.10 -53.60
N GLY C 108 39.80 -26.21 -53.34
CA GLY C 108 39.63 -24.81 -53.67
C GLY C 108 38.61 -24.10 -52.78
N LYS C 109 38.28 -24.72 -51.65
CA LYS C 109 37.30 -24.20 -50.70
C LYS C 109 37.18 -25.16 -49.52
N LEU C 110 37.00 -24.59 -48.34
CA LEU C 110 36.67 -25.35 -47.14
C LEU C 110 35.28 -24.92 -46.69
N ASP C 111 34.54 -25.86 -46.13
CA ASP C 111 33.22 -25.58 -45.58
C ASP C 111 33.28 -25.53 -44.07
N PHE C 112 34.06 -26.43 -43.49
CA PHE C 112 34.21 -26.45 -42.06
C PHE C 112 35.60 -26.88 -41.63
N LEU C 113 35.96 -26.52 -40.41
CA LEU C 113 37.24 -26.92 -39.85
C LEU C 113 37.03 -27.31 -38.41
N VAL C 114 37.61 -28.43 -38.02
CA VAL C 114 37.48 -28.92 -36.67
C VAL C 114 38.87 -28.89 -36.04
N HIS C 115 39.01 -28.10 -34.96
CA HIS C 115 40.27 -27.91 -34.26
C HIS C 115 40.26 -28.72 -32.97
N ALA C 116 40.96 -29.85 -32.99
CA ALA C 116 41.01 -30.75 -31.85
C ALA C 116 42.45 -30.95 -31.40
N ILE C 117 43.18 -29.85 -31.25
CA ILE C 117 44.58 -29.90 -30.86
C ILE C 117 44.77 -29.37 -29.43
N GLY C 118 45.58 -30.06 -28.64
CA GLY C 118 45.79 -29.65 -27.26
C GLY C 118 46.82 -30.48 -26.51
N PHE C 119 47.94 -29.83 -26.19
CA PHE C 119 48.96 -30.41 -25.37
C PHE C 119 49.23 -29.54 -24.14
N SER C 120 49.34 -30.18 -22.99
CA SER C 120 49.97 -29.57 -21.83
C SER C 120 50.87 -30.62 -21.21
N ASP C 121 51.91 -30.14 -20.52
CA ASP C 121 52.89 -31.03 -19.89
C ASP C 121 52.23 -31.93 -18.84
N LYS C 122 52.39 -33.24 -19.01
CA LYS C 122 51.70 -34.25 -18.19
C LYS C 122 52.08 -34.20 -16.71
N ASP C 123 53.36 -34.05 -16.43
CA ASP C 123 53.82 -34.04 -15.04
C ASP C 123 53.24 -32.86 -14.27
N GLU C 124 53.26 -31.69 -14.90
CA GLU C 124 52.84 -30.45 -14.24
C GLU C 124 51.32 -30.40 -13.99
N LEU C 125 50.56 -31.25 -14.67
CA LEU C 125 49.11 -31.37 -14.45
C LEU C 125 48.80 -31.95 -13.07
N THR C 126 49.60 -32.93 -12.64
CA THR C 126 49.42 -33.56 -11.34
C THR C 126 49.99 -32.73 -10.18
N GLY C 127 50.77 -31.69 -10.49
CA GLY C 127 51.28 -30.78 -9.47
C GLY C 127 50.34 -29.60 -9.28
N ARG C 128 50.79 -28.61 -8.53
CA ARG C 128 50.01 -27.39 -8.31
C ARG C 128 50.11 -26.50 -9.53
N TYR C 129 49.02 -25.78 -9.85
CA TYR C 129 49.05 -24.78 -10.91
C TYR C 129 50.15 -23.73 -10.71
N ILE C 130 50.31 -23.28 -9.46
CA ILE C 130 51.26 -22.22 -9.15
C ILE C 130 52.71 -22.59 -9.51
N ASP C 131 52.99 -23.89 -9.61
CA ASP C 131 54.33 -24.38 -9.96
C ASP C 131 54.51 -24.59 -11.46
N THR C 132 53.52 -24.20 -12.24
CA THR C 132 53.62 -24.24 -13.68
C THR C 132 54.86 -23.49 -14.13
N SER C 133 55.70 -24.19 -14.89
CA SER C 133 56.91 -23.61 -15.47
C SER C 133 56.51 -22.72 -16.63
N GLU C 134 57.43 -21.86 -17.06
CA GLU C 134 57.16 -20.91 -18.14
C GLU C 134 57.11 -21.55 -19.53
N ALA C 135 58.02 -22.48 -19.78
CA ALA C 135 58.08 -23.16 -21.08
C ALA C 135 56.77 -23.91 -21.33
N ASN C 136 56.30 -24.61 -20.30
CA ASN C 136 55.01 -25.30 -20.35
C ASN C 136 53.86 -24.35 -20.61
N PHE C 137 53.81 -23.27 -19.83
CA PHE C 137 52.79 -22.24 -20.01
C PHE C 137 52.75 -21.80 -21.45
N THR C 138 53.90 -21.37 -21.95
CA THR C 138 54.01 -20.86 -23.32
C THR C 138 53.67 -21.91 -24.36
N ASN C 139 54.11 -23.14 -24.12
CA ASN C 139 53.89 -24.25 -25.05
C ASN C 139 52.40 -24.58 -25.12
N THR C 140 51.84 -24.84 -23.94
CA THR C 140 50.42 -25.09 -23.83
C THR C 140 49.64 -24.00 -24.53
N MET C 141 49.96 -22.74 -24.22
CA MET C 141 49.23 -21.62 -24.84
C MET C 141 49.35 -21.61 -26.36
N LEU C 142 50.55 -21.84 -26.87
CA LEU C 142 50.81 -21.83 -28.30
C LEU C 142 50.03 -22.95 -29.01
N ILE C 143 50.15 -24.16 -28.47
CA ILE C 143 49.57 -25.36 -29.06
C ILE C 143 48.04 -25.46 -28.86
N SER C 144 47.59 -25.12 -27.67
CA SER C 144 46.19 -25.29 -27.30
C SER C 144 45.35 -24.10 -27.69
N VAL C 145 45.96 -22.92 -27.80
CA VAL C 145 45.19 -21.69 -28.00
C VAL C 145 45.52 -21.01 -29.31
N TYR C 146 46.78 -20.63 -29.52
CA TYR C 146 47.14 -19.87 -30.72
C TYR C 146 46.93 -20.68 -32.00
N SER C 147 47.13 -21.99 -31.90
CA SER C 147 46.92 -22.91 -33.03
C SER C 147 45.61 -22.67 -33.76
N LEU C 148 44.54 -22.44 -32.99
CA LEU C 148 43.22 -22.19 -33.56
C LEU C 148 43.19 -20.91 -34.35
N THR C 149 43.79 -19.87 -33.80
CA THR C 149 43.82 -18.59 -34.48
C THR C 149 44.63 -18.70 -35.76
N ALA C 150 45.80 -19.35 -35.67
CA ALA C 150 46.66 -19.59 -36.82
C ALA C 150 45.90 -20.33 -37.93
N VAL C 151 45.35 -21.47 -37.59
CA VAL C 151 44.61 -22.26 -38.58
C VAL C 151 43.38 -21.50 -39.10
N SER C 152 42.64 -20.86 -38.21
CA SER C 152 41.41 -20.14 -38.62
C SER C 152 41.72 -19.02 -39.60
N ARG C 153 42.85 -18.35 -39.40
CA ARG C 153 43.37 -17.31 -40.29
C ARG C 153 43.44 -17.79 -41.73
N ARG C 154 44.06 -18.95 -41.90
CA ARG C 154 44.23 -19.53 -43.22
C ARG C 154 42.92 -20.10 -43.75
N ALA C 155 42.16 -20.77 -42.89
CA ALA C 155 40.88 -21.34 -43.31
C ALA C 155 39.99 -20.25 -43.92
N GLU C 156 40.12 -19.04 -43.38
CA GLU C 156 39.36 -17.88 -43.87
C GLU C 156 39.46 -17.66 -45.38
N LYS C 157 40.64 -17.89 -45.94
CA LYS C 157 40.84 -17.68 -47.38
C LYS C 157 40.00 -18.69 -48.16
N LEU C 158 39.95 -19.91 -47.66
CA LEU C 158 39.20 -20.98 -48.31
C LEU C 158 37.69 -20.93 -47.99
N MET C 159 37.27 -20.06 -47.08
CA MET C 159 35.89 -20.06 -46.56
C MET C 159 35.05 -18.85 -46.93
N ALA C 160 35.41 -18.13 -47.98
CA ALA C 160 34.70 -16.88 -48.34
C ALA C 160 33.20 -17.07 -48.63
N ASP C 161 32.78 -18.31 -48.91
CA ASP C 161 31.35 -18.66 -49.11
C ASP C 161 30.61 -18.94 -47.78
N GLY C 162 31.35 -18.94 -46.68
CA GLY C 162 30.79 -19.19 -45.36
C GLY C 162 31.35 -20.47 -44.81
N GLY C 163 31.09 -20.74 -43.54
CA GLY C 163 31.59 -21.96 -42.91
C GLY C 163 31.47 -22.01 -41.41
N SER C 164 32.00 -23.08 -40.84
CA SER C 164 31.91 -23.36 -39.42
C SER C 164 33.28 -23.77 -38.93
N ILE C 165 33.76 -23.13 -37.87
CA ILE C 165 35.01 -23.55 -37.25
C ILE C 165 34.67 -24.07 -35.86
N LEU C 166 35.24 -25.22 -35.52
CA LEU C 166 34.88 -25.86 -34.26
C LEU C 166 36.14 -26.22 -33.50
N THR C 167 36.12 -25.98 -32.18
CA THR C 167 37.21 -26.41 -31.32
C THR C 167 36.65 -27.04 -30.04
N LEU C 168 37.52 -27.65 -29.25
CA LEU C 168 37.11 -28.38 -28.05
C LEU C 168 37.63 -27.73 -26.80
N THR C 169 36.77 -27.66 -25.79
CA THR C 169 37.21 -27.18 -24.50
C THR C 169 36.68 -28.06 -23.37
N TYR C 170 36.81 -27.57 -22.16
CA TYR C 170 36.52 -28.35 -20.97
C TYR C 170 36.14 -27.39 -19.86
N TYR C 171 35.26 -27.85 -18.97
CA TYR C 171 34.72 -27.03 -17.91
C TYR C 171 35.82 -26.42 -17.03
N GLY C 172 37.02 -26.98 -17.10
CA GLY C 172 38.18 -26.45 -16.38
C GLY C 172 38.64 -25.06 -16.82
N ALA C 173 38.09 -24.58 -17.93
CA ALA C 173 38.24 -23.20 -18.35
C ALA C 173 37.34 -22.24 -17.53
N GLU C 174 36.30 -22.78 -16.89
CA GLU C 174 35.31 -21.97 -16.19
C GLU C 174 35.41 -22.11 -14.69
N LYS C 175 35.69 -23.32 -14.23
CA LYS C 175 35.90 -23.58 -12.81
C LYS C 175 37.19 -24.37 -12.61
N VAL C 176 37.77 -24.28 -11.42
CA VAL C 176 38.90 -25.13 -11.07
C VAL C 176 38.48 -26.61 -11.07
N MET C 177 39.12 -27.37 -11.94
CA MET C 177 38.96 -28.80 -12.03
C MET C 177 40.32 -29.46 -11.76
N PRO C 178 40.32 -30.61 -11.07
CA PRO C 178 41.55 -31.31 -10.73
C PRO C 178 42.38 -31.68 -11.96
N ASN C 179 43.69 -31.77 -11.75
CA ASN C 179 44.62 -32.28 -12.74
C ASN C 179 44.53 -31.60 -14.10
N TYR C 180 44.26 -30.30 -14.09
CA TYR C 180 44.08 -29.56 -15.34
C TYR C 180 44.98 -28.31 -15.41
N ASN C 181 45.18 -27.64 -14.26
CA ASN C 181 46.19 -26.58 -14.09
C ASN C 181 46.30 -25.59 -15.26
N VAL C 182 47.46 -25.52 -15.92
CA VAL C 182 47.64 -24.50 -16.93
C VAL C 182 46.74 -24.71 -18.14
N MET C 183 46.21 -25.93 -18.32
CA MET C 183 45.28 -26.19 -19.42
C MET C 183 43.94 -25.53 -19.14
N GLY C 184 43.55 -25.48 -17.87
CA GLY C 184 42.41 -24.67 -17.47
C GLY C 184 42.56 -23.22 -17.91
N VAL C 185 43.73 -22.66 -17.61
CA VAL C 185 44.06 -21.30 -17.99
C VAL C 185 44.04 -21.19 -19.50
N ALA C 186 44.66 -22.13 -20.20
CA ALA C 186 44.71 -22.13 -21.68
C ALA C 186 43.32 -22.20 -22.28
N LYS C 187 42.50 -23.10 -21.78
CA LYS C 187 41.16 -23.25 -22.35
C LYS C 187 40.30 -22.04 -22.11
N ALA C 188 40.52 -21.36 -20.98
CA ALA C 188 39.84 -20.06 -20.76
C ALA C 188 40.21 -19.09 -21.90
N ALA C 189 41.48 -19.09 -22.29
CA ALA C 189 41.98 -18.28 -23.42
C ALA C 189 41.40 -18.72 -24.76
N LEU C 190 41.33 -20.02 -24.99
CA LEU C 190 40.69 -20.58 -26.17
C LEU C 190 39.24 -20.13 -26.29
N GLU C 191 38.50 -20.22 -25.18
CA GLU C 191 37.09 -19.79 -25.19
C GLU C 191 36.94 -18.30 -25.49
N ALA C 192 37.80 -17.46 -24.92
CA ALA C 192 37.75 -16.03 -25.26
C ALA C 192 38.09 -15.81 -26.74
N SER C 193 39.08 -16.53 -27.23
CA SER C 193 39.53 -16.38 -28.62
C SER C 193 38.44 -16.77 -29.59
N VAL C 194 37.67 -17.80 -29.23
CA VAL C 194 36.48 -18.16 -30.01
C VAL C 194 35.52 -16.99 -30.17
N LYS C 195 35.36 -16.21 -29.11
CA LYS C 195 34.46 -15.05 -29.17
C LYS C 195 35.03 -14.01 -30.09
N TYR C 196 36.29 -13.67 -29.89
CA TYR C 196 36.96 -12.69 -30.73
C TYR C 196 36.98 -13.11 -32.20
N LEU C 197 37.27 -14.38 -32.43
CA LEU C 197 37.26 -14.95 -33.78
C LEU C 197 35.89 -14.94 -34.40
N ALA C 198 34.88 -15.29 -33.61
CA ALA C 198 33.48 -15.16 -34.03
C ALA C 198 33.18 -13.79 -34.58
N VAL C 199 33.68 -12.75 -33.91
CA VAL C 199 33.44 -11.37 -34.36
C VAL C 199 34.20 -11.04 -35.65
N ASP C 200 35.46 -11.45 -35.75
CA ASP C 200 36.23 -11.25 -36.99
C ASP C 200 35.54 -11.90 -38.20
N LEU C 201 35.13 -13.15 -38.05
CA LEU C 201 34.76 -13.99 -39.21
C LEU C 201 33.27 -14.01 -39.48
N GLY C 202 32.47 -13.61 -38.51
CA GLY C 202 31.03 -13.66 -38.65
C GLY C 202 30.46 -12.91 -39.83
N PRO C 203 30.98 -11.70 -40.10
CA PRO C 203 30.52 -10.93 -41.26
C PRO C 203 30.78 -11.63 -42.58
N GLN C 204 31.73 -12.57 -42.61
CA GLN C 204 31.91 -13.44 -43.77
C GLN C 204 31.10 -14.72 -43.65
N ASN C 205 30.06 -14.69 -42.81
CA ASN C 205 29.26 -15.87 -42.51
C ASN C 205 30.11 -17.11 -42.18
N ILE C 206 31.23 -16.89 -41.49
CA ILE C 206 32.00 -17.97 -40.90
C ILE C 206 31.71 -17.97 -39.40
N ARG C 207 31.31 -19.13 -38.87
CA ARG C 207 30.92 -19.26 -37.48
C ARG C 207 32.02 -19.97 -36.74
N VAL C 208 32.22 -19.59 -35.48
CA VAL C 208 33.24 -20.20 -34.63
C VAL C 208 32.61 -20.59 -33.31
N ASN C 209 32.92 -21.80 -32.87
CA ASN C 209 32.26 -22.39 -31.73
C ASN C 209 33.18 -23.38 -31.04
N ALA C 210 32.86 -23.68 -29.79
CA ALA C 210 33.61 -24.66 -29.03
C ALA C 210 32.64 -25.60 -28.34
N ILE C 211 32.98 -26.88 -28.31
CA ILE C 211 32.24 -27.83 -27.51
C ILE C 211 33.07 -28.10 -26.27
N SER C 212 32.44 -27.86 -25.12
CA SER C 212 33.02 -28.16 -23.82
C SER C 212 32.61 -29.58 -23.48
N ALA C 213 33.49 -30.53 -23.75
CA ALA C 213 33.19 -31.95 -23.58
C ALA C 213 33.36 -32.35 -22.13
N GLY C 214 32.50 -33.22 -21.62
CA GLY C 214 32.77 -33.88 -20.35
C GLY C 214 33.93 -34.84 -20.51
N PRO C 215 34.42 -35.42 -19.42
CA PRO C 215 35.47 -36.42 -19.55
C PRO C 215 34.91 -37.72 -20.14
N ILE C 216 35.74 -38.43 -20.91
CA ILE C 216 35.31 -39.59 -21.70
C ILE C 216 36.14 -40.83 -21.36
N LYS C 217 35.46 -41.94 -21.07
CA LYS C 217 36.10 -43.25 -20.81
C LYS C 217 37.09 -43.60 -21.91
N THR C 218 38.34 -43.86 -21.54
CA THR C 218 39.38 -44.20 -22.50
C THR C 218 40.06 -45.49 -22.07
N GLY C 225 47.06 -39.21 -15.36
CA GLY C 225 46.93 -39.05 -13.92
C GLY C 225 45.48 -38.94 -13.44
N ASP C 226 45.11 -39.81 -12.50
CA ASP C 226 43.91 -39.64 -11.66
C ASP C 226 42.58 -39.51 -12.42
N PHE C 227 42.53 -40.08 -13.62
CA PHE C 227 41.40 -39.91 -14.52
C PHE C 227 40.18 -40.74 -14.10
N ARG C 228 40.41 -41.86 -13.42
CA ARG C 228 39.33 -42.78 -13.07
C ARG C 228 38.35 -42.13 -12.09
N TYR C 229 38.90 -41.34 -11.18
CA TYR C 229 38.11 -40.65 -10.16
C TYR C 229 37.21 -39.58 -10.80
N ILE C 230 37.79 -38.77 -11.68
CA ILE C 230 37.04 -37.72 -12.39
C ILE C 230 35.88 -38.31 -13.18
N LEU C 231 36.13 -39.42 -13.89
CA LEU C 231 35.09 -40.13 -14.64
C LEU C 231 33.96 -40.61 -13.75
N LYS C 232 34.32 -41.23 -12.63
CA LYS C 232 33.35 -41.71 -11.66
C LYS C 232 32.56 -40.56 -11.00
N TRP C 233 33.22 -39.42 -10.77
CA TRP C 233 32.55 -38.22 -10.26
C TRP C 233 31.44 -37.73 -11.19
N ASN C 234 31.74 -37.59 -12.48
CA ASN C 234 30.72 -37.21 -13.45
C ASN C 234 29.58 -38.22 -13.49
N GLU C 235 29.95 -39.49 -13.54
CA GLU C 235 28.96 -40.59 -13.57
C GLU C 235 27.95 -40.51 -12.43
N TYR C 236 28.40 -40.18 -11.22
CA TYR C 236 27.50 -40.11 -10.06
C TYR C 236 26.82 -38.76 -9.92
N ASN C 237 27.48 -37.68 -10.30
CA ASN C 237 26.95 -36.34 -10.03
C ASN C 237 26.31 -35.63 -11.22
N ALA C 238 26.76 -35.91 -12.45
CA ALA C 238 26.17 -35.32 -13.65
C ALA C 238 24.70 -35.69 -13.73
N PRO C 239 23.83 -34.72 -14.04
CA PRO C 239 22.42 -35.00 -14.18
C PRO C 239 22.10 -36.34 -14.83
N LEU C 240 22.70 -36.62 -15.97
CA LEU C 240 22.34 -37.81 -16.76
C LEU C 240 23.05 -39.08 -16.29
N ARG C 241 23.87 -38.96 -15.25
CA ARG C 241 24.44 -40.11 -14.55
C ARG C 241 25.27 -41.02 -15.44
N ARG C 242 26.02 -40.42 -16.34
CA ARG C 242 26.97 -41.13 -17.16
C ARG C 242 27.96 -40.15 -17.75
N THR C 243 29.11 -40.67 -18.14
CA THR C 243 30.12 -39.88 -18.80
C THR C 243 29.81 -39.87 -20.30
N VAL C 244 30.18 -38.80 -21.01
CA VAL C 244 29.83 -38.73 -22.44
C VAL C 244 30.73 -39.66 -23.27
N THR C 245 30.27 -40.02 -24.46
CA THR C 245 31.06 -40.85 -25.37
C THR C 245 31.48 -39.98 -26.52
N ILE C 246 32.44 -40.48 -27.32
CA ILE C 246 32.85 -39.76 -28.52
C ILE C 246 31.76 -39.70 -29.57
N ASP C 247 30.83 -40.65 -29.53
CA ASP C 247 29.68 -40.61 -30.45
C ASP C 247 28.70 -39.51 -30.09
N GLU C 248 28.49 -39.34 -28.79
CA GLU C 248 27.68 -38.25 -28.28
C GLU C 248 28.31 -36.92 -28.67
N VAL C 249 29.57 -36.73 -28.30
CA VAL C 249 30.27 -35.47 -28.65
C VAL C 249 30.33 -35.30 -30.17
N GLY C 250 30.44 -36.39 -30.91
CA GLY C 250 30.55 -36.34 -32.37
C GLY C 250 29.31 -35.75 -33.00
N ASP C 251 28.15 -36.13 -32.46
CA ASP C 251 26.88 -35.60 -32.95
C ASP C 251 26.69 -34.14 -32.57
N VAL C 252 27.23 -33.71 -31.44
CA VAL C 252 27.22 -32.29 -31.12
C VAL C 252 28.10 -31.58 -32.14
N GLY C 253 29.25 -32.15 -32.42
CA GLY C 253 30.12 -31.65 -33.49
C GLY C 253 29.36 -31.50 -34.78
N LEU C 254 28.64 -32.55 -35.15
CA LEU C 254 27.86 -32.56 -36.38
C LEU C 254 26.89 -31.38 -36.48
N TYR C 255 26.17 -31.12 -35.39
CA TYR C 255 25.28 -29.96 -35.31
C TYR C 255 26.04 -28.67 -35.54
N PHE C 256 27.21 -28.54 -34.95
CA PHE C 256 27.97 -27.32 -35.17
C PHE C 256 28.45 -27.22 -36.60
N LEU C 257 28.76 -28.37 -37.22
CA LEU C 257 29.26 -28.37 -38.60
C LEU C 257 28.13 -28.17 -39.61
N SER C 258 26.92 -28.58 -39.21
CA SER C 258 25.74 -28.52 -40.07
C SER C 258 25.10 -27.15 -40.08
N ASP C 259 24.12 -26.98 -40.96
CA ASP C 259 23.33 -25.75 -41.04
C ASP C 259 22.31 -25.58 -39.92
N LEU C 260 22.04 -26.64 -39.15
CA LEU C 260 21.19 -26.54 -37.98
C LEU C 260 21.64 -25.44 -37.00
N SER C 261 22.96 -25.26 -36.88
CA SER C 261 23.58 -24.25 -36.01
C SER C 261 23.95 -22.95 -36.74
N ARG C 262 23.23 -22.66 -37.82
CA ARG C 262 23.45 -21.52 -38.71
C ARG C 262 23.53 -20.18 -37.97
N SER C 263 22.78 -20.12 -36.88
CA SER C 263 22.57 -18.89 -36.15
C SER C 263 23.45 -18.81 -34.91
N VAL C 264 24.36 -19.78 -34.74
CA VAL C 264 25.13 -19.90 -33.53
C VAL C 264 26.59 -19.63 -33.76
N THR C 265 27.15 -18.68 -33.03
CA THR C 265 28.58 -18.45 -33.11
C THR C 265 29.10 -17.80 -31.85
N GLY C 266 30.39 -17.99 -31.61
CA GLY C 266 31.05 -17.51 -30.43
C GLY C 266 30.55 -18.21 -29.19
N GLU C 267 30.13 -19.46 -29.33
CA GLU C 267 29.40 -20.15 -28.27
C GLU C 267 30.24 -21.29 -27.70
N VAL C 268 30.22 -21.43 -26.37
CA VAL C 268 30.78 -22.59 -25.69
C VAL C 268 29.64 -23.49 -25.25
N HIS C 269 29.56 -24.67 -25.87
CA HIS C 269 28.42 -25.57 -25.72
C HIS C 269 28.83 -26.81 -24.93
N HIS C 270 28.11 -27.08 -23.85
CA HIS C 270 28.44 -28.19 -22.98
C HIS C 270 27.80 -29.50 -23.48
N ALA C 271 28.66 -30.47 -23.75
CA ALA C 271 28.30 -31.86 -24.08
C ALA C 271 28.95 -32.72 -23.02
N ASP C 272 28.36 -32.70 -21.84
CA ASP C 272 28.95 -33.21 -20.63
C ASP C 272 27.90 -33.80 -19.69
N SER C 273 26.81 -34.30 -20.25
CA SER C 273 25.79 -34.99 -19.45
C SER C 273 25.21 -34.09 -18.37
N GLY C 274 25.34 -32.78 -18.59
CA GLY C 274 24.85 -31.74 -17.69
C GLY C 274 25.77 -31.35 -16.56
N TYR C 275 27.02 -31.79 -16.57
CA TYR C 275 27.87 -31.63 -15.38
C TYR C 275 28.02 -30.18 -14.90
N HIS C 276 28.17 -29.26 -15.86
CA HIS C 276 28.38 -27.84 -15.61
C HIS C 276 27.37 -27.11 -14.71
N VAL C 277 26.17 -27.67 -14.55
CA VAL C 277 25.12 -27.06 -13.72
C VAL C 277 25.28 -27.38 -12.23
N ILE C 278 26.08 -28.39 -11.92
CA ILE C 278 26.26 -28.88 -10.56
C ILE C 278 27.25 -28.02 -9.79
N GLY C 279 26.75 -27.32 -8.77
CA GLY C 279 27.64 -26.53 -7.90
C GLY C 279 28.14 -27.28 -6.67
N MET C 280 27.78 -28.55 -6.51
CA MET C 280 28.14 -29.34 -5.33
C MET C 280 27.73 -30.80 -5.55
N GLY D 27 35.64 5.98 11.08
CA GLY D 27 34.63 5.03 10.51
C GLY D 27 34.25 5.38 9.09
N LEU D 28 34.09 4.34 8.27
CA LEU D 28 33.81 4.45 6.82
C LEU D 28 32.35 4.82 6.50
N LEU D 29 31.48 4.76 7.50
CA LEU D 29 30.09 5.16 7.32
C LEU D 29 29.68 6.27 8.30
N GLN D 30 30.64 7.09 8.73
CA GLN D 30 30.35 8.22 9.62
C GLN D 30 29.53 9.26 8.86
N GLY D 31 28.45 9.72 9.48
CA GLY D 31 27.54 10.69 8.87
C GLY D 31 26.66 10.08 7.80
N LYS D 32 26.28 8.82 7.99
CA LYS D 32 25.46 8.09 7.04
C LYS D 32 24.38 7.28 7.74
N ARG D 33 23.23 7.17 7.07
CA ARG D 33 22.02 6.57 7.63
C ARG D 33 21.43 5.55 6.68
N GLY D 34 21.06 4.40 7.22
CA GLY D 34 20.49 3.35 6.41
C GLY D 34 19.49 2.47 7.10
N LEU D 35 18.66 1.85 6.27
CA LEU D 35 17.65 0.90 6.68
C LEU D 35 18.18 -0.50 6.44
N ILE D 36 18.12 -1.35 7.47
CA ILE D 36 18.33 -2.76 7.30
C ILE D 36 17.00 -3.48 7.49
N LEU D 37 16.65 -4.26 6.47
CA LEU D 37 15.44 -5.06 6.45
C LEU D 37 15.84 -6.51 6.61
N GLY D 38 15.23 -7.19 7.58
CA GLY D 38 15.46 -8.61 7.80
C GLY D 38 16.15 -9.01 9.10
N VAL D 39 16.57 -8.03 9.90
CA VAL D 39 17.23 -8.33 11.20
C VAL D 39 16.23 -8.94 12.16
N ALA D 40 16.22 -10.27 12.22
CA ALA D 40 15.30 -11.01 13.08
C ALA D 40 15.97 -11.50 14.35
N ASN D 41 17.29 -11.50 14.37
CA ASN D 41 18.07 -12.12 15.45
C ASN D 41 19.51 -11.66 15.34
N ASN D 42 20.40 -12.14 16.22
CA ASN D 42 21.79 -11.67 16.23
C ASN D 42 22.80 -12.69 15.69
N ARG D 43 22.35 -13.59 14.83
CA ARG D 43 23.22 -14.58 14.22
C ARG D 43 23.15 -14.59 12.68
N SER D 44 22.56 -13.56 12.07
CA SER D 44 22.26 -13.57 10.64
C SER D 44 23.18 -12.61 9.91
N ILE D 45 23.26 -12.74 8.59
CA ILE D 45 24.08 -11.83 7.83
C ILE D 45 23.61 -10.36 7.99
N ALA D 46 22.31 -10.15 8.11
CA ALA D 46 21.74 -8.83 8.32
C ALA D 46 22.33 -8.17 9.55
N TRP D 47 22.37 -8.94 10.63
CA TRP D 47 22.91 -8.48 11.87
C TRP D 47 24.40 -8.23 11.73
N GLY D 48 25.08 -9.16 11.08
CA GLY D 48 26.49 -9.00 10.78
C GLY D 48 26.75 -7.67 10.10
N ILE D 49 25.93 -7.34 9.11
CA ILE D 49 26.09 -6.09 8.40
C ILE D 49 25.69 -4.91 9.30
N ALA D 50 24.58 -5.07 10.02
CA ALA D 50 24.12 -4.04 10.96
C ALA D 50 25.25 -3.65 11.90
N LYS D 51 25.77 -4.66 12.58
CA LYS D 51 26.84 -4.53 13.54
C LYS D 51 28.07 -3.87 12.94
N ALA D 52 28.50 -4.30 11.75
CA ALA D 52 29.66 -3.70 11.12
C ALA D 52 29.39 -2.26 10.72
N ALA D 53 28.19 -2.01 10.20
CA ALA D 53 27.82 -0.67 9.75
C ALA D 53 27.80 0.33 10.92
N ARG D 54 27.26 -0.11 12.06
CA ARG D 54 27.21 0.71 13.26
C ARG D 54 28.63 0.99 13.78
N GLU D 55 29.44 -0.06 13.86
CA GLU D 55 30.84 0.09 14.26
C GLU D 55 31.62 1.04 13.36
N ALA D 56 31.15 1.26 12.14
CA ALA D 56 31.80 2.18 11.20
C ALA D 56 31.15 3.58 11.23
N GLY D 57 30.31 3.83 12.23
CA GLY D 57 29.73 5.16 12.47
C GLY D 57 28.35 5.44 11.89
N ALA D 58 27.70 4.43 11.33
CA ALA D 58 26.42 4.62 10.66
C ALA D 58 25.29 4.69 11.68
N GLU D 59 24.26 5.43 11.35
CA GLU D 59 23.00 5.39 12.11
C GLU D 59 22.07 4.44 11.39
N LEU D 60 21.52 3.46 12.12
CA LEU D 60 20.69 2.41 11.53
C LEU D 60 19.21 2.60 11.82
N ALA D 61 18.39 2.10 10.90
CA ALA D 61 16.98 1.87 11.15
C ALA D 61 16.68 0.43 10.78
N PHE D 62 15.93 -0.25 11.66
CA PHE D 62 15.55 -1.63 11.49
C PHE D 62 14.04 -1.71 11.30
N THR D 63 13.59 -2.75 10.61
CA THR D 63 12.18 -3.04 10.49
C THR D 63 11.89 -4.39 11.13
N TYR D 64 10.60 -4.70 11.28
CA TYR D 64 10.18 -6.03 11.72
C TYR D 64 9.02 -6.49 10.87
N GLN D 65 8.54 -7.71 11.14
CA GLN D 65 7.33 -8.23 10.51
C GLN D 65 6.31 -8.65 11.58
N GLY D 66 6.62 -9.73 12.30
CA GLY D 66 5.72 -10.23 13.35
C GLY D 66 5.46 -9.25 14.48
N ASP D 67 4.42 -9.54 15.29
CA ASP D 67 4.25 -8.88 16.58
C ASP D 67 5.22 -9.57 17.55
N ALA D 68 5.45 -10.86 17.31
CA ALA D 68 6.50 -11.61 17.99
C ALA D 68 7.89 -11.08 17.64
N LEU D 69 8.11 -10.78 16.35
CA LEU D 69 9.42 -10.30 15.89
C LEU D 69 9.72 -8.90 16.40
N LYS D 70 8.70 -8.08 16.64
CA LYS D 70 8.92 -6.78 17.28
C LYS D 70 9.54 -6.99 18.66
N LYS D 71 9.15 -8.08 19.31
CA LYS D 71 9.64 -8.44 20.63
C LYS D 71 11.08 -9.00 20.59
N ARG D 72 11.60 -9.21 19.37
CA ARG D 72 12.97 -9.68 19.17
C ARG D 72 13.89 -8.60 18.58
N VAL D 73 13.32 -7.69 17.78
CA VAL D 73 14.11 -6.68 17.05
C VAL D 73 14.42 -5.47 17.92
N GLU D 74 13.45 -5.06 18.73
CA GLU D 74 13.58 -3.90 19.62
C GLU D 74 14.87 -3.95 20.46
N PRO D 75 15.15 -5.09 21.13
CA PRO D 75 16.37 -5.16 21.92
C PRO D 75 17.63 -5.22 21.07
N LEU D 76 17.52 -5.72 19.84
CA LEU D 76 18.65 -5.70 18.92
C LEU D 76 18.92 -4.28 18.45
N ALA D 77 17.86 -3.54 18.16
CA ALA D 77 18.00 -2.14 17.74
C ALA D 77 18.68 -1.33 18.85
N GLU D 78 18.19 -1.50 20.08
CA GLU D 78 18.78 -0.90 21.29
C GLU D 78 20.30 -1.04 21.28
N GLU D 79 20.79 -2.28 21.18
CA GLU D 79 22.23 -2.58 21.11
C GLU D 79 23.01 -1.67 20.16
N LEU D 80 22.46 -1.42 18.97
CA LEU D 80 23.15 -0.62 17.94
C LEU D 80 22.60 0.80 17.82
N GLY D 81 21.73 1.19 18.76
CA GLY D 81 21.15 2.54 18.78
C GLY D 81 20.28 2.78 17.55
N ALA D 82 19.65 1.71 17.06
CA ALA D 82 18.86 1.80 15.85
C ALA D 82 17.47 2.33 16.17
N PHE D 83 16.90 3.07 15.22
CA PHE D 83 15.50 3.48 15.27
C PHE D 83 14.68 2.34 14.70
N VAL D 84 13.69 1.87 15.46
CA VAL D 84 12.80 0.83 14.96
C VAL D 84 11.75 1.52 14.10
N ALA D 85 11.91 1.43 12.78
CA ALA D 85 11.07 2.15 11.84
C ALA D 85 9.70 1.47 11.59
N GLY D 86 9.54 0.25 12.09
CA GLY D 86 8.21 -0.36 12.21
C GLY D 86 7.95 -1.64 11.43
N HIS D 87 6.68 -2.04 11.43
CA HIS D 87 6.20 -3.20 10.71
C HIS D 87 6.41 -3.01 9.21
N CYS D 88 6.78 -4.09 8.54
CA CYS D 88 7.05 -4.06 7.12
C CYS D 88 6.82 -5.44 6.52
N ASP D 89 5.55 -5.82 6.42
CA ASP D 89 5.19 -7.00 5.67
C ASP D 89 5.42 -6.64 4.20
N VAL D 90 6.36 -7.34 3.57
CA VAL D 90 6.79 -6.99 2.21
C VAL D 90 5.74 -7.31 1.13
N ALA D 91 4.70 -8.07 1.50
CA ALA D 91 3.53 -8.29 0.64
C ALA D 91 2.54 -7.13 0.73
N ASP D 92 2.41 -6.59 1.95
CA ASP D 92 1.51 -5.49 2.25
C ASP D 92 2.18 -4.19 1.80
N ALA D 93 1.87 -3.77 0.58
CA ALA D 93 2.43 -2.55 0.02
C ALA D 93 2.15 -1.30 0.85
N ALA D 94 1.06 -1.31 1.62
CA ALA D 94 0.76 -0.20 2.56
C ALA D 94 1.85 -0.08 3.63
N SER D 95 2.26 -1.21 4.18
CA SER D 95 3.30 -1.24 5.21
C SER D 95 4.64 -0.67 4.72
N ILE D 96 5.03 -0.99 3.49
CA ILE D 96 6.28 -0.49 2.93
C ILE D 96 6.28 1.04 2.83
N ASP D 97 5.21 1.61 2.28
CA ASP D 97 5.09 3.08 2.16
C ASP D 97 5.13 3.73 3.55
N ALA D 98 4.45 3.11 4.50
CA ALA D 98 4.40 3.61 5.88
C ALA D 98 5.79 3.67 6.56
N VAL D 99 6.63 2.65 6.32
CA VAL D 99 8.01 2.63 6.85
C VAL D 99 8.86 3.74 6.27
N PHE D 100 8.85 3.87 4.93
CA PHE D 100 9.62 4.92 4.26
C PHE D 100 9.02 6.31 4.47
N GLU D 101 7.76 6.37 4.88
CA GLU D 101 7.15 7.63 5.30
C GLU D 101 7.75 8.05 6.64
N THR D 102 7.76 7.12 7.60
CA THR D 102 8.42 7.35 8.89
C THR D 102 9.82 7.87 8.68
N LEU D 103 10.60 7.17 7.84
CA LEU D 103 12.02 7.48 7.69
C LEU D 103 12.22 8.87 7.12
N GLU D 104 11.33 9.29 6.23
CA GLU D 104 11.46 10.62 5.61
C GLU D 104 11.04 11.73 6.57
N LYS D 105 10.15 11.43 7.50
CA LYS D 105 9.86 12.35 8.61
C LYS D 105 11.10 12.50 9.50
N LYS D 106 11.73 11.37 9.83
CA LYS D 106 12.85 11.38 10.79
C LYS D 106 14.15 11.85 10.19
N TRP D 107 14.50 11.38 8.99
CA TRP D 107 15.83 11.61 8.43
C TRP D 107 15.87 12.50 7.20
N GLY D 108 14.83 12.47 6.37
CA GLY D 108 14.78 13.30 5.16
C GLY D 108 15.65 12.82 4.00
N LYS D 109 16.71 12.09 4.33
CA LYS D 109 17.51 11.39 3.35
C LYS D 109 17.74 9.97 3.83
N LEU D 110 18.30 9.15 2.96
CA LEU D 110 18.68 7.80 3.28
C LEU D 110 19.94 7.55 2.47
N ASP D 111 20.98 7.02 3.10
CA ASP D 111 22.24 6.82 2.40
C ASP D 111 22.38 5.39 1.90
N PHE D 112 21.89 4.43 2.66
CA PHE D 112 21.94 3.06 2.24
C PHE D 112 20.75 2.24 2.70
N LEU D 113 20.55 1.11 2.00
CA LEU D 113 19.53 0.14 2.34
C LEU D 113 20.05 -1.29 2.15
N VAL D 114 19.94 -2.10 3.20
CA VAL D 114 20.29 -3.48 3.14
C VAL D 114 19.01 -4.30 3.05
N HIS D 115 18.94 -5.16 2.04
CA HIS D 115 17.79 -6.00 1.81
C HIS D 115 18.18 -7.45 2.10
N ALA D 116 17.82 -7.95 3.27
CA ALA D 116 18.11 -9.33 3.68
C ALA D 116 16.80 -10.09 3.94
N ILE D 117 15.86 -9.93 3.04
CA ILE D 117 14.55 -10.54 3.13
C ILE D 117 14.53 -11.74 2.20
N GLY D 118 13.95 -12.82 2.66
CA GLY D 118 13.82 -14.00 1.84
C GLY D 118 13.15 -15.11 2.61
N PHE D 119 12.27 -15.83 1.94
CA PHE D 119 11.56 -16.94 2.54
C PHE D 119 11.24 -17.91 1.42
N SER D 120 11.29 -19.19 1.73
CA SER D 120 10.73 -20.22 0.87
C SER D 120 10.28 -21.35 1.77
N ASP D 121 9.41 -22.22 1.28
CA ASP D 121 8.85 -23.28 2.13
C ASP D 121 9.95 -24.26 2.59
N LYS D 122 10.18 -24.25 3.90
CA LYS D 122 11.15 -25.14 4.56
C LYS D 122 10.95 -26.61 4.16
N ASP D 123 9.71 -27.04 4.04
CA ASP D 123 9.40 -28.42 3.67
C ASP D 123 9.80 -28.73 2.21
N GLU D 124 9.54 -27.82 1.29
CA GLU D 124 9.81 -28.08 -0.14
C GLU D 124 11.29 -27.96 -0.52
N LEU D 125 12.07 -27.27 0.30
CA LEU D 125 13.53 -27.27 0.14
C LEU D 125 14.10 -28.70 0.15
N THR D 126 13.53 -29.57 0.97
CA THR D 126 14.05 -30.94 1.14
C THR D 126 13.55 -31.95 0.09
N GLY D 127 12.53 -31.59 -0.68
CA GLY D 127 12.13 -32.44 -1.82
C GLY D 127 12.83 -32.03 -3.12
N ARG D 128 12.31 -32.54 -4.24
CA ARG D 128 12.84 -32.21 -5.56
C ARG D 128 12.31 -30.85 -5.98
N TYR D 129 13.15 -30.06 -6.65
CA TYR D 129 12.71 -28.76 -7.17
C TYR D 129 11.44 -28.91 -8.02
N ILE D 130 11.42 -29.94 -8.85
CA ILE D 130 10.36 -30.15 -9.81
C ILE D 130 8.98 -30.27 -9.13
N ASP D 131 8.99 -30.59 -7.83
CA ASP D 131 7.76 -30.74 -7.05
C ASP D 131 7.36 -29.47 -6.32
N THR D 132 8.07 -28.38 -6.59
CA THR D 132 7.75 -27.08 -6.00
C THR D 132 6.30 -26.73 -6.31
N SER D 133 5.58 -26.26 -5.29
CA SER D 133 4.18 -25.92 -5.44
C SER D 133 4.09 -24.49 -5.90
N GLU D 134 3.00 -24.19 -6.60
CA GLU D 134 2.78 -22.87 -7.15
C GLU D 134 2.72 -21.80 -6.08
N ALA D 135 2.04 -22.09 -4.98
CA ALA D 135 1.93 -21.14 -3.87
C ALA D 135 3.32 -20.84 -3.28
N ASN D 136 4.17 -21.85 -3.22
CA ASN D 136 5.51 -21.67 -2.70
C ASN D 136 6.37 -20.86 -3.65
N PHE D 137 6.25 -21.14 -4.93
CA PHE D 137 6.99 -20.44 -5.98
C PHE D 137 6.67 -18.97 -5.93
N THR D 138 5.37 -18.67 -5.97
CA THR D 138 4.85 -17.29 -5.98
C THR D 138 5.24 -16.54 -4.72
N ASN D 139 5.05 -17.19 -3.59
CA ASN D 139 5.37 -16.59 -2.29
C ASN D 139 6.87 -16.34 -2.14
N THR D 140 7.67 -17.32 -2.53
CA THR D 140 9.13 -17.17 -2.52
C THR D 140 9.54 -16.03 -3.46
N MET D 141 9.01 -16.07 -4.67
CA MET D 141 9.32 -15.02 -5.64
C MET D 141 8.92 -13.66 -5.08
N LEU D 142 7.73 -13.59 -4.51
CA LEU D 142 7.23 -12.30 -4.03
C LEU D 142 8.07 -11.76 -2.87
N ILE D 143 8.38 -12.61 -1.90
CA ILE D 143 9.10 -12.18 -0.70
C ILE D 143 10.61 -12.01 -0.96
N SER D 144 11.19 -12.95 -1.71
CA SER D 144 12.65 -13.00 -1.87
C SER D 144 13.18 -12.10 -3.00
N VAL D 145 12.33 -11.82 -3.99
CA VAL D 145 12.79 -11.10 -5.17
C VAL D 145 12.08 -9.79 -5.34
N TYR D 146 10.75 -9.80 -5.41
CA TYR D 146 10.04 -8.57 -5.67
C TYR D 146 10.20 -7.55 -4.55
N SER D 147 10.31 -8.02 -3.32
CA SER D 147 10.47 -7.13 -2.16
C SER D 147 11.62 -6.16 -2.34
N LEU D 148 12.71 -6.59 -2.96
CA LEU D 148 13.82 -5.66 -3.18
C LEU D 148 13.41 -4.56 -4.13
N THR D 149 12.76 -4.96 -5.23
CA THR D 149 12.28 -3.98 -6.17
C THR D 149 11.27 -3.07 -5.47
N ALA D 150 10.33 -3.66 -4.73
CA ALA D 150 9.29 -2.88 -4.06
C ALA D 150 9.94 -1.81 -3.20
N VAL D 151 10.94 -2.23 -2.41
CA VAL D 151 11.55 -1.37 -1.42
C VAL D 151 12.50 -0.38 -2.06
N SER D 152 13.21 -0.80 -3.10
CA SER D 152 14.11 0.11 -3.79
C SER D 152 13.34 1.23 -4.49
N ARG D 153 12.09 0.96 -4.88
CA ARG D 153 11.23 1.99 -5.48
C ARG D 153 10.89 3.10 -4.48
N ARG D 154 10.63 2.76 -3.22
CA ARG D 154 10.42 3.77 -2.18
C ARG D 154 11.74 4.40 -1.75
N ALA D 155 12.80 3.59 -1.67
CA ALA D 155 14.11 4.09 -1.24
C ALA D 155 14.65 5.15 -2.20
N GLU D 156 14.39 4.96 -3.50
CA GLU D 156 14.86 5.87 -4.53
C GLU D 156 14.53 7.33 -4.19
N LYS D 157 13.31 7.56 -3.73
CA LYS D 157 12.84 8.93 -3.47
C LYS D 157 13.62 9.61 -2.32
N LEU D 158 14.16 8.81 -1.41
CA LEU D 158 14.95 9.30 -0.27
C LEU D 158 16.46 9.30 -0.52
N MET D 159 16.92 8.81 -1.67
CA MET D 159 18.35 8.76 -2.00
C MET D 159 18.71 9.69 -3.15
N ALA D 160 17.96 10.78 -3.31
CA ALA D 160 18.22 11.73 -4.40
C ALA D 160 19.68 12.21 -4.46
N ASP D 161 20.34 12.30 -3.30
CA ASP D 161 21.79 12.59 -3.26
C ASP D 161 22.64 11.29 -3.38
N GLY D 162 22.11 10.26 -4.05
CA GLY D 162 22.81 8.99 -4.24
C GLY D 162 22.89 8.11 -3.00
N GLY D 163 23.16 6.83 -3.21
CA GLY D 163 23.26 5.87 -2.10
C GLY D 163 23.71 4.48 -2.53
N SER D 164 23.56 3.52 -1.62
CA SER D 164 23.92 2.15 -1.86
C SER D 164 22.83 1.22 -1.39
N ILE D 165 22.42 0.31 -2.27
CA ILE D 165 21.43 -0.71 -1.98
C ILE D 165 22.09 -2.08 -2.16
N LEU D 166 21.91 -2.93 -1.15
CA LEU D 166 22.68 -4.14 -0.97
C LEU D 166 21.73 -5.27 -0.65
N THR D 167 21.76 -6.32 -1.47
CA THR D 167 20.96 -7.49 -1.21
C THR D 167 21.85 -8.71 -1.00
N LEU D 168 21.24 -9.86 -0.71
CA LEU D 168 21.97 -11.06 -0.34
C LEU D 168 21.54 -12.22 -1.22
N THR D 169 22.53 -12.94 -1.73
CA THR D 169 22.25 -14.08 -2.61
C THR D 169 23.16 -15.24 -2.21
N TYR D 170 23.10 -16.32 -2.97
CA TYR D 170 23.84 -17.53 -2.67
C TYR D 170 24.12 -18.24 -4.00
N TYR D 171 25.22 -18.98 -4.05
CA TYR D 171 25.70 -19.64 -5.26
C TYR D 171 24.68 -20.57 -5.91
N GLY D 172 23.74 -21.06 -5.13
CA GLY D 172 22.60 -21.83 -5.67
C GLY D 172 21.76 -21.11 -6.72
N ALA D 173 22.00 -19.81 -6.90
CA ALA D 173 21.47 -19.06 -8.04
C ALA D 173 22.24 -19.25 -9.35
N GLU D 174 23.52 -19.63 -9.27
CA GLU D 174 24.35 -19.82 -10.48
C GLU D 174 24.44 -21.28 -10.89
N LYS D 175 24.45 -22.15 -9.89
CA LYS D 175 24.59 -23.59 -10.11
C LYS D 175 23.61 -24.28 -9.17
N VAL D 176 23.18 -25.46 -9.57
CA VAL D 176 22.32 -26.28 -8.73
C VAL D 176 23.04 -26.65 -7.45
N MET D 177 22.44 -26.31 -6.32
CA MET D 177 22.95 -26.67 -5.01
C MET D 177 21.85 -27.39 -4.25
N PRO D 178 22.24 -28.30 -3.34
CA PRO D 178 21.29 -29.09 -2.56
C PRO D 178 20.46 -28.27 -1.59
N ASN D 179 19.27 -28.80 -1.29
CA ASN D 179 18.36 -28.21 -0.31
C ASN D 179 18.09 -26.73 -0.52
N TYR D 180 17.85 -26.36 -1.77
CA TYR D 180 17.69 -24.96 -2.13
C TYR D 180 16.56 -24.80 -3.15
N ASN D 181 16.47 -25.73 -4.08
CA ASN D 181 15.34 -25.81 -5.02
C ASN D 181 14.88 -24.44 -5.57
N VAL D 182 13.68 -24.00 -5.19
CA VAL D 182 13.08 -22.79 -5.77
C VAL D 182 13.69 -21.53 -5.23
N MET D 183 14.39 -21.62 -4.11
CA MET D 183 15.14 -20.47 -3.63
C MET D 183 16.28 -20.15 -4.57
N GLY D 184 16.77 -21.16 -5.29
CA GLY D 184 17.77 -20.95 -6.34
C GLY D 184 17.21 -20.18 -7.53
N VAL D 185 16.04 -20.60 -7.98
CA VAL D 185 15.34 -19.96 -9.06
C VAL D 185 15.08 -18.51 -8.67
N ALA D 186 14.71 -18.31 -7.40
CA ALA D 186 14.38 -16.98 -6.89
C ALA D 186 15.61 -16.08 -6.85
N LYS D 187 16.72 -16.61 -6.34
CA LYS D 187 17.92 -15.82 -6.19
C LYS D 187 18.56 -15.51 -7.53
N ALA D 188 18.40 -16.40 -8.51
CA ALA D 188 18.79 -16.08 -9.89
C ALA D 188 17.97 -14.88 -10.40
N ALA D 189 16.68 -14.86 -10.04
CA ALA D 189 15.82 -13.72 -10.32
C ALA D 189 16.33 -12.45 -9.66
N LEU D 190 16.66 -12.56 -8.38
CA LEU D 190 17.17 -11.43 -7.61
C LEU D 190 18.43 -10.86 -8.24
N GLU D 191 19.37 -11.71 -8.57
CA GLU D 191 20.64 -11.26 -9.17
C GLU D 191 20.35 -10.54 -10.47
N ALA D 192 19.37 -11.03 -11.22
CA ALA D 192 18.94 -10.36 -12.45
C ALA D 192 18.29 -9.01 -12.14
N SER D 193 17.48 -8.97 -11.09
CA SER D 193 16.82 -7.74 -10.67
C SER D 193 17.84 -6.71 -10.23
N VAL D 194 18.88 -7.17 -9.54
CA VAL D 194 19.97 -6.26 -9.14
C VAL D 194 20.54 -5.51 -10.35
N LYS D 195 20.79 -6.23 -11.44
CA LYS D 195 21.28 -5.58 -12.65
C LYS D 195 20.31 -4.52 -13.24
N TYR D 196 19.01 -4.83 -13.29
CA TYR D 196 18.04 -3.95 -13.92
C TYR D 196 17.81 -2.74 -13.03
N LEU D 197 17.78 -2.99 -11.72
CA LEU D 197 17.72 -1.91 -10.74
C LEU D 197 18.95 -1.02 -10.83
N ALA D 198 20.13 -1.62 -11.07
CA ALA D 198 21.36 -0.82 -11.20
C ALA D 198 21.28 0.17 -12.36
N VAL D 199 20.66 -0.25 -13.47
CA VAL D 199 20.52 0.64 -14.63
C VAL D 199 19.52 1.76 -14.36
N ASP D 200 18.43 1.45 -13.66
CA ASP D 200 17.42 2.43 -13.27
C ASP D 200 17.98 3.51 -12.33
N LEU D 201 18.77 3.09 -11.34
CA LEU D 201 19.13 3.93 -10.20
C LEU D 201 20.52 4.56 -10.26
N GLY D 202 21.37 4.04 -11.14
CA GLY D 202 22.73 4.53 -11.28
C GLY D 202 22.85 5.99 -11.70
N PRO D 203 21.97 6.44 -12.62
CA PRO D 203 22.06 7.85 -13.00
C PRO D 203 21.80 8.83 -11.84
N GLN D 204 21.06 8.41 -10.82
CA GLN D 204 20.95 9.17 -9.57
C GLN D 204 22.10 8.80 -8.59
N ASN D 205 23.13 8.15 -9.11
CA ASN D 205 24.27 7.69 -8.31
C ASN D 205 23.87 6.79 -7.12
N ILE D 206 22.85 5.94 -7.34
CA ILE D 206 22.48 4.89 -6.40
C ILE D 206 22.99 3.54 -6.92
N ARG D 207 23.74 2.86 -6.08
CA ARG D 207 24.38 1.60 -6.44
C ARG D 207 23.53 0.47 -5.91
N VAL D 208 23.49 -0.62 -6.69
CA VAL D 208 22.69 -1.79 -6.33
C VAL D 208 23.56 -3.03 -6.54
N ASN D 209 23.83 -3.72 -5.44
CA ASN D 209 24.76 -4.80 -5.43
C ASN D 209 24.20 -5.93 -4.60
N ALA D 210 24.79 -7.11 -4.78
CA ALA D 210 24.41 -8.26 -4.01
C ALA D 210 25.66 -9.00 -3.53
N ILE D 211 25.61 -9.49 -2.30
CA ILE D 211 26.65 -10.38 -1.79
C ILE D 211 26.17 -11.80 -1.96
N SER D 212 26.91 -12.61 -2.71
CA SER D 212 26.72 -14.07 -2.75
C SER D 212 27.46 -14.72 -1.58
N ALA D 213 26.77 -14.89 -0.46
CA ALA D 213 27.38 -15.38 0.76
C ALA D 213 27.45 -16.90 0.78
N GLY D 214 28.54 -17.45 1.32
CA GLY D 214 28.64 -18.88 1.51
C GLY D 214 27.75 -19.25 2.68
N PRO D 215 27.62 -20.56 2.96
CA PRO D 215 26.78 -21.00 4.07
C PRO D 215 27.45 -20.63 5.38
N ILE D 216 26.65 -20.31 6.39
CA ILE D 216 27.19 -19.88 7.65
C ILE D 216 26.80 -20.85 8.78
N LYS D 217 27.82 -21.31 9.52
CA LYS D 217 27.65 -22.15 10.69
C LYS D 217 26.84 -21.39 11.73
N THR D 218 25.70 -21.95 12.11
CA THR D 218 24.85 -21.38 13.15
C THR D 218 25.03 -22.18 14.45
N LEU D 219 24.90 -21.50 15.59
CA LEU D 219 24.93 -22.18 16.89
C LEU D 219 23.53 -22.61 17.36
N ALA D 220 22.50 -22.15 16.66
CA ALA D 220 21.12 -22.43 17.03
C ALA D 220 20.60 -23.82 16.59
N ALA D 221 19.33 -24.04 16.84
CA ALA D 221 18.63 -25.27 16.48
C ALA D 221 18.38 -25.31 14.97
N GLY D 225 17.61 -29.29 7.01
CA GLY D 225 17.79 -30.63 6.46
C GLY D 225 19.10 -30.74 5.69
N ASP D 226 20.05 -31.51 6.22
CA ASP D 226 21.39 -31.72 5.62
C ASP D 226 22.30 -30.46 5.53
N PHE D 227 22.03 -29.46 6.35
CA PHE D 227 22.83 -28.22 6.35
C PHE D 227 24.26 -28.43 6.89
N ARG D 228 24.41 -29.26 7.93
CA ARG D 228 25.73 -29.57 8.50
C ARG D 228 26.66 -30.15 7.43
N TYR D 229 26.10 -30.99 6.57
CA TYR D 229 26.85 -31.59 5.47
C TYR D 229 27.30 -30.54 4.45
N ILE D 230 26.43 -29.56 4.17
CA ILE D 230 26.75 -28.50 3.20
C ILE D 230 27.89 -27.64 3.73
N LEU D 231 27.82 -27.30 5.01
CA LEU D 231 28.89 -26.58 5.67
C LEU D 231 30.21 -27.32 5.60
N LYS D 232 30.14 -28.63 5.79
CA LYS D 232 31.32 -29.49 5.84
C LYS D 232 32.00 -29.48 4.47
N TRP D 233 31.18 -29.68 3.45
CA TRP D 233 31.64 -29.69 2.07
C TRP D 233 32.38 -28.40 1.76
N ASN D 234 31.83 -27.27 2.20
CA ASN D 234 32.48 -25.99 2.03
C ASN D 234 33.76 -25.89 2.84
N GLU D 235 33.70 -26.38 4.08
CA GLU D 235 34.86 -26.37 4.96
C GLU D 235 36.04 -27.04 4.28
N TYR D 236 35.82 -28.21 3.70
CA TYR D 236 36.88 -29.00 3.10
C TYR D 236 37.24 -28.59 1.66
N ASN D 237 36.31 -27.97 0.94
CA ASN D 237 36.51 -27.69 -0.49
C ASN D 237 36.73 -26.25 -0.90
N ALA D 238 36.21 -25.29 -0.15
CA ALA D 238 36.47 -23.88 -0.42
C ALA D 238 37.96 -23.63 -0.29
N PRO D 239 38.55 -22.89 -1.24
CA PRO D 239 39.95 -22.56 -1.20
C PRO D 239 40.48 -22.20 0.19
N LEU D 240 39.76 -21.34 0.91
CA LEU D 240 40.20 -20.91 2.24
C LEU D 240 39.85 -21.93 3.34
N ARG D 241 39.32 -23.09 2.94
CA ARG D 241 39.15 -24.23 3.85
C ARG D 241 38.39 -23.89 5.12
N ARG D 242 37.44 -22.98 5.00
CA ARG D 242 36.61 -22.56 6.13
C ARG D 242 35.31 -21.96 5.61
N THR D 243 34.28 -22.01 6.43
CA THR D 243 33.04 -21.37 6.07
C THR D 243 33.11 -19.93 6.59
N VAL D 244 32.44 -19.03 5.86
CA VAL D 244 32.46 -17.62 6.21
C VAL D 244 31.59 -17.38 7.43
N THR D 245 31.83 -16.28 8.13
CA THR D 245 31.02 -15.87 9.27
C THR D 245 30.32 -14.56 9.00
N ILE D 246 29.35 -14.22 9.86
CA ILE D 246 28.58 -13.02 9.67
C ILE D 246 29.43 -11.77 9.89
N ASP D 247 30.47 -11.89 10.72
CA ASP D 247 31.47 -10.83 10.83
C ASP D 247 32.19 -10.58 9.50
N GLU D 248 32.56 -11.65 8.81
CA GLU D 248 33.26 -11.53 7.52
C GLU D 248 32.33 -10.97 6.44
N VAL D 249 31.10 -11.43 6.41
CA VAL D 249 30.17 -10.95 5.40
C VAL D 249 29.76 -9.53 5.77
N GLY D 250 29.56 -9.29 7.06
CA GLY D 250 29.31 -7.94 7.56
C GLY D 250 30.28 -6.95 6.96
N ASP D 251 31.56 -7.31 7.01
CA ASP D 251 32.63 -6.47 6.49
C ASP D 251 32.59 -6.27 4.97
N VAL D 252 32.08 -7.27 4.25
CA VAL D 252 31.88 -7.14 2.81
C VAL D 252 30.71 -6.18 2.56
N GLY D 253 29.68 -6.28 3.39
CA GLY D 253 28.55 -5.38 3.33
C GLY D 253 29.01 -3.98 3.63
N LEU D 254 29.83 -3.84 4.67
CA LEU D 254 30.44 -2.55 4.99
C LEU D 254 31.09 -1.94 3.75
N TYR D 255 31.90 -2.75 3.04
CA TYR D 255 32.52 -2.32 1.78
C TYR D 255 31.50 -1.81 0.78
N PHE D 256 30.41 -2.54 0.62
CA PHE D 256 29.37 -2.10 -0.31
C PHE D 256 28.62 -0.85 0.16
N LEU D 257 28.41 -0.72 1.47
CA LEU D 257 27.82 0.49 2.02
C LEU D 257 28.72 1.72 1.88
N SER D 258 30.03 1.53 2.04
CA SER D 258 30.96 2.65 2.03
C SER D 258 31.22 3.18 0.64
N ASP D 259 31.94 4.30 0.61
CA ASP D 259 32.44 4.91 -0.63
C ASP D 259 33.60 4.17 -1.28
N LEU D 260 34.16 3.19 -0.59
CA LEU D 260 35.16 2.31 -1.19
C LEU D 260 34.60 1.67 -2.46
N SER D 261 33.31 1.33 -2.44
CA SER D 261 32.65 0.64 -3.55
C SER D 261 31.86 1.53 -4.51
N ARG D 262 32.18 2.82 -4.56
CA ARG D 262 31.39 3.79 -5.34
C ARG D 262 31.49 3.61 -6.85
N SER D 263 32.52 2.90 -7.32
CA SER D 263 32.61 2.55 -8.73
C SER D 263 31.86 1.25 -9.07
N VAL D 264 31.29 0.60 -8.05
CA VAL D 264 30.79 -0.76 -8.18
C VAL D 264 29.28 -0.80 -8.09
N THR D 265 28.63 -1.20 -9.18
CA THR D 265 27.19 -1.41 -9.15
C THR D 265 26.80 -2.55 -10.08
N GLY D 266 25.63 -3.13 -9.86
CA GLY D 266 25.16 -4.27 -10.68
C GLY D 266 25.85 -5.60 -10.40
N GLU D 267 26.57 -5.68 -9.27
CA GLU D 267 27.59 -6.70 -9.09
C GLU D 267 27.06 -7.76 -8.19
N VAL D 268 27.46 -9.02 -8.43
CA VAL D 268 27.20 -10.11 -7.51
C VAL D 268 28.53 -10.61 -6.99
N HIS D 269 28.78 -10.40 -5.70
CA HIS D 269 30.10 -10.53 -5.09
C HIS D 269 30.13 -11.71 -4.16
N HIS D 270 31.07 -12.62 -4.37
CA HIS D 270 31.09 -13.86 -3.58
C HIS D 270 31.86 -13.63 -2.32
N ALA D 271 31.20 -13.79 -1.19
CA ALA D 271 31.83 -13.80 0.11
C ALA D 271 31.60 -15.21 0.66
N ASP D 272 32.41 -16.14 0.15
CA ASP D 272 32.17 -17.55 0.29
C ASP D 272 33.43 -18.38 0.43
N SER D 273 34.52 -17.73 0.85
CA SER D 273 35.83 -18.38 0.98
C SER D 273 36.31 -18.97 -0.33
N GLY D 274 35.85 -18.40 -1.44
CA GLY D 274 36.23 -18.86 -2.77
C GLY D 274 35.54 -20.10 -3.31
N TYR D 275 34.56 -20.63 -2.57
CA TYR D 275 33.89 -21.86 -2.99
C TYR D 275 33.43 -21.82 -4.45
N HIS D 276 32.97 -20.65 -4.89
CA HIS D 276 32.39 -20.48 -6.22
C HIS D 276 33.32 -20.87 -7.38
N VAL D 277 34.63 -20.88 -7.17
CA VAL D 277 35.57 -21.28 -8.24
C VAL D 277 35.71 -22.78 -8.37
N ILE D 278 35.23 -23.54 -7.39
CA ILE D 278 35.44 -24.97 -7.36
C ILE D 278 34.50 -25.64 -8.34
N GLY D 279 35.07 -26.48 -9.20
CA GLY D 279 34.29 -27.21 -10.20
C GLY D 279 33.96 -28.66 -9.82
N MET D 280 34.72 -29.21 -8.87
CA MET D 280 34.61 -30.61 -8.46
C MET D 280 35.41 -30.86 -7.17
N GLY E 27 -21.34 24.09 51.16
CA GLY E 27 -22.47 23.36 50.50
C GLY E 27 -22.89 24.07 49.21
N LEU E 28 -23.04 23.30 48.15
CA LEU E 28 -23.31 23.83 46.81
C LEU E 28 -24.66 24.56 46.67
N LEU E 29 -25.65 24.18 47.47
CA LEU E 29 -26.93 24.88 47.47
C LEU E 29 -27.18 25.60 48.78
N GLN E 30 -26.11 26.03 49.45
CA GLN E 30 -26.23 26.71 50.74
C GLN E 30 -26.99 28.01 50.55
N GLY E 31 -28.06 28.16 51.33
CA GLY E 31 -28.88 29.35 51.32
C GLY E 31 -29.89 29.40 50.18
N LYS E 32 -30.11 28.26 49.52
CA LYS E 32 -31.01 28.21 48.39
C LYS E 32 -32.27 27.44 48.74
N ARG E 33 -33.37 27.84 48.13
CA ARG E 33 -34.67 27.26 48.38
C ARG E 33 -35.27 26.77 47.09
N GLY E 34 -35.77 25.54 47.11
CA GLY E 34 -36.29 24.96 45.89
C GLY E 34 -37.53 24.16 46.06
N LEU E 35 -38.31 24.08 44.99
CA LEU E 35 -39.53 23.31 44.97
C LEU E 35 -39.29 22.06 44.12
N ILE E 36 -39.63 20.91 44.67
CA ILE E 36 -39.53 19.67 43.95
C ILE E 36 -40.95 19.16 43.74
N LEU E 37 -41.34 19.08 42.48
CA LEU E 37 -42.63 18.51 42.10
C LEU E 37 -42.39 17.11 41.57
N GLY E 38 -43.01 16.13 42.21
CA GLY E 38 -42.97 14.75 41.74
C GLY E 38 -42.48 13.72 42.73
N VAL E 39 -42.24 14.10 43.98
CA VAL E 39 -41.79 13.15 45.01
C VAL E 39 -42.96 12.35 45.60
N ALA E 40 -43.15 11.11 45.14
CA ALA E 40 -44.17 10.21 45.68
C ALA E 40 -43.59 9.07 46.53
N ASN E 41 -42.28 8.89 46.50
CA ASN E 41 -41.63 7.76 47.15
C ASN E 41 -40.12 8.01 47.22
N ASN E 42 -39.40 7.10 47.86
CA ASN E 42 -37.97 7.26 48.00
C ASN E 42 -37.16 6.43 47.02
N ARG E 43 -37.76 6.05 45.87
CA ARG E 43 -37.08 5.30 44.82
C ARG E 43 -37.00 6.04 43.48
N SER E 44 -37.33 7.34 43.49
CA SER E 44 -37.49 8.11 42.26
C SER E 44 -36.35 9.10 42.04
N ILE E 45 -36.19 9.53 40.81
CA ILE E 45 -35.17 10.51 40.47
C ILE E 45 -35.43 11.78 41.25
N ALA E 46 -36.68 12.20 41.29
CA ALA E 46 -37.06 13.38 42.07
C ALA E 46 -36.53 13.25 43.51
N TRP E 47 -36.75 12.09 44.12
CA TRP E 47 -36.20 11.83 45.45
C TRP E 47 -34.68 11.95 45.45
N GLY E 48 -34.04 11.25 44.52
CA GLY E 48 -32.59 11.34 44.34
C GLY E 48 -32.11 12.77 44.25
N ILE E 49 -32.79 13.57 43.44
CA ILE E 49 -32.43 14.97 43.29
C ILE E 49 -32.72 15.70 44.58
N ALA E 50 -33.88 15.48 45.16
CA ALA E 50 -34.21 16.08 46.44
C ALA E 50 -33.17 15.76 47.51
N LYS E 51 -32.79 14.50 47.66
CA LYS E 51 -31.80 14.11 48.67
C LYS E 51 -30.44 14.74 48.39
N ALA E 52 -29.99 14.66 47.15
CA ALA E 52 -28.76 15.35 46.76
C ALA E 52 -28.79 16.83 47.14
N ALA E 53 -29.89 17.52 46.80
CA ALA E 53 -29.99 18.97 47.02
C ALA E 53 -30.06 19.32 48.52
N ARG E 54 -30.78 18.53 49.30
CA ARG E 54 -30.81 18.75 50.75
C ARG E 54 -29.40 18.53 51.32
N GLU E 55 -28.70 17.48 50.88
CA GLU E 55 -27.33 17.21 51.33
C GLU E 55 -26.39 18.36 51.03
N ALA E 56 -26.65 19.08 49.92
CA ALA E 56 -25.89 20.26 49.53
C ALA E 56 -26.35 21.54 50.23
N GLY E 57 -27.26 21.42 51.18
CA GLY E 57 -27.66 22.53 52.04
C GLY E 57 -28.92 23.26 51.63
N ALA E 58 -29.62 22.79 50.61
CA ALA E 58 -30.81 23.48 50.14
C ALA E 58 -31.92 23.29 51.18
N GLU E 59 -32.86 24.22 51.18
CA GLU E 59 -34.13 24.04 51.88
C GLU E 59 -35.15 23.68 50.83
N LEU E 60 -35.93 22.63 51.08
CA LEU E 60 -36.83 22.12 50.07
C LEU E 60 -38.30 22.36 50.40
N ALA E 61 -39.12 22.38 49.34
CA ALA E 61 -40.57 22.32 49.44
C ALA E 61 -41.02 21.20 48.53
N PHE E 62 -41.97 20.37 48.98
CA PHE E 62 -42.56 19.32 48.14
C PHE E 62 -44.06 19.52 48.01
N THR E 63 -44.56 19.33 46.81
CA THR E 63 -45.96 19.16 46.60
C THR E 63 -46.20 17.68 46.70
N TYR E 64 -47.47 17.31 46.79
CA TYR E 64 -47.86 15.93 46.56
C TYR E 64 -48.82 15.95 45.36
N GLN E 65 -48.46 15.19 44.34
CA GLN E 65 -49.07 15.29 43.02
C GLN E 65 -50.10 14.22 42.78
N GLY E 66 -51.20 14.63 42.16
CA GLY E 66 -52.20 13.70 41.66
C GLY E 66 -52.89 12.87 42.72
N ASP E 67 -52.56 11.57 42.75
CA ASP E 67 -53.16 10.61 43.64
C ASP E 67 -52.32 10.39 44.91
N ALA E 68 -51.07 10.84 44.87
CA ALA E 68 -50.15 10.68 46.00
C ALA E 68 -50.81 11.31 47.20
N LEU E 69 -50.69 10.64 48.34
CA LEU E 69 -51.39 11.07 49.51
C LEU E 69 -50.47 11.95 50.36
N LYS E 70 -51.07 12.91 51.06
CA LYS E 70 -50.32 13.76 51.99
C LYS E 70 -49.53 12.89 52.97
N LYS E 71 -50.17 11.81 53.44
CA LYS E 71 -49.57 10.84 54.38
C LYS E 71 -48.28 10.25 53.88
N ARG E 72 -48.24 9.90 52.60
CA ARG E 72 -47.08 9.22 52.02
C ARG E 72 -45.90 10.15 51.81
N VAL E 73 -46.19 11.41 51.50
CA VAL E 73 -45.16 12.43 51.24
C VAL E 73 -44.65 13.11 52.51
N GLU E 74 -45.48 13.19 53.55
CA GLU E 74 -45.09 13.85 54.81
C GLU E 74 -43.78 13.32 55.40
N PRO E 75 -43.62 11.98 55.47
CA PRO E 75 -42.37 11.40 56.00
C PRO E 75 -41.17 11.68 55.11
N LEU E 76 -41.34 11.56 53.80
CA LEU E 76 -40.27 11.86 52.86
C LEU E 76 -39.87 13.32 53.10
N ALA E 77 -40.86 14.20 53.13
CA ALA E 77 -40.62 15.59 53.46
C ALA E 77 -39.86 15.70 54.77
N GLU E 78 -40.40 15.06 55.82
CA GLU E 78 -39.82 15.21 57.17
C GLU E 78 -38.34 14.82 57.17
N GLU E 79 -38.01 13.75 56.45
CA GLU E 79 -36.67 13.23 56.38
C GLU E 79 -35.69 14.23 55.79
N LEU E 80 -36.16 15.04 54.85
CA LEU E 80 -35.32 16.08 54.24
C LEU E 80 -35.63 17.48 54.74
N GLY E 81 -36.40 17.58 55.81
CA GLY E 81 -36.75 18.87 56.39
C GLY E 81 -37.59 19.72 55.44
N ALA E 82 -38.32 19.05 54.55
CA ALA E 82 -39.03 19.72 53.49
C ALA E 82 -40.36 20.28 53.99
N PHE E 83 -40.69 21.48 53.52
CA PHE E 83 -42.00 22.08 53.67
C PHE E 83 -42.94 21.37 52.68
N VAL E 84 -44.11 20.94 53.16
CA VAL E 84 -45.12 20.38 52.27
C VAL E 84 -46.01 21.52 51.81
N ALA E 85 -45.84 21.89 50.54
CA ALA E 85 -46.41 23.11 49.97
C ALA E 85 -47.81 22.91 49.39
N GLY E 86 -48.37 21.69 49.48
CA GLY E 86 -49.75 21.43 49.08
C GLY E 86 -49.89 20.37 48.00
N HIS E 87 -51.13 19.90 47.81
CA HIS E 87 -51.48 19.07 46.69
C HIS E 87 -51.38 19.86 45.39
N CYS E 88 -51.02 19.17 44.32
CA CYS E 88 -50.99 19.80 43.02
C CYS E 88 -51.48 18.84 41.95
N ASP E 89 -52.41 19.34 41.14
CA ASP E 89 -52.86 18.64 39.96
C ASP E 89 -52.58 19.60 38.81
N VAL E 90 -51.62 19.24 37.96
CA VAL E 90 -51.14 20.14 36.93
C VAL E 90 -52.19 20.44 35.88
N ALA E 91 -53.25 19.63 35.84
CA ALA E 91 -54.39 19.90 34.97
C ALA E 91 -55.29 21.01 35.54
N ASP E 92 -55.02 21.42 36.77
CA ASP E 92 -55.82 22.41 37.46
C ASP E 92 -54.93 23.62 37.74
N ALA E 93 -55.17 24.70 37.00
CA ALA E 93 -54.35 25.90 37.09
C ALA E 93 -54.43 26.54 38.47
N ALA E 94 -55.63 26.54 39.07
CA ALA E 94 -55.81 27.13 40.40
C ALA E 94 -54.89 26.46 41.41
N SER E 95 -54.70 25.15 41.20
CA SER E 95 -53.86 24.29 42.01
C SER E 95 -52.40 24.75 42.04
N ILE E 96 -51.87 25.03 40.84
CA ILE E 96 -50.50 25.47 40.69
C ILE E 96 -50.40 26.85 41.31
N ASP E 97 -51.41 27.69 41.10
CA ASP E 97 -51.47 29.01 41.75
C ASP E 97 -51.40 28.90 43.28
N ALA E 98 -52.12 27.93 43.83
CA ALA E 98 -52.14 27.74 45.28
C ALA E 98 -50.76 27.42 45.82
N VAL E 99 -50.09 26.45 45.21
CA VAL E 99 -48.73 26.06 45.61
C VAL E 99 -47.79 27.27 45.63
N PHE E 100 -47.82 28.07 44.56
CA PHE E 100 -46.88 29.18 44.44
C PHE E 100 -47.22 30.36 45.34
N GLU E 101 -48.50 30.60 45.56
CA GLU E 101 -48.95 31.58 46.57
C GLU E 101 -48.47 31.15 47.96
N THR E 102 -48.58 29.88 48.28
CA THR E 102 -48.05 29.37 49.54
C THR E 102 -46.55 29.64 49.70
N LEU E 103 -45.76 29.33 48.66
CA LEU E 103 -44.30 29.52 48.74
C LEU E 103 -43.89 31.00 48.76
N GLU E 104 -44.68 31.85 48.12
CA GLU E 104 -44.47 33.29 48.18
C GLU E 104 -44.68 33.77 49.62
N LYS E 105 -45.81 33.38 50.22
CA LYS E 105 -46.07 33.66 51.64
C LYS E 105 -44.93 33.21 52.55
N LYS E 106 -44.40 32.02 52.32
CA LYS E 106 -43.40 31.45 53.22
C LYS E 106 -41.97 31.96 52.95
N TRP E 107 -41.58 32.03 51.69
CA TRP E 107 -40.19 32.33 51.32
C TRP E 107 -40.05 33.64 50.58
N GLY E 108 -41.06 34.01 49.80
CA GLY E 108 -40.99 35.23 49.00
C GLY E 108 -40.03 35.14 47.81
N LYS E 109 -39.39 34.00 47.65
CA LYS E 109 -38.45 33.79 46.55
C LYS E 109 -38.16 32.30 46.40
N LEU E 110 -37.98 31.86 45.15
CA LEU E 110 -37.53 30.51 44.83
C LEU E 110 -36.19 30.62 44.16
N ASP E 111 -35.31 29.67 44.45
CA ASP E 111 -34.04 29.59 43.74
C ASP E 111 -34.09 28.53 42.66
N PHE E 112 -34.81 27.46 42.88
CA PHE E 112 -34.93 26.43 41.87
C PHE E 112 -36.23 25.66 41.93
N LEU E 113 -36.50 24.95 40.84
CA LEU E 113 -37.70 24.17 40.67
C LEU E 113 -37.30 22.90 39.94
N VAL E 114 -37.60 21.76 40.54
CA VAL E 114 -37.38 20.51 39.88
C VAL E 114 -38.72 19.95 39.46
N HIS E 115 -38.86 19.75 38.16
CA HIS E 115 -40.09 19.32 37.57
C HIS E 115 -39.95 17.87 37.15
N ALA E 116 -40.48 16.97 37.96
CA ALA E 116 -40.38 15.54 37.72
C ALA E 116 -41.76 14.97 37.60
N ILE E 117 -42.53 15.53 36.69
CA ILE E 117 -43.94 15.18 36.50
C ILE E 117 -44.16 14.57 35.12
N GLY E 118 -44.83 13.43 35.08
CA GLY E 118 -45.05 12.76 33.82
C GLY E 118 -46.00 11.60 33.95
N PHE E 119 -47.03 11.60 33.10
CA PHE E 119 -47.97 10.51 33.02
C PHE E 119 -48.29 10.14 31.58
N SER E 120 -48.46 8.84 31.33
CA SER E 120 -49.10 8.36 30.11
C SER E 120 -49.79 7.02 30.37
N ASP E 121 -50.88 6.73 29.67
CA ASP E 121 -51.62 5.49 29.87
C ASP E 121 -50.71 4.27 29.77
N LYS E 122 -50.71 3.45 30.81
CA LYS E 122 -49.87 2.25 30.88
C LYS E 122 -50.18 1.26 29.76
N ASP E 123 -51.46 1.03 29.50
CA ASP E 123 -51.88 0.05 28.48
C ASP E 123 -51.23 0.41 27.14
N GLU E 124 -51.49 1.64 26.69
CA GLU E 124 -51.07 2.11 25.36
C GLU E 124 -49.54 2.13 25.15
N LEU E 125 -48.76 2.16 26.23
CA LEU E 125 -47.31 2.01 26.12
C LEU E 125 -46.87 0.66 25.57
N THR E 126 -47.63 -0.40 25.82
CA THR E 126 -47.29 -1.73 25.30
C THR E 126 -47.84 -2.01 23.90
N GLY E 127 -48.61 -1.07 23.36
CA GLY E 127 -49.14 -1.19 22.01
C GLY E 127 -48.36 -0.37 21.02
N ARG E 128 -48.95 -0.20 19.84
CA ARG E 128 -48.37 0.60 18.79
C ARG E 128 -48.60 2.07 19.03
N TYR E 129 -47.57 2.90 18.81
CA TYR E 129 -47.77 4.34 18.92
C TYR E 129 -48.93 4.80 18.02
N ILE E 130 -49.07 4.18 16.86
CA ILE E 130 -50.10 4.59 15.91
C ILE E 130 -51.51 4.45 16.51
N ASP E 131 -51.64 3.57 17.51
CA ASP E 131 -52.92 3.28 18.17
C ASP E 131 -53.25 4.19 19.35
N THR E 132 -52.39 5.17 19.61
CA THR E 132 -52.60 6.14 20.67
C THR E 132 -53.94 6.85 20.56
N SER E 133 -54.73 6.77 21.63
CA SER E 133 -56.03 7.42 21.64
C SER E 133 -55.83 8.91 21.82
N GLU E 134 -56.82 9.69 21.40
CA GLU E 134 -56.78 11.12 21.55
C GLU E 134 -56.69 11.52 23.02
N ALA E 135 -57.49 10.85 23.84
CA ALA E 135 -57.58 11.18 25.27
C ALA E 135 -56.23 11.02 25.93
N ASN E 136 -55.56 9.90 25.67
CA ASN E 136 -54.21 9.63 26.17
C ASN E 136 -53.20 10.66 25.67
N PHE E 137 -53.19 10.87 24.35
CA PHE E 137 -52.31 11.89 23.73
C PHE E 137 -52.44 13.22 24.43
N THR E 138 -53.67 13.65 24.56
CA THR E 138 -53.94 14.97 25.09
C THR E 138 -53.56 15.05 26.56
N ASN E 139 -53.87 14.01 27.32
CA ASN E 139 -53.59 13.99 28.75
C ASN E 139 -52.10 13.92 29.00
N THR E 140 -51.43 13.02 28.29
CA THR E 140 -49.97 12.90 28.38
C THR E 140 -49.30 14.22 28.09
N MET E 141 -49.74 14.91 27.04
CA MET E 141 -49.13 16.21 26.69
C MET E 141 -49.37 17.24 27.78
N LEU E 142 -50.60 17.36 28.26
CA LEU E 142 -50.91 18.32 29.34
C LEU E 142 -50.04 18.09 30.57
N ILE E 143 -50.06 16.86 31.07
CA ILE E 143 -49.39 16.53 32.31
C ILE E 143 -47.86 16.51 32.17
N SER E 144 -47.35 15.99 31.06
CA SER E 144 -45.92 15.76 30.90
C SER E 144 -45.20 16.93 30.26
N VAL E 145 -45.91 17.75 29.50
CA VAL E 145 -45.28 18.84 28.77
C VAL E 145 -45.77 20.23 29.21
N TYR E 146 -47.06 20.52 29.05
CA TYR E 146 -47.58 21.85 29.42
C TYR E 146 -47.29 22.19 30.88
N SER E 147 -47.26 21.17 31.72
CA SER E 147 -47.06 21.35 33.16
C SER E 147 -45.79 22.08 33.54
N LEU E 148 -44.71 21.85 32.78
CA LEU E 148 -43.46 22.57 33.02
C LEU E 148 -43.56 24.04 32.64
N THR E 149 -44.30 24.33 31.58
CA THR E 149 -44.52 25.71 31.17
C THR E 149 -45.46 26.36 32.19
N ALA E 150 -46.58 25.69 32.48
CA ALA E 150 -47.45 26.13 33.55
C ALA E 150 -46.70 26.43 34.84
N VAL E 151 -45.90 25.49 35.36
CA VAL E 151 -45.24 25.78 36.63
C VAL E 151 -44.09 26.77 36.49
N SER E 152 -43.45 26.81 35.31
CA SER E 152 -42.39 27.81 35.09
C SER E 152 -42.92 29.22 35.08
N ARG E 153 -44.14 29.42 34.58
CA ARG E 153 -44.75 30.73 34.51
C ARG E 153 -44.94 31.33 35.93
N ARG E 154 -45.40 30.51 36.86
CA ARG E 154 -45.55 30.96 38.25
C ARG E 154 -44.22 31.12 38.96
N ALA E 155 -43.28 30.20 38.71
CA ALA E 155 -41.98 30.25 39.38
C ALA E 155 -41.19 31.48 38.97
N GLU E 156 -41.46 31.99 37.77
CA GLU E 156 -40.79 33.18 37.24
C GLU E 156 -40.94 34.37 38.19
N LYS E 157 -42.14 34.56 38.72
CA LYS E 157 -42.43 35.71 39.58
C LYS E 157 -41.63 35.61 40.86
N LEU E 158 -41.42 34.40 41.34
CA LEU E 158 -40.69 34.18 42.59
C LEU E 158 -39.18 34.07 42.38
N MET E 159 -38.71 34.18 41.14
CA MET E 159 -37.30 33.97 40.82
C MET E 159 -36.63 35.21 40.22
N ALA E 160 -36.96 36.38 40.75
CA ALA E 160 -36.45 37.62 40.15
C ALA E 160 -34.95 37.81 40.36
N ASP E 161 -34.37 37.11 41.33
CA ASP E 161 -32.90 37.03 41.47
C ASP E 161 -32.25 35.91 40.61
N GLY E 162 -32.99 35.38 39.65
CA GLY E 162 -32.49 34.30 38.83
C GLY E 162 -32.67 32.96 39.49
N GLY E 163 -32.27 31.89 38.82
CA GLY E 163 -32.45 30.56 39.37
C GLY E 163 -32.35 29.46 38.34
N SER E 164 -32.70 28.25 38.76
CA SER E 164 -32.56 27.09 37.90
C SER E 164 -33.83 26.27 37.91
N ILE E 165 -34.35 26.02 36.71
CA ILE E 165 -35.51 25.18 36.49
C ILE E 165 -35.02 23.91 35.80
N LEU E 166 -35.42 22.76 36.34
CA LEU E 166 -34.92 21.48 35.92
C LEU E 166 -36.07 20.54 35.65
N THR E 167 -35.98 19.81 34.54
CA THR E 167 -36.97 18.79 34.22
C THR E 167 -36.24 17.53 33.79
N LEU E 168 -37.02 16.47 33.60
CA LEU E 168 -36.50 15.15 33.31
C LEU E 168 -37.02 14.67 31.98
N THR E 169 -36.17 14.01 31.21
CA THR E 169 -36.55 13.49 29.92
C THR E 169 -35.89 12.12 29.70
N TYR E 170 -35.96 11.63 28.48
CA TYR E 170 -35.50 10.30 28.17
C TYR E 170 -35.19 10.25 26.68
N TYR E 171 -34.23 9.41 26.34
CA TYR E 171 -33.70 9.33 24.98
C TYR E 171 -34.80 8.98 23.99
N GLY E 172 -35.85 8.33 24.49
CA GLY E 172 -37.08 8.11 23.73
C GLY E 172 -37.62 9.35 23.03
N ALA E 173 -37.23 10.54 23.48
CA ALA E 173 -37.60 11.78 22.79
C ALA E 173 -36.84 12.01 21.47
N GLU E 174 -35.63 11.47 21.37
CA GLU E 174 -34.71 11.69 20.24
C GLU E 174 -34.74 10.55 19.24
N LYS E 175 -34.78 9.33 19.78
CA LYS E 175 -34.83 8.11 18.99
C LYS E 175 -36.04 7.28 19.45
N VAL E 176 -36.53 6.42 18.57
CA VAL E 176 -37.60 5.52 18.92
C VAL E 176 -37.09 4.46 19.90
N MET E 177 -37.76 4.38 21.04
CA MET E 177 -37.45 3.42 22.08
C MET E 177 -38.69 2.60 22.41
N PRO E 178 -38.48 1.38 22.93
CA PRO E 178 -39.56 0.47 23.27
C PRO E 178 -40.43 0.97 24.41
N ASN E 179 -41.71 0.60 24.37
CA ASN E 179 -42.67 0.87 25.43
C ASN E 179 -42.73 2.33 25.83
N TYR E 180 -42.64 3.24 24.86
CA TYR E 180 -42.61 4.67 25.14
C TYR E 180 -43.64 5.43 24.31
N ASN E 181 -43.73 5.13 23.02
CA ASN E 181 -44.80 5.63 22.19
C ASN E 181 -45.08 7.15 22.39
N VAL E 182 -46.28 7.49 22.87
CA VAL E 182 -46.67 8.88 22.95
C VAL E 182 -45.85 9.64 23.99
N MET E 183 -45.29 8.93 24.97
CA MET E 183 -44.37 9.60 25.91
C MET E 183 -43.12 10.08 25.17
N GLY E 184 -42.69 9.36 24.13
CA GLY E 184 -41.56 9.80 23.32
C GLY E 184 -41.86 11.12 22.65
N VAL E 185 -43.05 11.17 22.05
CA VAL E 185 -43.55 12.36 21.41
C VAL E 185 -43.67 13.47 22.43
N ALA E 186 -44.25 13.17 23.60
CA ALA E 186 -44.37 14.15 24.69
C ALA E 186 -42.99 14.69 25.10
N LYS E 187 -42.03 13.81 25.24
CA LYS E 187 -40.73 14.23 25.71
C LYS E 187 -39.97 15.01 24.66
N ALA E 188 -40.23 14.78 23.38
CA ALA E 188 -39.63 15.61 22.31
C ALA E 188 -40.10 17.02 22.50
N ALA E 189 -41.41 17.14 22.73
CA ALA E 189 -42.09 18.39 22.96
C ALA E 189 -41.53 19.10 24.20
N LEU E 190 -41.38 18.35 25.28
CA LEU E 190 -40.84 18.91 26.51
C LEU E 190 -39.45 19.49 26.27
N GLU E 191 -38.61 18.75 25.54
CA GLU E 191 -37.23 19.21 25.30
C GLU E 191 -37.25 20.48 24.46
N ALA E 192 -38.12 20.51 23.44
CA ALA E 192 -38.34 21.76 22.68
C ALA E 192 -38.81 22.87 23.61
N SER E 193 -39.69 22.56 24.56
CA SER E 193 -40.21 23.59 25.47
C SER E 193 -39.11 24.11 26.39
N VAL E 194 -38.19 23.23 26.77
CA VAL E 194 -37.03 23.64 27.53
C VAL E 194 -36.25 24.71 26.76
N LYS E 195 -36.12 24.55 25.46
CA LYS E 195 -35.45 25.57 24.63
C LYS E 195 -36.21 26.90 24.63
N TYR E 196 -37.51 26.84 24.42
CA TYR E 196 -38.30 28.08 24.36
C TYR E 196 -38.33 28.77 25.72
N LEU E 197 -38.52 28.01 26.78
CA LEU E 197 -38.51 28.60 28.12
C LEU E 197 -37.17 29.23 28.46
N ALA E 198 -36.07 28.64 27.97
CA ALA E 198 -34.74 29.15 28.28
C ALA E 198 -34.56 30.54 27.71
N VAL E 199 -35.12 30.76 26.53
CA VAL E 199 -35.09 32.07 25.91
C VAL E 199 -35.96 33.10 26.64
N ASP E 200 -37.16 32.73 27.09
CA ASP E 200 -38.01 33.67 27.84
C ASP E 200 -37.41 34.00 29.18
N LEU E 201 -36.88 33.00 29.89
CA LEU E 201 -36.41 33.20 31.28
C LEU E 201 -34.95 33.57 31.44
N GLY E 202 -34.16 33.45 30.38
CA GLY E 202 -32.74 33.71 30.47
C GLY E 202 -32.37 35.14 30.79
N PRO E 203 -33.07 36.12 30.19
CA PRO E 203 -32.70 37.49 30.53
C PRO E 203 -32.89 37.79 32.01
N GLN E 204 -33.75 37.03 32.68
CA GLN E 204 -33.88 37.15 34.14
C GLN E 204 -32.89 36.26 34.89
N ASN E 205 -31.88 35.73 34.20
CA ASN E 205 -30.91 34.83 34.81
C ASN E 205 -31.54 33.57 35.45
N ILE E 206 -32.68 33.16 34.89
CA ILE E 206 -33.28 31.88 35.22
C ILE E 206 -32.91 30.91 34.08
N ARG E 207 -32.34 29.78 34.45
CA ARG E 207 -31.89 28.77 33.50
C ARG E 207 -32.90 27.62 33.45
N VAL E 208 -33.07 27.02 32.29
CA VAL E 208 -34.00 25.91 32.13
C VAL E 208 -33.27 24.78 31.42
N ASN E 209 -33.25 23.62 32.07
CA ASN E 209 -32.51 22.49 31.54
C ASN E 209 -33.31 21.22 31.75
N ALA E 210 -32.90 20.17 31.05
CA ALA E 210 -33.46 18.84 31.24
C ALA E 210 -32.36 17.80 31.39
N ILE E 211 -32.61 16.79 32.24
CA ILE E 211 -31.73 15.63 32.34
C ILE E 211 -32.43 14.47 31.64
N SER E 212 -31.76 13.91 30.65
CA SER E 212 -32.27 12.75 29.93
C SER E 212 -31.71 11.54 30.64
N ALA E 213 -32.52 10.92 31.48
CA ALA E 213 -32.02 9.88 32.37
C ALA E 213 -32.07 8.53 31.67
N GLY E 214 -31.07 7.69 31.88
CA GLY E 214 -31.18 6.31 31.48
C GLY E 214 -32.21 5.64 32.37
N PRO E 215 -32.68 4.44 31.97
CA PRO E 215 -33.62 3.70 32.78
C PRO E 215 -32.98 3.23 34.08
N ILE E 216 -33.76 3.24 35.15
CA ILE E 216 -33.25 2.97 36.49
C ILE E 216 -33.89 1.71 37.08
N LYS E 217 -33.07 0.88 37.73
CA LYS E 217 -33.53 -0.40 38.29
C LYS E 217 -34.40 -0.18 39.50
N THR E 218 -35.52 -0.89 39.56
CA THR E 218 -36.46 -0.81 40.70
C THR E 218 -37.29 -2.10 40.75
N GLY E 225 -44.80 -3.43 30.37
CA GLY E 225 -43.91 -4.57 30.51
C GLY E 225 -42.51 -4.26 30.01
N ASP E 226 -41.80 -5.32 29.61
CA ASP E 226 -40.49 -5.26 28.92
C ASP E 226 -39.37 -4.39 29.55
N PHE E 227 -39.57 -3.91 30.78
CA PHE E 227 -38.58 -3.06 31.43
C PHE E 227 -37.29 -3.80 31.80
N ARG E 228 -37.40 -5.07 32.18
CA ARG E 228 -36.21 -5.85 32.53
C ARG E 228 -35.24 -5.98 31.33
N TYR E 229 -35.79 -6.22 30.13
CA TYR E 229 -35.01 -6.25 28.88
C TYR E 229 -34.27 -4.94 28.67
N ILE E 230 -34.97 -3.84 28.86
CA ILE E 230 -34.44 -2.49 28.62
C ILE E 230 -33.28 -2.17 29.58
N LEU E 231 -33.47 -2.50 30.86
CA LEU E 231 -32.41 -2.36 31.85
C LEU E 231 -31.19 -3.19 31.45
N LYS E 232 -31.43 -4.43 31.03
CA LYS E 232 -30.36 -5.34 30.64
C LYS E 232 -29.70 -4.84 29.36
N TRP E 233 -30.51 -4.36 28.42
CA TRP E 233 -29.96 -3.75 27.21
C TRP E 233 -28.93 -2.67 27.55
N ASN E 234 -29.32 -1.73 28.39
CA ASN E 234 -28.42 -0.65 28.80
C ASN E 234 -27.23 -1.20 29.57
N GLU E 235 -27.51 -2.07 30.53
CA GLU E 235 -26.46 -2.78 31.27
C GLU E 235 -25.35 -3.24 30.32
N TYR E 236 -25.71 -3.89 29.23
CA TYR E 236 -24.72 -4.49 28.34
C TYR E 236 -24.14 -3.57 27.29
N ASN E 237 -24.93 -2.62 26.81
CA ASN E 237 -24.53 -1.79 25.67
C ASN E 237 -24.14 -0.35 26.00
N ALA E 238 -24.50 0.15 27.19
CA ALA E 238 -24.06 1.48 27.58
C ALA E 238 -22.56 1.44 27.87
N PRO E 239 -21.82 2.45 27.41
CA PRO E 239 -20.39 2.56 27.66
C PRO E 239 -19.97 2.19 29.07
N LEU E 240 -20.63 2.73 30.08
CA LEU E 240 -20.26 2.43 31.45
C LEU E 240 -20.74 1.05 31.93
N ARG E 241 -21.46 0.32 31.08
CA ARG E 241 -21.87 -1.07 31.36
C ARG E 241 -22.63 -1.20 32.67
N ARG E 242 -23.46 -0.21 32.94
CA ARG E 242 -24.34 -0.25 34.09
C ARG E 242 -25.48 0.73 33.83
N THR E 243 -26.59 0.48 34.47
CA THR E 243 -27.70 1.40 34.46
C THR E 243 -27.45 2.43 35.56
N VAL E 244 -27.97 3.64 35.38
CA VAL E 244 -27.70 4.74 36.30
C VAL E 244 -28.55 4.56 37.54
N THR E 245 -28.18 5.22 38.63
CA THR E 245 -29.00 5.20 39.85
C THR E 245 -29.60 6.59 40.13
N ILE E 246 -30.57 6.63 41.05
CA ILE E 246 -31.20 7.89 41.43
C ILE E 246 -30.18 8.83 42.07
N ASP E 247 -29.21 8.25 42.78
CA ASP E 247 -28.15 9.04 43.42
C ASP E 247 -27.24 9.64 42.36
N GLU E 248 -26.95 8.88 41.32
CA GLU E 248 -26.11 9.39 40.24
C GLU E 248 -26.81 10.54 39.53
N VAL E 249 -28.07 10.31 39.19
CA VAL E 249 -28.88 11.32 38.53
C VAL E 249 -29.14 12.49 39.49
N GLY E 250 -29.23 12.18 40.77
CA GLY E 250 -29.38 13.21 41.80
C GLY E 250 -28.26 14.23 41.79
N ASP E 251 -27.03 13.73 41.67
CA ASP E 251 -25.87 14.61 41.58
C ASP E 251 -25.80 15.38 40.27
N VAL E 252 -26.25 14.81 39.16
CA VAL E 252 -26.41 15.61 37.96
C VAL E 252 -27.46 16.70 38.23
N GLY E 253 -28.52 16.31 38.94
CA GLY E 253 -29.52 17.28 39.32
C GLY E 253 -28.90 18.40 40.13
N LEU E 254 -28.05 18.03 41.08
CA LEU E 254 -27.39 18.97 41.97
C LEU E 254 -26.59 19.99 41.17
N TYR E 255 -25.82 19.48 40.22
CA TYR E 255 -25.06 20.32 39.30
C TYR E 255 -25.95 21.38 38.65
N PHE E 256 -27.08 20.96 38.11
CA PHE E 256 -27.94 21.92 37.41
C PHE E 256 -28.56 22.96 38.35
N LEU E 257 -28.86 22.55 39.56
CA LEU E 257 -29.49 23.43 40.53
C LEU E 257 -28.48 24.43 41.06
N SER E 258 -27.20 24.04 41.01
CA SER E 258 -26.11 24.78 41.60
C SER E 258 -25.55 25.79 40.62
N ASP E 259 -24.69 26.65 41.15
CA ASP E 259 -24.02 27.69 40.35
C ASP E 259 -22.91 27.15 39.46
N LEU E 260 -22.50 25.91 39.68
CA LEU E 260 -21.57 25.25 38.76
C LEU E 260 -22.05 25.33 37.31
N SER E 261 -23.37 25.27 37.13
CA SER E 261 -23.99 25.24 35.81
C SER E 261 -24.60 26.59 35.38
N ARG E 262 -24.10 27.68 35.95
CA ARG E 262 -24.73 28.99 35.72
C ARG E 262 -24.58 29.47 34.27
N SER E 263 -23.58 28.93 33.55
CA SER E 263 -23.43 29.19 32.11
C SER E 263 -24.33 28.31 31.24
N VAL E 264 -25.11 27.44 31.85
CA VAL E 264 -25.81 26.38 31.09
C VAL E 264 -27.32 26.48 31.10
N THR E 265 -27.90 26.65 29.93
CA THR E 265 -29.36 26.67 29.84
C THR E 265 -29.82 26.18 28.48
N GLY E 266 -31.07 25.74 28.41
CA GLY E 266 -31.65 25.25 27.18
C GLY E 266 -31.11 23.89 26.78
N GLU E 267 -30.56 23.17 27.75
CA GLU E 267 -29.73 22.00 27.48
C GLU E 267 -30.43 20.70 27.86
N VAL E 268 -30.27 19.69 27.03
CA VAL E 268 -30.71 18.34 27.35
C VAL E 268 -29.46 17.49 27.54
N HIS E 269 -29.28 17.03 28.77
CA HIS E 269 -28.06 16.45 29.26
C HIS E 269 -28.34 15.00 29.63
N HIS E 270 -27.56 14.08 29.07
CA HIS E 270 -27.77 12.65 29.28
C HIS E 270 -27.04 12.15 30.52
N ALA E 271 -27.80 11.63 31.48
CA ALA E 271 -27.29 10.91 32.63
C ALA E 271 -27.74 9.49 32.43
N ASP E 272 -27.01 8.77 31.58
CA ASP E 272 -27.48 7.48 31.05
C ASP E 272 -26.33 6.52 30.75
N SER E 273 -25.19 6.70 31.42
CA SER E 273 -24.05 5.81 31.27
C SER E 273 -23.53 5.83 29.84
N GLY E 274 -23.78 6.95 29.16
CA GLY E 274 -23.38 7.13 27.78
C GLY E 274 -24.16 6.38 26.73
N TYR E 275 -25.32 5.83 27.09
CA TYR E 275 -26.09 5.02 26.14
C TYR E 275 -26.41 5.77 24.83
N HIS E 276 -26.70 7.06 24.93
CA HIS E 276 -27.15 7.85 23.78
C HIS E 276 -26.18 7.85 22.59
N VAL E 277 -24.91 7.58 22.82
CA VAL E 277 -23.95 7.50 21.71
C VAL E 277 -24.07 6.22 20.88
N ILE E 278 -24.73 5.20 21.41
CA ILE E 278 -24.68 3.87 20.79
C ILE E 278 -25.65 3.79 19.65
N GLY E 279 -25.10 3.62 18.45
CA GLY E 279 -25.92 3.48 17.26
C GLY E 279 -26.37 2.05 16.99
N MET E 280 -25.77 1.10 17.71
CA MET E 280 -25.96 -0.32 17.48
C MET E 280 -25.25 -1.10 18.59
N GLY F 27 -36.07 13.28 -19.04
CA GLY F 27 -35.04 12.84 -18.06
C GLY F 27 -34.78 13.93 -17.04
N LEU F 28 -34.77 13.58 -15.76
CA LEU F 28 -34.50 14.57 -14.71
C LEU F 28 -33.16 15.30 -14.86
N LEU F 29 -32.15 14.60 -15.37
CA LEU F 29 -30.83 15.18 -15.56
C LEU F 29 -30.54 15.47 -17.04
N GLN F 30 -31.59 15.70 -17.82
CA GLN F 30 -31.42 15.94 -19.26
C GLN F 30 -30.53 17.15 -19.50
N GLY F 31 -29.43 16.93 -20.21
CA GLY F 31 -28.54 17.99 -20.60
C GLY F 31 -27.63 18.46 -19.49
N LYS F 32 -27.33 17.57 -18.55
CA LYS F 32 -26.44 17.89 -17.47
C LYS F 32 -25.20 17.05 -17.57
N ARG F 33 -24.06 17.65 -17.23
CA ARG F 33 -22.78 16.97 -17.26
C ARG F 33 -22.26 16.89 -15.84
N GLY F 34 -21.72 15.73 -15.47
CA GLY F 34 -21.26 15.56 -14.10
C GLY F 34 -20.12 14.60 -13.92
N LEU F 35 -19.32 14.89 -12.91
CA LEU F 35 -18.17 14.08 -12.55
C LEU F 35 -18.55 13.14 -11.41
N ILE F 36 -18.26 11.85 -11.57
CA ILE F 36 -18.40 10.90 -10.49
C ILE F 36 -17.05 10.34 -10.12
N LEU F 37 -16.64 10.62 -8.90
CA LEU F 37 -15.38 10.14 -8.35
C LEU F 37 -15.66 9.02 -7.38
N GLY F 38 -14.96 7.91 -7.55
CA GLY F 38 -15.08 6.76 -6.66
C GLY F 38 -15.62 5.51 -7.33
N VAL F 39 -16.00 5.59 -8.60
CA VAL F 39 -16.42 4.42 -9.36
C VAL F 39 -15.24 3.44 -9.55
N ALA F 40 -15.33 2.28 -8.90
CA ALA F 40 -14.29 1.25 -8.95
C ALA F 40 -14.81 -0.11 -9.45
N ASN F 41 -16.12 -0.29 -9.40
CA ASN F 41 -16.77 -1.55 -9.74
C ASN F 41 -18.26 -1.28 -9.95
N ASN F 42 -19.09 -2.31 -10.10
CA ASN F 42 -20.53 -2.05 -10.41
C ASN F 42 -21.50 -2.43 -9.29
N ARG F 43 -21.01 -2.47 -8.06
CA ARG F 43 -21.83 -2.85 -6.93
C ARG F 43 -21.72 -1.83 -5.77
N SER F 44 -21.34 -0.59 -6.11
CA SER F 44 -21.10 0.47 -5.15
C SER F 44 -22.18 1.52 -5.30
N ILE F 45 -22.42 2.28 -4.24
CA ILE F 45 -23.30 3.44 -4.33
C ILE F 45 -22.90 4.35 -5.49
N ALA F 46 -21.60 4.59 -5.63
CA ALA F 46 -21.07 5.42 -6.71
C ALA F 46 -21.66 5.01 -8.03
N TRP F 47 -21.49 3.73 -8.37
CA TRP F 47 -22.03 3.16 -9.59
C TRP F 47 -23.53 3.30 -9.64
N GLY F 48 -24.16 3.01 -8.52
CA GLY F 48 -25.62 3.16 -8.42
C GLY F 48 -26.09 4.54 -8.80
N ILE F 49 -25.40 5.58 -8.30
CA ILE F 49 -25.76 6.97 -8.62
C ILE F 49 -25.47 7.26 -10.11
N ALA F 50 -24.28 6.85 -10.58
CA ALA F 50 -23.92 7.01 -11.99
C ALA F 50 -24.96 6.40 -12.92
N LYS F 51 -25.29 5.15 -12.67
CA LYS F 51 -26.29 4.43 -13.46
C LYS F 51 -27.60 5.19 -13.52
N ALA F 52 -28.12 5.59 -12.36
CA ALA F 52 -29.39 6.30 -12.30
C ALA F 52 -29.27 7.69 -12.92
N ALA F 53 -28.12 8.35 -12.74
CA ALA F 53 -27.90 9.65 -13.35
C ALA F 53 -27.89 9.48 -14.87
N ARG F 54 -27.15 8.48 -15.33
CA ARG F 54 -27.11 8.17 -16.75
C ARG F 54 -28.50 7.83 -17.28
N GLU F 55 -29.22 6.93 -16.60
CA GLU F 55 -30.58 6.55 -17.04
C GLU F 55 -31.53 7.75 -17.08
N ALA F 56 -31.22 8.79 -16.31
CA ALA F 56 -31.97 10.04 -16.35
C ALA F 56 -31.42 11.05 -17.39
N GLY F 57 -30.54 10.61 -18.26
CA GLY F 57 -30.04 11.48 -19.34
C GLY F 57 -28.86 12.37 -19.01
N ALA F 58 -28.11 12.05 -17.96
CA ALA F 58 -26.91 12.81 -17.63
C ALA F 58 -25.75 12.31 -18.47
N GLU F 59 -24.85 13.20 -18.85
CA GLU F 59 -23.57 12.77 -19.41
C GLU F 59 -22.58 12.72 -18.24
N LEU F 60 -21.82 11.64 -18.16
CA LEU F 60 -20.98 11.34 -17.00
C LEU F 60 -19.50 11.41 -17.33
N ALA F 61 -18.70 11.70 -16.30
CA ALA F 61 -17.25 11.57 -16.37
C ALA F 61 -16.77 10.79 -15.14
N PHE F 62 -15.91 9.81 -15.34
CA PHE F 62 -15.33 9.03 -14.23
C PHE F 62 -13.84 9.28 -14.10
N THR F 63 -13.36 9.19 -12.87
CA THR F 63 -11.94 9.24 -12.57
C THR F 63 -11.49 7.84 -12.13
N TYR F 64 -10.18 7.70 -11.91
CA TYR F 64 -9.63 6.45 -11.38
C TYR F 64 -8.35 6.77 -10.59
N GLN F 65 -7.81 5.76 -9.93
CA GLN F 65 -6.58 5.91 -9.17
C GLN F 65 -5.65 4.72 -9.43
N GLY F 66 -4.75 4.89 -10.40
CA GLY F 66 -3.70 3.92 -10.70
C GLY F 66 -3.94 3.22 -12.02
N ASP F 67 -2.89 2.60 -12.57
CA ASP F 67 -3.03 1.80 -13.79
C ASP F 67 -4.01 0.64 -13.56
N ALA F 68 -4.00 0.08 -12.36
CA ALA F 68 -4.82 -1.09 -12.04
C ALA F 68 -6.31 -0.75 -12.14
N LEU F 69 -6.70 0.36 -11.54
CA LEU F 69 -8.10 0.75 -11.46
C LEU F 69 -8.62 1.26 -12.82
N LYS F 70 -7.72 1.81 -13.64
CA LYS F 70 -8.07 2.30 -14.98
C LYS F 70 -8.71 1.20 -15.84
N LYS F 71 -8.14 -0.01 -15.77
CA LYS F 71 -8.67 -1.15 -16.53
C LYS F 71 -10.10 -1.55 -16.08
N ARG F 72 -10.41 -1.38 -14.79
CA ARG F 72 -11.79 -1.62 -14.30
C ARG F 72 -12.76 -0.51 -14.70
N VAL F 73 -12.30 0.74 -14.64
CA VAL F 73 -13.16 1.90 -14.89
C VAL F 73 -13.52 2.13 -16.36
N GLU F 74 -12.58 1.84 -17.26
CA GLU F 74 -12.80 2.02 -18.70
C GLU F 74 -14.13 1.40 -19.19
N PRO F 75 -14.30 0.08 -19.01
CA PRO F 75 -15.52 -0.60 -19.48
C PRO F 75 -16.78 -0.27 -18.69
N LEU F 76 -16.63 0.02 -17.39
CA LEU F 76 -17.74 0.57 -16.60
C LEU F 76 -18.19 1.91 -17.18
N ALA F 77 -17.23 2.71 -17.62
CA ALA F 77 -17.53 4.01 -18.22
C ALA F 77 -18.21 3.85 -19.58
N GLU F 78 -17.71 2.91 -20.39
CA GLU F 78 -18.29 2.63 -21.72
C GLU F 78 -19.77 2.25 -21.60
N GLU F 79 -20.09 1.43 -20.61
CA GLU F 79 -21.45 0.99 -20.35
C GLU F 79 -22.45 2.13 -20.20
N LEU F 80 -22.01 3.21 -19.56
CA LEU F 80 -22.85 4.39 -19.34
C LEU F 80 -22.46 5.56 -20.26
N GLY F 81 -21.52 5.29 -21.19
CA GLY F 81 -21.14 6.25 -22.22
C GLY F 81 -20.37 7.43 -21.65
N ALA F 82 -19.61 7.15 -20.60
CA ALA F 82 -18.96 8.17 -19.79
C ALA F 82 -17.52 8.44 -20.25
N PHE F 83 -17.11 9.70 -20.08
CA PHE F 83 -15.75 10.13 -20.35
C PHE F 83 -14.83 9.71 -19.20
N VAL F 84 -13.68 9.14 -19.51
CA VAL F 84 -12.67 8.87 -18.50
C VAL F 84 -11.80 10.12 -18.40
N ALA F 85 -11.90 10.82 -17.26
CA ALA F 85 -11.26 12.13 -17.09
C ALA F 85 -9.82 12.01 -16.66
N GLY F 86 -9.43 10.81 -16.22
CA GLY F 86 -8.04 10.50 -15.98
C GLY F 86 -7.74 10.10 -14.56
N HIS F 87 -6.45 10.03 -14.26
CA HIS F 87 -5.96 9.62 -12.96
C HIS F 87 -6.22 10.73 -11.95
N CYS F 88 -6.59 10.33 -10.75
CA CYS F 88 -6.96 11.27 -9.73
C CYS F 88 -6.64 10.71 -8.35
N ASP F 89 -5.54 11.16 -7.76
CA ASP F 89 -5.18 10.88 -6.38
C ASP F 89 -5.47 12.14 -5.59
N VAL F 90 -6.48 12.05 -4.73
CA VAL F 90 -7.01 13.19 -4.00
C VAL F 90 -6.06 13.62 -2.86
N ALA F 91 -4.79 13.18 -2.94
CA ALA F 91 -3.70 13.60 -2.04
C ALA F 91 -2.48 14.18 -2.79
N ASP F 92 -2.44 14.02 -4.12
CA ASP F 92 -1.53 14.74 -5.02
C ASP F 92 -2.34 15.84 -5.71
N ALA F 93 -2.10 17.09 -5.31
CA ALA F 93 -2.86 18.23 -5.82
C ALA F 93 -2.80 18.34 -7.35
N ALA F 94 -1.63 18.10 -7.93
CA ALA F 94 -1.46 18.18 -9.39
C ALA F 94 -2.49 17.35 -10.16
N SER F 95 -2.74 16.12 -9.71
CA SER F 95 -3.67 15.22 -10.41
C SER F 95 -5.10 15.77 -10.43
N ILE F 96 -5.54 16.43 -9.36
CA ILE F 96 -6.88 17.01 -9.30
C ILE F 96 -7.00 18.17 -10.27
N ASP F 97 -5.96 19.00 -10.32
CA ASP F 97 -5.90 20.10 -11.27
C ASP F 97 -6.01 19.55 -12.70
N ALA F 98 -5.25 18.49 -12.99
CA ALA F 98 -5.22 17.93 -14.35
C ALA F 98 -6.58 17.42 -14.77
N VAL F 99 -7.26 16.69 -13.86
CA VAL F 99 -8.61 16.19 -14.15
C VAL F 99 -9.57 17.32 -14.49
N PHE F 100 -9.63 18.31 -13.62
CA PHE F 100 -10.55 19.43 -13.83
C PHE F 100 -10.16 20.31 -15.02
N GLU F 101 -8.86 20.47 -15.26
CA GLU F 101 -8.39 21.09 -16.50
C GLU F 101 -8.97 20.34 -17.71
N THR F 102 -8.86 19.01 -17.70
CA THR F 102 -9.43 18.14 -18.76
C THR F 102 -10.93 18.34 -18.95
N LEU F 103 -11.68 18.41 -17.84
CA LEU F 103 -13.13 18.69 -17.91
C LEU F 103 -13.44 20.08 -18.42
N GLU F 104 -12.62 21.06 -18.05
CA GLU F 104 -12.79 22.43 -18.56
C GLU F 104 -12.58 22.48 -20.08
N LYS F 105 -11.55 21.77 -20.57
CA LYS F 105 -11.32 21.67 -22.02
C LYS F 105 -12.51 20.98 -22.68
N LYS F 106 -12.85 19.79 -22.19
CA LYS F 106 -13.89 18.98 -22.83
C LYS F 106 -15.30 19.56 -22.75
N TRP F 107 -15.69 20.04 -21.57
CA TRP F 107 -17.08 20.44 -21.31
C TRP F 107 -17.32 21.93 -21.06
N GLY F 108 -16.30 22.64 -20.60
CA GLY F 108 -16.48 24.03 -20.19
C GLY F 108 -17.12 24.14 -18.82
N LYS F 109 -18.37 23.68 -18.72
CA LYS F 109 -19.13 23.71 -17.46
C LYS F 109 -19.25 22.30 -16.84
N LEU F 110 -19.63 22.26 -15.57
CA LEU F 110 -19.90 21.02 -14.85
C LEU F 110 -21.14 21.29 -14.04
N ASP F 111 -22.13 20.41 -14.13
CA ASP F 111 -23.40 20.61 -13.43
C ASP F 111 -23.38 19.96 -12.05
N PHE F 112 -22.73 18.82 -11.93
CA PHE F 112 -22.67 18.16 -10.65
C PHE F 112 -21.38 17.42 -10.46
N LEU F 113 -21.13 17.10 -9.20
CA LEU F 113 -19.98 16.34 -8.77
C LEU F 113 -20.43 15.35 -7.72
N VAL F 114 -20.14 14.07 -7.93
CA VAL F 114 -20.43 13.06 -6.93
C VAL F 114 -19.12 12.60 -6.31
N HIS F 115 -19.04 12.73 -5.00
CA HIS F 115 -17.84 12.42 -4.25
C HIS F 115 -18.05 11.12 -3.47
N ALA F 116 -17.50 10.01 -3.96
CA ALA F 116 -17.64 8.70 -3.33
C ALA F 116 -16.28 8.11 -2.97
N ILE F 117 -15.41 8.97 -2.45
CA ILE F 117 -14.07 8.58 -2.06
C ILE F 117 -14.02 8.45 -0.56
N GLY F 118 -13.48 7.35 -0.08
CA GLY F 118 -13.26 7.17 1.33
C GLY F 118 -12.36 5.99 1.57
N PHE F 119 -11.41 6.16 2.46
CA PHE F 119 -10.50 5.09 2.80
C PHE F 119 -10.15 5.16 4.26
N SER F 120 -10.03 4.00 4.88
CA SER F 120 -9.43 3.86 6.18
C SER F 120 -8.84 2.44 6.29
N ASP F 121 -7.75 2.30 7.04
CA ASP F 121 -7.04 1.03 7.15
C ASP F 121 -7.96 -0.07 7.69
N LYS F 122 -7.98 -1.19 6.97
CA LYS F 122 -8.99 -2.22 7.17
C LYS F 122 -8.81 -2.96 8.48
N ASP F 123 -7.57 -3.26 8.86
CA ASP F 123 -7.34 -3.99 10.11
C ASP F 123 -7.55 -3.10 11.36
N GLU F 124 -7.47 -1.78 11.22
CA GLU F 124 -7.73 -0.87 12.35
C GLU F 124 -9.23 -0.67 12.61
N LEU F 125 -10.06 -0.83 11.59
CA LEU F 125 -11.50 -0.90 11.77
C LEU F 125 -11.92 -2.03 12.72
N THR F 126 -11.16 -3.14 12.72
CA THR F 126 -11.48 -4.30 13.58
C THR F 126 -11.12 -4.08 15.05
N GLY F 127 -10.14 -3.21 15.30
CA GLY F 127 -9.71 -2.91 16.66
C GLY F 127 -10.52 -1.81 17.33
N ARG F 128 -10.03 -1.37 18.48
CA ARG F 128 -10.64 -0.26 19.21
C ARG F 128 -10.24 1.05 18.55
N TYR F 129 -11.19 1.98 18.45
CA TYR F 129 -10.89 3.31 17.91
C TYR F 129 -9.70 3.97 18.61
N ILE F 130 -9.61 3.81 19.93
CA ILE F 130 -8.58 4.48 20.71
C ILE F 130 -7.17 4.05 20.26
N ASP F 131 -7.07 2.84 19.70
CA ASP F 131 -5.81 2.38 19.11
C ASP F 131 -5.63 2.81 17.65
N THR F 132 -6.35 3.82 17.20
CA THR F 132 -6.14 4.33 15.87
C THR F 132 -4.75 4.98 15.81
N SER F 133 -3.96 4.55 14.83
CA SER F 133 -2.60 5.07 14.64
C SER F 133 -2.68 6.45 13.99
N GLU F 134 -1.62 7.24 14.17
CA GLU F 134 -1.58 8.60 13.65
C GLU F 134 -1.63 8.61 12.13
N ALA F 135 -0.94 7.66 11.50
CA ALA F 135 -0.89 7.58 10.05
C ALA F 135 -2.28 7.28 9.48
N ASN F 136 -2.92 6.25 10.02
CA ASN F 136 -4.31 5.94 9.65
C ASN F 136 -5.23 7.13 9.87
N PHE F 137 -5.08 7.81 11.01
CA PHE F 137 -5.91 9.01 11.25
C PHE F 137 -5.75 10.03 10.13
N THR F 138 -4.51 10.44 9.88
CA THR F 138 -4.22 11.50 8.90
C THR F 138 -4.64 11.11 7.49
N ASN F 139 -4.35 9.88 7.10
CA ASN F 139 -4.78 9.38 5.78
C ASN F 139 -6.28 9.28 5.58
N THR F 140 -6.97 8.75 6.59
CA THR F 140 -8.40 8.63 6.49
C THR F 140 -9.02 10.02 6.30
N MET F 141 -8.56 10.97 7.10
CA MET F 141 -9.09 12.32 7.06
C MET F 141 -8.83 12.94 5.70
N LEU F 142 -7.62 12.78 5.20
CA LEU F 142 -7.22 13.36 3.92
C LEU F 142 -8.07 12.85 2.73
N ILE F 143 -8.18 11.53 2.65
CA ILE F 143 -8.87 10.90 1.53
C ILE F 143 -10.40 10.97 1.69
N SER F 144 -10.87 10.84 2.94
CA SER F 144 -12.31 10.75 3.20
C SER F 144 -12.98 12.10 3.43
N VAL F 145 -12.22 13.08 3.91
CA VAL F 145 -12.78 14.41 4.23
C VAL F 145 -12.22 15.50 3.31
N TYR F 146 -10.92 15.76 3.39
CA TYR F 146 -10.31 16.90 2.66
C TYR F 146 -10.52 16.79 1.16
N SER F 147 -10.42 15.57 0.65
CA SER F 147 -10.72 15.28 -0.75
C SER F 147 -11.97 15.99 -1.26
N LEU F 148 -13.03 16.03 -0.46
CA LEU F 148 -14.27 16.66 -0.93
C LEU F 148 -14.08 18.16 -1.05
N THR F 149 -13.38 18.76 -0.09
CA THR F 149 -13.13 20.19 -0.12
C THR F 149 -12.17 20.52 -1.27
N ALA F 150 -11.16 19.67 -1.44
CA ALA F 150 -10.18 19.87 -2.51
C ALA F 150 -10.81 19.82 -3.88
N VAL F 151 -11.81 18.95 -4.04
CA VAL F 151 -12.44 18.72 -5.35
C VAL F 151 -13.54 19.74 -5.60
N SER F 152 -14.23 20.14 -4.55
CA SER F 152 -15.25 21.15 -4.68
C SER F 152 -14.62 22.50 -5.01
N ARG F 153 -13.44 22.77 -4.46
CA ARG F 153 -12.68 23.98 -4.80
C ARG F 153 -12.41 24.11 -6.29
N ARG F 154 -11.96 23.03 -6.92
CA ARG F 154 -11.79 23.02 -8.37
C ARG F 154 -13.15 23.15 -9.04
N ALA F 155 -14.11 22.34 -8.57
CA ALA F 155 -15.41 22.25 -9.23
C ALA F 155 -16.19 23.58 -9.21
N GLU F 156 -15.99 24.38 -8.16
CA GLU F 156 -16.57 25.73 -8.10
C GLU F 156 -16.30 26.56 -9.34
N LYS F 157 -15.04 26.52 -9.80
CA LYS F 157 -14.62 27.28 -10.96
C LYS F 157 -15.48 26.89 -12.17
N LEU F 158 -15.72 25.60 -12.33
CA LEU F 158 -16.55 25.08 -13.43
C LEU F 158 -18.07 25.21 -13.21
N MET F 159 -18.49 25.63 -12.02
CA MET F 159 -19.91 25.66 -11.66
C MET F 159 -20.48 27.07 -11.45
N ALA F 160 -20.07 28.03 -12.28
CA ALA F 160 -20.58 29.41 -12.20
C ALA F 160 -22.09 29.44 -12.38
N ASP F 161 -22.58 28.65 -13.34
CA ASP F 161 -24.02 28.47 -13.57
C ASP F 161 -24.80 27.90 -12.38
N GLY F 162 -24.09 27.34 -11.40
CA GLY F 162 -24.71 26.65 -10.27
C GLY F 162 -24.66 25.15 -10.47
N GLY F 163 -25.04 24.40 -9.44
CA GLY F 163 -25.06 22.93 -9.54
C GLY F 163 -25.14 22.19 -8.22
N SER F 164 -24.75 20.93 -8.24
CA SER F 164 -25.00 20.07 -7.10
C SER F 164 -23.78 19.24 -6.77
N ILE F 165 -23.33 19.33 -5.53
CA ILE F 165 -22.21 18.52 -5.08
C ILE F 165 -22.76 17.58 -4.03
N LEU F 166 -22.42 16.31 -4.18
CA LEU F 166 -23.01 15.22 -3.43
C LEU F 166 -21.90 14.35 -2.96
N THR F 167 -21.95 13.99 -1.68
CA THR F 167 -20.99 13.07 -1.08
C THR F 167 -21.75 12.03 -0.27
N LEU F 168 -21.01 11.08 0.32
CA LEU F 168 -21.63 9.95 1.03
C LEU F 168 -21.11 9.83 2.44
N THR F 169 -22.01 9.47 3.34
CA THR F 169 -21.66 9.32 4.72
C THR F 169 -22.43 8.15 5.32
N TYR F 170 -22.31 7.96 6.62
CA TYR F 170 -22.87 6.81 7.30
C TYR F 170 -23.18 7.20 8.71
N TYR F 171 -24.25 6.61 9.25
CA TYR F 171 -24.75 6.90 10.59
C TYR F 171 -23.64 6.82 11.63
N GLY F 172 -22.59 6.07 11.34
CA GLY F 172 -21.35 6.04 12.12
C GLY F 172 -20.77 7.41 12.45
N ALA F 173 -21.18 8.43 11.71
CA ALA F 173 -20.76 9.81 11.98
C ALA F 173 -21.54 10.47 13.11
N GLU F 174 -22.74 9.95 13.40
CA GLU F 174 -23.66 10.53 14.38
C GLU F 174 -23.63 9.76 15.69
N LYS F 175 -23.65 8.43 15.57
CA LYS F 175 -23.60 7.52 16.70
C LYS F 175 -22.47 6.53 16.47
N VAL F 176 -21.96 5.97 17.55
CA VAL F 176 -20.91 4.96 17.43
C VAL F 176 -21.44 3.67 16.80
N MET F 177 -20.90 3.31 15.65
CA MET F 177 -21.25 2.07 14.98
C MET F 177 -20.05 1.12 14.96
N PRO F 178 -20.31 -0.19 14.95
CA PRO F 178 -19.21 -1.13 15.05
C PRO F 178 -18.41 -1.18 13.77
N ASN F 179 -17.13 -1.52 13.90
CA ASN F 179 -16.24 -1.72 12.75
C ASN F 179 -16.18 -0.49 11.86
N TYR F 180 -15.98 0.65 12.53
CA TYR F 180 -16.02 1.93 11.85
C TYR F 180 -15.04 2.96 12.44
N ASN F 181 -14.80 2.92 13.75
CA ASN F 181 -13.71 3.68 14.38
C ASN F 181 -13.41 5.03 13.69
N VAL F 182 -12.17 5.26 13.24
CA VAL F 182 -11.79 6.61 12.81
C VAL F 182 -12.62 7.10 11.64
N MET F 183 -13.17 6.19 10.86
CA MET F 183 -14.02 6.57 9.73
C MET F 183 -15.32 7.26 10.21
N GLY F 184 -15.76 6.94 11.43
CA GLY F 184 -16.87 7.64 12.04
C GLY F 184 -16.47 9.07 12.37
N VAL F 185 -15.33 9.21 13.02
CA VAL F 185 -14.74 10.51 13.32
C VAL F 185 -14.53 11.27 12.02
N ALA F 186 -14.13 10.54 10.97
CA ALA F 186 -13.89 11.14 9.66
C ALA F 186 -15.18 11.59 8.99
N LYS F 187 -16.20 10.75 9.02
CA LYS F 187 -17.47 11.11 8.40
C LYS F 187 -18.18 12.22 9.17
N ALA F 188 -17.99 12.25 10.49
CA ALA F 188 -18.49 13.39 11.25
C ALA F 188 -17.90 14.69 10.69
N ALA F 189 -16.62 14.68 10.37
CA ALA F 189 -15.92 15.83 9.81
C ALA F 189 -16.43 16.18 8.40
N LEU F 190 -16.65 15.15 7.58
CA LEU F 190 -17.22 15.34 6.25
C LEU F 190 -18.56 16.03 6.33
N GLU F 191 -19.43 15.52 7.19
CA GLU F 191 -20.76 16.08 7.36
C GLU F 191 -20.64 17.55 7.73
N ALA F 192 -19.77 17.87 8.68
CA ALA F 192 -19.53 19.28 9.03
C ALA F 192 -18.98 20.06 7.82
N SER F 193 -18.03 19.46 7.10
CA SER F 193 -17.49 20.11 5.91
C SER F 193 -18.62 20.47 4.95
N VAL F 194 -19.58 19.55 4.78
CA VAL F 194 -20.72 19.77 3.88
C VAL F 194 -21.50 21.04 4.23
N LYS F 195 -21.67 21.30 5.52
CA LYS F 195 -22.34 22.52 5.95
C LYS F 195 -21.53 23.79 5.59
N TYR F 196 -20.26 23.83 5.97
CA TYR F 196 -19.35 24.94 5.61
C TYR F 196 -19.21 25.12 4.09
N LEU F 197 -19.06 24.02 3.36
CA LEU F 197 -19.05 24.07 1.90
C LEU F 197 -20.36 24.63 1.33
N ALA F 198 -21.47 24.30 1.97
CA ALA F 198 -22.77 24.78 1.54
C ALA F 198 -22.86 26.30 1.64
N VAL F 199 -22.24 26.88 2.67
CA VAL F 199 -22.33 28.32 2.89
C VAL F 199 -21.46 29.01 1.85
N ASP F 200 -20.21 28.58 1.74
CA ASP F 200 -19.29 29.10 0.71
C ASP F 200 -19.89 29.13 -0.70
N LEU F 201 -20.52 28.03 -1.11
CA LEU F 201 -20.90 27.82 -2.50
C LEU F 201 -22.35 28.13 -2.79
N GLY F 202 -23.15 28.27 -1.75
CA GLY F 202 -24.57 28.58 -1.87
C GLY F 202 -24.90 29.88 -2.58
N PRO F 203 -24.14 30.95 -2.29
CA PRO F 203 -24.39 32.22 -2.97
C PRO F 203 -24.25 32.11 -4.48
N GLN F 204 -23.39 31.19 -4.95
CA GLN F 204 -23.29 30.91 -6.38
C GLN F 204 -24.24 29.79 -6.84
N ASN F 205 -25.23 29.46 -6.01
CA ASN F 205 -26.24 28.47 -6.38
C ASN F 205 -25.66 27.06 -6.57
N ILE F 206 -24.56 26.76 -5.88
CA ILE F 206 -24.04 25.40 -5.85
C ILE F 206 -24.45 24.76 -4.52
N ARG F 207 -25.20 23.67 -4.62
CA ARG F 207 -25.67 22.96 -3.44
C ARG F 207 -24.64 21.92 -3.05
N VAL F 208 -24.51 21.70 -1.74
CA VAL F 208 -23.66 20.64 -1.21
C VAL F 208 -24.46 19.83 -0.18
N ASN F 209 -24.58 18.54 -0.46
CA ASN F 209 -25.34 17.62 0.37
C ASN F 209 -24.61 16.33 0.55
N ALA F 210 -25.12 15.50 1.44
CA ALA F 210 -24.63 14.15 1.63
C ALA F 210 -25.80 13.19 1.85
N ILE F 211 -25.58 11.96 1.41
CA ILE F 211 -26.49 10.87 1.66
C ILE F 211 -25.83 10.03 2.74
N SER F 212 -26.54 9.88 3.85
CA SER F 212 -26.16 8.91 4.89
C SER F 212 -26.77 7.56 4.51
N ALA F 213 -25.96 6.71 3.89
CA ALA F 213 -26.49 5.48 3.32
C ALA F 213 -26.44 4.39 4.36
N GLY F 214 -27.45 3.53 4.37
CA GLY F 214 -27.42 2.35 5.21
C GLY F 214 -26.53 1.33 4.52
N PRO F 215 -26.09 0.31 5.27
CA PRO F 215 -25.16 -0.69 4.72
C PRO F 215 -25.84 -1.49 3.63
N ILE F 216 -25.07 -1.92 2.63
CA ILE F 216 -25.64 -2.56 1.47
C ILE F 216 -24.99 -3.93 1.27
N LYS F 217 -25.79 -4.99 1.24
CA LYS F 217 -25.23 -6.31 0.94
C LYS F 217 -24.88 -6.37 -0.54
N THR F 218 -23.69 -6.86 -0.83
CA THR F 218 -23.28 -7.10 -2.18
C THR F 218 -23.32 -8.61 -2.41
N LEU F 219 -23.23 -8.98 -3.69
CA LEU F 219 -23.15 -10.37 -4.08
C LEU F 219 -21.70 -10.81 -4.20
N ALA F 220 -20.76 -9.87 -4.05
CA ALA F 220 -19.33 -10.16 -4.16
C ALA F 220 -18.84 -10.95 -2.95
N ALA F 221 -17.59 -11.39 -2.99
CA ALA F 221 -17.02 -12.27 -1.97
C ALA F 221 -16.94 -11.62 -0.58
N SER F 222 -17.08 -12.46 0.44
CA SER F 222 -17.24 -12.00 1.82
C SER F 222 -16.02 -12.31 2.69
N GLY F 225 -14.53 -7.41 8.47
CA GLY F 225 -15.31 -8.53 8.99
C GLY F 225 -16.60 -8.07 9.66
N ASP F 226 -17.38 -9.04 10.14
CA ASP F 226 -18.67 -8.78 10.86
C ASP F 226 -19.70 -7.97 10.05
N PHE F 227 -19.55 -7.95 8.73
CA PHE F 227 -20.43 -7.13 7.90
C PHE F 227 -21.84 -7.73 7.80
N ARG F 228 -21.92 -9.04 7.68
CA ARG F 228 -23.23 -9.72 7.61
C ARG F 228 -24.07 -9.50 8.87
N TYR F 229 -23.38 -9.33 10.01
CA TYR F 229 -24.06 -9.02 11.27
C TYR F 229 -24.72 -7.65 11.23
N ILE F 230 -23.97 -6.65 10.75
CA ILE F 230 -24.48 -5.29 10.58
C ILE F 230 -25.66 -5.30 9.62
N LEU F 231 -25.51 -5.99 8.50
CA LEU F 231 -26.58 -6.10 7.52
C LEU F 231 -27.83 -6.69 8.12
N LYS F 232 -27.65 -7.78 8.86
CA LYS F 232 -28.76 -8.54 9.45
C LYS F 232 -29.45 -7.67 10.50
N TRP F 233 -28.63 -7.00 11.31
CA TRP F 233 -29.12 -6.06 12.31
C TRP F 233 -30.00 -5.02 11.66
N ASN F 234 -29.55 -4.51 10.53
CA ASN F 234 -30.31 -3.52 9.80
C ASN F 234 -31.63 -4.06 9.26
N GLU F 235 -31.63 -5.28 8.74
CA GLU F 235 -32.89 -5.82 8.24
C GLU F 235 -33.84 -6.24 9.36
N TYR F 236 -33.33 -6.66 10.51
CA TYR F 236 -34.21 -6.96 11.62
C TYR F 236 -34.81 -5.69 12.25
N ASN F 237 -34.01 -4.63 12.37
CA ASN F 237 -34.41 -3.48 13.17
C ASN F 237 -34.82 -2.21 12.43
N ALA F 238 -34.28 -1.98 11.24
CA ALA F 238 -34.70 -0.80 10.47
C ALA F 238 -36.20 -0.81 10.25
N PRO F 239 -36.84 0.35 10.34
CA PRO F 239 -38.28 0.39 10.12
C PRO F 239 -38.73 -0.44 8.92
N LEU F 240 -38.08 -0.27 7.78
CA LEU F 240 -38.53 -0.95 6.55
C LEU F 240 -38.13 -2.43 6.47
N ARG F 241 -37.37 -2.92 7.45
CA ARG F 241 -37.04 -4.35 7.54
C ARG F 241 -36.30 -4.87 6.31
N ARG F 242 -35.39 -4.05 5.79
CA ARG F 242 -34.53 -4.47 4.72
C ARG F 242 -33.37 -3.49 4.61
N THR F 243 -32.26 -3.97 4.09
CA THR F 243 -31.14 -3.11 3.83
C THR F 243 -31.38 -2.45 2.48
N VAL F 244 -30.84 -1.24 2.31
CA VAL F 244 -30.94 -0.50 1.05
C VAL F 244 -30.03 -1.11 -0.03
N THR F 245 -30.37 -0.83 -1.28
CA THR F 245 -29.60 -1.29 -2.42
C THR F 245 -29.05 -0.08 -3.16
N ILE F 246 -28.03 -0.31 -3.98
CA ILE F 246 -27.38 0.78 -4.71
C ILE F 246 -28.31 1.47 -5.71
N ASP F 247 -29.40 0.81 -6.07
CA ASP F 247 -30.44 1.44 -6.90
C ASP F 247 -31.30 2.37 -6.08
N GLU F 248 -31.56 2.00 -4.82
CA GLU F 248 -32.31 2.90 -3.93
C GLU F 248 -31.47 4.13 -3.61
N VAL F 249 -30.23 3.95 -3.21
CA VAL F 249 -29.38 5.08 -2.89
C VAL F 249 -29.10 5.88 -4.14
N GLY F 250 -28.98 5.19 -5.27
CA GLY F 250 -28.78 5.85 -6.57
C GLY F 250 -29.87 6.83 -6.89
N ASP F 251 -31.12 6.44 -6.63
CA ASP F 251 -32.26 7.32 -6.87
C ASP F 251 -32.34 8.47 -5.88
N VAL F 252 -31.90 8.24 -4.64
CA VAL F 252 -31.78 9.34 -3.69
C VAL F 252 -30.72 10.28 -4.29
N GLY F 253 -29.62 9.72 -4.75
CA GLY F 253 -28.61 10.50 -5.46
C GLY F 253 -29.18 11.34 -6.60
N LEU F 254 -29.98 10.69 -7.45
CA LEU F 254 -30.62 11.37 -8.57
C LEU F 254 -31.37 12.60 -8.07
N TYR F 255 -32.16 12.43 -7.01
CA TYR F 255 -32.90 13.51 -6.39
C TYR F 255 -32.00 14.70 -6.10
N PHE F 256 -30.83 14.42 -5.55
CA PHE F 256 -29.89 15.47 -5.17
C PHE F 256 -29.26 16.17 -6.37
N LEU F 257 -28.97 15.41 -7.41
CA LEU F 257 -28.38 15.97 -8.63
C LEU F 257 -29.43 16.71 -9.45
N SER F 258 -30.70 16.33 -9.26
CA SER F 258 -31.79 16.95 -10.01
C SER F 258 -32.18 18.32 -9.45
N ASP F 259 -33.07 18.98 -10.19
CA ASP F 259 -33.63 20.27 -9.81
C ASP F 259 -34.72 20.11 -8.75
N LEU F 260 -35.21 18.90 -8.55
CA LEU F 260 -36.19 18.68 -7.49
C LEU F 260 -35.67 19.11 -6.10
N SER F 261 -34.37 18.92 -5.87
CA SER F 261 -33.74 19.26 -4.60
C SER F 261 -33.10 20.65 -4.61
N ARG F 262 -33.58 21.55 -5.47
CA ARG F 262 -32.92 22.86 -5.62
C ARG F 262 -33.01 23.73 -4.37
N SER F 263 -33.98 23.48 -3.50
CA SER F 263 -34.10 24.23 -2.24
C SER F 263 -33.24 23.66 -1.12
N VAL F 264 -32.46 22.63 -1.41
CA VAL F 264 -31.85 21.79 -0.37
C VAL F 264 -30.35 21.83 -0.44
N THR F 265 -29.74 22.29 0.64
CA THR F 265 -28.31 22.33 0.71
C THR F 265 -27.87 22.28 2.17
N GLY F 266 -26.67 21.79 2.38
CA GLY F 266 -26.13 21.58 3.72
C GLY F 266 -26.77 20.40 4.45
N GLU F 267 -27.45 19.54 3.70
CA GLU F 267 -28.29 18.50 4.28
C GLU F 267 -27.54 17.17 4.39
N VAL F 268 -27.74 16.48 5.52
CA VAL F 268 -27.36 15.06 5.63
C VAL F 268 -28.65 14.28 5.60
N HIS F 269 -28.83 13.51 4.53
CA HIS F 269 -30.09 12.86 4.21
C HIS F 269 -29.95 11.36 4.33
N HIS F 270 -30.83 10.73 5.10
CA HIS F 270 -30.68 9.28 5.40
C HIS F 270 -31.41 8.41 4.41
N ALA F 271 -30.65 7.56 3.72
CA ALA F 271 -31.20 6.58 2.79
C ALA F 271 -30.79 5.24 3.38
N ASP F 272 -31.58 4.80 4.36
CA ASP F 272 -31.16 3.74 5.26
C ASP F 272 -32.31 2.94 5.81
N SER F 273 -33.43 2.93 5.11
CA SER F 273 -34.60 2.17 5.56
C SER F 273 -35.11 2.68 6.91
N GLY F 274 -34.79 3.94 7.23
CA GLY F 274 -35.17 4.56 8.47
C GLY F 274 -34.40 4.09 9.70
N TYR F 275 -33.27 3.40 9.51
CA TYR F 275 -32.52 2.86 10.65
C TYR F 275 -32.16 3.92 11.67
N HIS F 276 -31.85 5.12 11.19
CA HIS F 276 -31.34 6.22 12.02
C HIS F 276 -32.28 6.64 13.17
N VAL F 277 -33.56 6.30 13.08
CA VAL F 277 -34.52 6.64 14.13
C VAL F 277 -34.52 5.68 15.35
N ILE F 278 -33.93 4.51 15.19
CA ILE F 278 -34.00 3.46 16.19
C ILE F 278 -33.02 3.73 17.32
N GLY F 279 -33.55 3.83 18.54
CA GLY F 279 -32.73 4.03 19.71
C GLY F 279 -32.29 2.72 20.33
N MET F 280 -33.01 1.64 20.01
CA MET F 280 -32.76 0.30 20.54
C MET F 280 -33.09 -0.75 19.49
N GLY G 27 -44.01 10.24 -15.73
CA GLY G 27 -44.73 10.80 -14.55
C GLY G 27 -44.39 9.98 -13.31
N LEU G 28 -43.69 10.60 -12.36
CA LEU G 28 -43.20 9.92 -11.15
C LEU G 28 -44.29 9.35 -10.24
N LEU G 29 -45.47 9.97 -10.25
CA LEU G 29 -46.59 9.44 -9.47
C LEU G 29 -47.68 8.83 -10.37
N GLN G 30 -47.25 8.27 -11.50
CA GLN G 30 -48.19 7.70 -12.45
C GLN G 30 -48.95 6.55 -11.76
N GLY G 31 -50.27 6.62 -11.84
CA GLY G 31 -51.13 5.60 -11.25
C GLY G 31 -51.34 5.69 -9.75
N LYS G 32 -50.74 6.68 -9.10
CA LYS G 32 -50.89 6.82 -7.65
C LYS G 32 -52.13 7.65 -7.33
N ARG G 33 -52.72 7.35 -6.19
CA ARG G 33 -53.89 8.05 -5.71
C ARG G 33 -53.52 8.52 -4.33
N GLY G 34 -53.75 9.81 -4.06
CA GLY G 34 -53.32 10.40 -2.83
C GLY G 34 -54.27 11.39 -2.24
N LEU G 35 -54.25 11.45 -0.91
CA LEU G 35 -55.08 12.36 -0.13
C LEU G 35 -54.20 13.47 0.39
N ILE G 36 -54.63 14.71 0.18
CA ILE G 36 -53.90 15.86 0.68
C ILE G 36 -54.81 16.55 1.67
N LEU G 37 -54.34 16.72 2.90
CA LEU G 37 -55.08 17.44 3.93
C LEU G 37 -54.49 18.81 4.13
N GLY G 38 -55.33 19.84 4.05
CA GLY G 38 -54.92 21.19 4.38
C GLY G 38 -54.77 22.11 3.19
N VAL G 39 -55.30 21.73 2.04
CA VAL G 39 -55.34 22.65 0.89
C VAL G 39 -56.49 23.65 1.10
N ALA G 40 -56.13 24.81 1.64
CA ALA G 40 -57.09 25.88 1.90
C ALA G 40 -57.02 26.98 0.83
N ASN G 41 -55.91 27.05 0.09
CA ASN G 41 -55.73 28.10 -0.92
C ASN G 41 -54.63 27.73 -1.91
N ASN G 42 -54.36 28.60 -2.87
CA ASN G 42 -53.35 28.30 -3.91
C ASN G 42 -51.96 28.94 -3.71
N ARG G 43 -51.68 29.39 -2.49
CA ARG G 43 -50.39 29.98 -2.13
C ARG G 43 -49.60 29.11 -1.13
N SER G 44 -50.15 27.96 -0.76
CA SER G 44 -49.63 27.14 0.33
C SER G 44 -48.72 26.00 -0.14
N ILE G 45 -47.88 25.51 0.77
CA ILE G 45 -47.03 24.37 0.51
C ILE G 45 -47.87 23.17 0.07
N ALA G 46 -49.00 22.98 0.75
CA ALA G 46 -49.97 21.92 0.42
C ALA G 46 -50.39 22.00 -1.04
N TRP G 47 -50.71 23.22 -1.49
CA TRP G 47 -51.06 23.42 -2.90
C TRP G 47 -49.87 23.11 -3.78
N GLY G 48 -48.70 23.61 -3.38
CA GLY G 48 -47.44 23.33 -4.08
C GLY G 48 -47.19 21.84 -4.26
N ILE G 49 -47.46 21.07 -3.21
CA ILE G 49 -47.27 19.62 -3.26
C ILE G 49 -48.37 18.99 -4.08
N ALA G 50 -49.60 19.46 -3.90
CA ALA G 50 -50.72 18.97 -4.68
C ALA G 50 -50.43 19.12 -6.16
N LYS G 51 -49.93 20.29 -6.54
CA LYS G 51 -49.68 20.61 -7.93
C LYS G 51 -48.57 19.75 -8.53
N ALA G 52 -47.46 19.60 -7.80
CA ALA G 52 -46.35 18.81 -8.33
C ALA G 52 -46.73 17.32 -8.46
N ALA G 53 -47.46 16.81 -7.48
CA ALA G 53 -47.92 15.42 -7.50
C ALA G 53 -48.84 15.19 -8.71
N ARG G 54 -49.74 16.13 -8.94
CA ARG G 54 -50.65 16.06 -10.07
C ARG G 54 -49.92 16.15 -11.41
N GLU G 55 -49.05 17.14 -11.56
CA GLU G 55 -48.23 17.29 -12.77
C GLU G 55 -47.49 16.00 -13.07
N ALA G 56 -47.06 15.32 -12.01
CA ALA G 56 -46.34 14.06 -12.13
C ALA G 56 -47.26 12.85 -12.20
N GLY G 57 -48.56 13.07 -12.35
CA GLY G 57 -49.48 12.00 -12.76
C GLY G 57 -50.34 11.34 -11.70
N ALA G 58 -50.33 11.89 -10.48
CA ALA G 58 -51.17 11.35 -9.42
C ALA G 58 -52.63 11.76 -9.62
N GLU G 59 -53.56 10.94 -9.11
CA GLU G 59 -54.95 11.34 -8.90
C GLU G 59 -55.11 11.75 -7.44
N LEU G 60 -55.62 12.94 -7.20
CA LEU G 60 -55.66 13.51 -5.87
C LEU G 60 -57.05 13.52 -5.25
N ALA G 61 -57.07 13.61 -3.92
CA ALA G 61 -58.29 13.78 -3.15
C ALA G 61 -58.01 14.88 -2.12
N PHE G 62 -58.87 15.89 -2.05
CA PHE G 62 -58.73 16.92 -1.03
C PHE G 62 -59.79 16.74 0.03
N THR G 63 -59.46 17.17 1.23
CA THR G 63 -60.43 17.39 2.28
C THR G 63 -60.50 18.88 2.52
N TYR G 64 -61.45 19.30 3.33
CA TYR G 64 -61.56 20.69 3.79
C TYR G 64 -61.83 20.71 5.30
N GLN G 65 -61.25 21.69 6.00
CA GLN G 65 -61.40 21.82 7.45
C GLN G 65 -62.46 22.88 7.79
N GLY G 66 -63.71 22.58 7.46
CA GLY G 66 -64.86 23.47 7.76
C GLY G 66 -65.64 23.79 6.49
N ASP G 67 -66.97 23.68 6.55
CA ASP G 67 -67.82 23.94 5.37
C ASP G 67 -67.73 25.38 4.84
N ALA G 68 -67.16 26.29 5.64
CA ALA G 68 -66.79 27.63 5.17
C ALA G 68 -65.67 27.57 4.13
N LEU G 69 -64.83 26.55 4.24
CA LEU G 69 -63.69 26.37 3.34
C LEU G 69 -64.03 25.40 2.19
N LYS G 70 -65.28 24.96 2.09
CA LYS G 70 -65.69 24.09 0.97
C LYS G 70 -65.77 24.88 -0.33
N LYS G 71 -66.34 26.08 -0.28
CA LYS G 71 -66.43 26.97 -1.44
C LYS G 71 -65.04 27.46 -1.87
N ARG G 72 -64.09 27.41 -0.93
CA ARG G 72 -62.70 27.80 -1.18
C ARG G 72 -61.92 26.66 -1.88
N VAL G 73 -62.30 25.42 -1.59
CA VAL G 73 -61.55 24.23 -2.00
C VAL G 73 -62.07 23.59 -3.29
N GLU G 74 -63.38 23.65 -3.54
CA GLU G 74 -63.97 23.09 -4.76
C GLU G 74 -63.27 23.58 -6.03
N PRO G 75 -63.00 24.89 -6.13
CA PRO G 75 -62.27 25.40 -7.31
C PRO G 75 -60.84 24.89 -7.39
N LEU G 76 -60.15 24.82 -6.25
CA LEU G 76 -58.78 24.30 -6.22
C LEU G 76 -58.76 22.83 -6.65
N ALA G 77 -59.76 22.06 -6.21
CA ALA G 77 -59.85 20.64 -6.53
C ALA G 77 -60.07 20.41 -8.02
N GLU G 78 -61.07 21.07 -8.58
CA GLU G 78 -61.34 21.01 -10.03
C GLU G 78 -60.07 21.25 -10.84
N GLU G 79 -59.28 22.25 -10.43
CA GLU G 79 -58.08 22.66 -11.15
C GLU G 79 -56.98 21.60 -11.19
N LEU G 80 -56.91 20.76 -10.17
CA LEU G 80 -55.99 19.62 -10.17
C LEU G 80 -56.76 18.32 -10.31
N GLY G 81 -57.99 18.41 -10.82
CA GLY G 81 -58.88 17.26 -10.97
C GLY G 81 -59.00 16.42 -9.69
N ALA G 82 -59.12 17.12 -8.57
CA ALA G 82 -59.10 16.48 -7.25
C ALA G 82 -60.52 16.14 -6.81
N PHE G 83 -60.72 14.89 -6.41
CA PHE G 83 -61.96 14.46 -5.79
C PHE G 83 -62.05 15.05 -4.38
N VAL G 84 -63.20 15.67 -4.04
CA VAL G 84 -63.38 16.24 -2.72
C VAL G 84 -63.92 15.17 -1.76
N ALA G 85 -63.04 14.72 -0.85
CA ALA G 85 -63.33 13.58 0.02
C ALA G 85 -64.14 13.96 1.25
N GLY G 86 -64.36 15.25 1.46
CA GLY G 86 -65.33 15.71 2.45
C GLY G 86 -64.70 16.49 3.58
N HIS G 87 -65.54 16.83 4.56
CA HIS G 87 -65.15 17.61 5.73
C HIS G 87 -64.29 16.76 6.64
N CYS G 88 -63.16 17.35 7.08
CA CYS G 88 -62.25 16.67 7.97
C CYS G 88 -61.88 17.58 9.13
N ASP G 89 -62.61 17.45 10.24
CA ASP G 89 -62.19 18.07 11.48
C ASP G 89 -61.41 17.03 12.27
N VAL G 90 -60.14 17.35 12.50
CA VAL G 90 -59.23 16.41 13.12
C VAL G 90 -59.54 16.25 14.61
N ALA G 91 -60.34 17.16 15.15
CA ALA G 91 -60.87 16.99 16.52
C ALA G 91 -61.99 15.95 16.60
N ASP G 92 -62.73 15.80 15.50
CA ASP G 92 -63.90 14.92 15.41
C ASP G 92 -63.47 13.60 14.73
N ALA G 93 -63.44 12.51 15.50
CA ALA G 93 -62.93 11.23 15.03
C ALA G 93 -63.78 10.59 13.93
N ALA G 94 -65.11 10.66 14.08
CA ALA G 94 -66.03 10.12 13.07
C ALA G 94 -65.86 10.81 11.72
N SER G 95 -65.69 12.12 11.77
CA SER G 95 -65.34 12.94 10.60
C SER G 95 -64.19 12.36 9.80
N ILE G 96 -63.14 11.94 10.49
CA ILE G 96 -61.98 11.34 9.84
C ILE G 96 -62.35 9.95 9.31
N ASP G 97 -63.13 9.19 10.07
CA ASP G 97 -63.61 7.88 9.61
C ASP G 97 -64.40 7.99 8.30
N ALA G 98 -65.22 9.03 8.18
CA ALA G 98 -66.06 9.24 6.99
C ALA G 98 -65.22 9.50 5.75
N VAL G 99 -64.22 10.39 5.85
CA VAL G 99 -63.34 10.71 4.74
C VAL G 99 -62.69 9.44 4.22
N PHE G 100 -62.19 8.63 5.15
CA PHE G 100 -61.49 7.42 4.81
C PHE G 100 -62.45 6.32 4.38
N GLU G 101 -63.69 6.31 4.88
CA GLU G 101 -64.72 5.41 4.32
C GLU G 101 -64.98 5.78 2.87
N THR G 102 -65.11 7.08 2.60
CA THR G 102 -65.38 7.56 1.24
C THR G 102 -64.28 7.12 0.27
N LEU G 103 -63.01 7.41 0.62
CA LEU G 103 -61.87 7.03 -0.20
C LEU G 103 -61.78 5.52 -0.35
N GLU G 104 -62.15 4.82 0.72
CA GLU G 104 -62.28 3.36 0.68
C GLU G 104 -63.23 2.95 -0.46
N LYS G 105 -64.43 3.54 -0.47
CA LYS G 105 -65.43 3.22 -1.49
C LYS G 105 -64.97 3.59 -2.89
N LYS G 106 -64.39 4.78 -3.04
CA LYS G 106 -64.04 5.27 -4.36
C LYS G 106 -62.78 4.61 -4.93
N TRP G 107 -61.75 4.45 -4.10
CA TRP G 107 -60.45 3.98 -4.57
C TRP G 107 -60.07 2.61 -4.07
N GLY G 108 -60.56 2.23 -2.89
CA GLY G 108 -60.17 0.97 -2.27
C GLY G 108 -58.74 0.93 -1.76
N LYS G 109 -58.01 2.03 -1.94
CA LYS G 109 -56.58 2.05 -1.68
C LYS G 109 -56.03 3.48 -1.66
N LEU G 110 -54.94 3.69 -0.92
CA LEU G 110 -54.18 4.94 -0.95
C LEU G 110 -52.73 4.58 -1.19
N ASP G 111 -52.05 5.40 -1.96
CA ASP G 111 -50.62 5.23 -2.21
C ASP G 111 -49.82 6.21 -1.38
N PHE G 112 -50.39 7.39 -1.15
CA PHE G 112 -49.74 8.39 -0.35
C PHE G 112 -50.72 9.31 0.36
N LEU G 113 -50.24 9.98 1.40
CA LEU G 113 -51.04 10.97 2.13
C LEU G 113 -50.17 12.16 2.51
N VAL G 114 -50.71 13.35 2.35
CA VAL G 114 -49.98 14.57 2.64
C VAL G 114 -50.71 15.27 3.75
N HIS G 115 -50.04 15.39 4.89
CA HIS G 115 -50.57 16.03 6.08
C HIS G 115 -49.99 17.43 6.22
N ALA G 116 -50.78 18.44 5.88
CA ALA G 116 -50.37 19.84 6.03
C ALA G 116 -51.34 20.58 6.94
N ILE G 117 -51.82 19.87 7.96
CA ILE G 117 -52.69 20.44 8.96
C ILE G 117 -51.83 20.96 10.09
N GLY G 118 -52.09 22.18 10.52
CA GLY G 118 -51.31 22.79 11.58
C GLY G 118 -51.95 24.11 11.97
N PHE G 119 -52.15 24.31 13.27
CA PHE G 119 -52.76 25.51 13.78
C PHE G 119 -52.34 25.83 15.22
N SER G 120 -52.04 27.09 15.48
CA SER G 120 -51.97 27.60 16.85
C SER G 120 -52.56 29.01 16.89
N ASP G 121 -53.05 29.41 18.07
CA ASP G 121 -53.64 30.74 18.25
C ASP G 121 -52.65 31.85 17.88
N LYS G 122 -53.06 32.78 17.00
CA LYS G 122 -52.17 33.82 16.44
C LYS G 122 -51.67 34.83 17.48
N ASP G 123 -52.56 35.25 18.38
CA ASP G 123 -52.21 36.23 19.39
C ASP G 123 -51.03 35.69 20.21
N GLU G 124 -51.15 34.44 20.63
CA GLU G 124 -50.12 33.85 21.49
C GLU G 124 -48.80 33.58 20.76
N LEU G 125 -48.82 33.54 19.41
CA LEU G 125 -47.56 33.44 18.65
C LEU G 125 -46.65 34.65 18.84
N THR G 126 -47.22 35.81 19.08
CA THR G 126 -46.41 37.03 19.22
C THR G 126 -46.05 37.37 20.67
N GLY G 127 -46.64 36.65 21.62
CA GLY G 127 -46.29 36.81 23.03
C GLY G 127 -45.08 35.98 23.39
N ARG G 128 -44.85 35.83 24.69
CA ARG G 128 -43.77 34.98 25.17
C ARG G 128 -44.27 33.55 25.16
N TYR G 129 -43.40 32.61 24.80
CA TYR G 129 -43.80 31.19 24.87
C TYR G 129 -44.34 30.83 26.27
N ILE G 130 -43.72 31.36 27.32
CA ILE G 130 -44.06 30.97 28.67
C ILE G 130 -45.50 31.34 29.05
N ASP G 131 -46.10 32.28 28.32
CA ASP G 131 -47.48 32.71 28.58
C ASP G 131 -48.52 31.88 27.82
N THR G 132 -48.08 30.88 27.07
CA THR G 132 -48.98 30.01 26.34
C THR G 132 -50.06 29.47 27.27
N SER G 133 -51.32 29.63 26.86
CA SER G 133 -52.45 29.18 27.67
C SER G 133 -52.62 27.69 27.49
N GLU G 134 -53.23 27.04 28.48
CA GLU G 134 -53.49 25.59 28.40
C GLU G 134 -54.35 25.18 27.21
N ALA G 135 -55.43 25.91 26.97
CA ALA G 135 -56.34 25.59 25.86
C ALA G 135 -55.63 25.67 24.51
N ASN G 136 -54.83 26.72 24.30
CA ASN G 136 -54.02 26.82 23.09
C ASN G 136 -53.01 25.67 22.98
N PHE G 137 -52.33 25.35 24.08
CA PHE G 137 -51.40 24.23 24.07
C PHE G 137 -52.11 22.96 23.63
N THR G 138 -53.26 22.69 24.20
CA THR G 138 -53.95 21.46 23.92
C THR G 138 -54.48 21.42 22.50
N ASN G 139 -55.01 22.55 22.02
CA ASN G 139 -55.55 22.62 20.66
C ASN G 139 -54.44 22.55 19.65
N THR G 140 -53.34 23.26 19.88
CA THR G 140 -52.23 23.20 18.95
C THR G 140 -51.76 21.77 18.78
N MET G 141 -51.54 21.09 19.89
CA MET G 141 -50.99 19.73 19.88
C MET G 141 -51.94 18.76 19.18
N LEU G 142 -53.22 18.86 19.50
CA LEU G 142 -54.24 18.01 18.88
C LEU G 142 -54.26 18.22 17.35
N ILE G 143 -54.36 19.47 16.91
CA ILE G 143 -54.54 19.80 15.49
C ILE G 143 -53.25 19.61 14.69
N SER G 144 -52.14 20.03 15.30
CA SER G 144 -50.86 20.04 14.63
C SER G 144 -50.06 18.75 14.77
N VAL G 145 -50.37 17.93 15.76
CA VAL G 145 -49.58 16.73 16.03
C VAL G 145 -50.43 15.46 16.02
N TYR G 146 -51.43 15.37 16.91
CA TYR G 146 -52.24 14.16 16.98
C TYR G 146 -52.93 13.89 15.67
N SER G 147 -53.27 14.95 14.93
CA SER G 147 -53.91 14.78 13.62
C SER G 147 -53.18 13.80 12.67
N LEU G 148 -51.85 13.88 12.61
CA LEU G 148 -51.07 13.01 11.70
C LEU G 148 -51.21 11.57 12.09
N THR G 149 -51.13 11.31 13.39
CA THR G 149 -51.32 9.97 13.93
C THR G 149 -52.75 9.46 13.68
N ALA G 150 -53.73 10.29 14.00
CA ALA G 150 -55.13 9.96 13.73
C ALA G 150 -55.33 9.51 12.29
N VAL G 151 -54.83 10.31 11.35
CA VAL G 151 -55.12 10.02 9.94
C VAL G 151 -54.23 8.89 9.39
N SER G 152 -53.00 8.79 9.88
CA SER G 152 -52.10 7.72 9.46
C SER G 152 -52.65 6.36 9.83
N ARG G 153 -53.35 6.30 10.97
CA ARG G 153 -53.94 5.06 11.46
C ARG G 153 -55.09 4.61 10.57
N ARG G 154 -55.89 5.55 10.09
CA ARG G 154 -56.85 5.20 9.03
C ARG G 154 -56.11 4.84 7.75
N ALA G 155 -55.17 5.69 7.34
CA ALA G 155 -54.44 5.47 6.10
C ALA G 155 -53.94 4.03 6.04
N GLU G 156 -53.31 3.57 7.13
CA GLU G 156 -52.73 2.22 7.19
C GLU G 156 -53.55 1.17 6.47
N LYS G 157 -54.84 1.14 6.77
CA LYS G 157 -55.75 0.10 6.27
C LYS G 157 -55.89 0.15 4.74
N LEU G 158 -55.75 1.33 4.15
CA LEU G 158 -55.82 1.50 2.71
C LEU G 158 -54.46 1.34 2.02
N MET G 159 -53.37 1.33 2.79
CA MET G 159 -52.01 1.23 2.23
C MET G 159 -51.39 -0.14 2.43
N ALA G 160 -52.20 -1.19 2.37
CA ALA G 160 -51.72 -2.57 2.57
C ALA G 160 -50.63 -2.89 1.56
N ASP G 161 -50.74 -2.34 0.36
CA ASP G 161 -49.69 -2.37 -0.67
C ASP G 161 -48.44 -1.53 -0.36
N GLY G 162 -48.45 -0.75 0.71
CA GLY G 162 -47.37 0.21 0.95
C GLY G 162 -47.74 1.60 0.50
N GLY G 163 -46.94 2.59 0.90
CA GLY G 163 -47.25 3.97 0.56
C GLY G 163 -46.31 4.98 1.17
N SER G 164 -46.67 6.25 1.05
CA SER G 164 -45.83 7.34 1.55
C SER G 164 -46.67 8.34 2.33
N ILE G 165 -46.29 8.60 3.58
CA ILE G 165 -46.99 9.58 4.40
C ILE G 165 -46.06 10.77 4.61
N LEU G 166 -46.57 11.97 4.38
CA LEU G 166 -45.71 13.14 4.36
C LEU G 166 -46.34 14.26 5.15
N THR G 167 -45.54 14.87 6.02
CA THR G 167 -46.01 16.01 6.81
C THR G 167 -45.03 17.16 6.71
N LEU G 168 -45.46 18.31 7.22
CA LEU G 168 -44.70 19.55 7.14
C LEU G 168 -44.25 20.05 8.51
N THR G 169 -43.00 20.45 8.60
CA THR G 169 -42.50 21.01 9.82
C THR G 169 -41.70 22.26 9.51
N TYR G 170 -41.02 22.78 10.52
CA TYR G 170 -40.28 24.02 10.41
C TYR G 170 -39.16 23.96 11.44
N TYR G 171 -38.04 24.58 11.09
CA TYR G 171 -36.84 24.63 11.93
C TYR G 171 -37.06 25.06 13.40
N GLY G 172 -38.19 25.71 13.66
CA GLY G 172 -38.63 26.02 15.02
C GLY G 172 -38.82 24.85 15.98
N ALA G 173 -39.01 23.65 15.45
CA ALA G 173 -38.99 22.42 16.24
C ALA G 173 -37.60 22.08 16.81
N GLU G 174 -36.54 22.50 16.11
CA GLU G 174 -35.17 22.16 16.44
C GLU G 174 -34.46 23.28 17.17
N LYS G 175 -34.76 24.53 16.78
CA LYS G 175 -34.19 25.69 17.45
C LYS G 175 -35.29 26.70 17.74
N VAL G 176 -35.07 27.59 18.72
CA VAL G 176 -36.03 28.63 19.03
C VAL G 176 -36.04 29.65 17.89
N MET G 177 -37.23 29.82 17.30
CA MET G 177 -37.44 30.77 16.24
C MET G 177 -38.48 31.78 16.71
N PRO G 178 -38.41 33.01 16.20
CA PRO G 178 -39.34 34.03 16.68
C PRO G 178 -40.75 33.78 16.23
N ASN G 179 -41.70 34.27 17.01
CA ASN G 179 -43.13 34.22 16.66
C ASN G 179 -43.61 32.82 16.36
N TYR G 180 -43.12 31.85 17.14
CA TYR G 180 -43.47 30.45 16.89
C TYR G 180 -43.94 29.73 18.16
N ASN G 181 -43.31 30.03 19.29
CA ASN G 181 -43.78 29.58 20.59
C ASN G 181 -44.28 28.11 20.60
N VAL G 182 -45.52 27.90 21.02
CA VAL G 182 -46.01 26.54 21.23
C VAL G 182 -45.97 25.70 19.97
N MET G 183 -45.99 26.35 18.81
CA MET G 183 -45.90 25.64 17.55
C MET G 183 -44.54 24.99 17.37
N GLY G 184 -43.50 25.62 17.90
CA GLY G 184 -42.18 25.01 17.94
C GLY G 184 -42.24 23.70 18.71
N VAL G 185 -42.83 23.79 19.89
CA VAL G 185 -43.07 22.65 20.76
C VAL G 185 -43.91 21.59 20.05
N ALA G 186 -44.92 22.03 19.32
CA ALA G 186 -45.81 21.12 18.63
C ALA G 186 -45.06 20.40 17.50
N LYS G 187 -44.26 21.16 16.76
CA LYS G 187 -43.51 20.60 15.65
C LYS G 187 -42.42 19.65 16.13
N ALA G 188 -41.79 19.95 17.27
CA ALA G 188 -40.86 19.01 17.92
C ALA G 188 -41.53 17.66 18.09
N ALA G 189 -42.75 17.70 18.63
CA ALA G 189 -43.54 16.50 18.88
C ALA G 189 -43.95 15.81 17.58
N LEU G 190 -44.33 16.59 16.58
CA LEU G 190 -44.69 16.07 15.27
C LEU G 190 -43.53 15.32 14.69
N GLU G 191 -42.35 15.91 14.76
CA GLU G 191 -41.13 15.32 14.23
C GLU G 191 -40.86 14.00 14.94
N ALA G 192 -41.02 14.00 16.26
CA ALA G 192 -40.87 12.75 17.02
C ALA G 192 -41.95 11.76 16.59
N SER G 193 -43.16 12.24 16.36
CA SER G 193 -44.27 11.35 16.00
C SER G 193 -43.97 10.65 14.69
N VAL G 194 -43.24 11.33 13.81
CA VAL G 194 -42.82 10.77 12.53
C VAL G 194 -41.89 9.55 12.69
N LYS G 195 -40.96 9.65 13.63
CA LYS G 195 -40.09 8.52 13.92
C LYS G 195 -40.87 7.30 14.41
N TYR G 196 -41.73 7.50 15.40
CA TYR G 196 -42.56 6.41 15.92
C TYR G 196 -43.46 5.80 14.86
N LEU G 197 -44.13 6.65 14.09
CA LEU G 197 -45.01 6.19 13.00
C LEU G 197 -44.22 5.40 11.94
N ALA G 198 -43.02 5.90 11.60
CA ALA G 198 -42.18 5.20 10.61
C ALA G 198 -41.85 3.78 11.06
N VAL G 199 -41.63 3.61 12.36
CA VAL G 199 -41.36 2.29 12.93
C VAL G 199 -42.63 1.44 12.92
N ASP G 200 -43.77 2.01 13.29
CA ASP G 200 -45.01 1.25 13.27
C ASP G 200 -45.37 0.79 11.87
N LEU G 201 -45.25 1.70 10.90
CA LEU G 201 -45.72 1.47 9.53
C LEU G 201 -44.68 0.95 8.54
N GLY G 202 -43.41 1.03 8.90
CA GLY G 202 -42.33 0.56 8.04
C GLY G 202 -42.43 -0.90 7.60
N PRO G 203 -42.81 -1.81 8.52
CA PRO G 203 -42.89 -3.22 8.18
C PRO G 203 -43.81 -3.53 7.01
N GLN G 204 -44.87 -2.76 6.82
CA GLN G 204 -45.71 -2.96 5.65
C GLN G 204 -45.47 -1.90 4.57
N ASN G 205 -44.20 -1.50 4.46
CA ASN G 205 -43.71 -0.66 3.38
C ASN G 205 -44.44 0.68 3.25
N ILE G 206 -44.82 1.24 4.38
CA ILE G 206 -45.36 2.59 4.43
C ILE G 206 -44.26 3.46 5.01
N ARG G 207 -43.92 4.54 4.31
CA ARG G 207 -42.87 5.48 4.77
C ARG G 207 -43.56 6.67 5.37
N VAL G 208 -42.89 7.30 6.32
CA VAL G 208 -43.43 8.47 7.00
C VAL G 208 -42.27 9.44 7.15
N ASN G 209 -42.46 10.64 6.58
CA ASN G 209 -41.44 11.67 6.54
C ASN G 209 -42.01 13.05 6.73
N ALA G 210 -41.15 13.98 7.13
CA ALA G 210 -41.51 15.39 7.26
C ALA G 210 -40.60 16.22 6.38
N ILE G 211 -41.14 17.27 5.76
CA ILE G 211 -40.33 18.31 5.18
C ILE G 211 -40.34 19.55 6.10
N SER G 212 -39.14 19.98 6.51
CA SER G 212 -38.97 21.18 7.32
C SER G 212 -38.80 22.38 6.36
N ALA G 213 -39.90 23.08 6.10
CA ALA G 213 -39.92 24.08 5.06
C ALA G 213 -39.36 25.40 5.60
N GLY G 214 -38.57 26.08 4.76
CA GLY G 214 -38.18 27.45 5.04
C GLY G 214 -39.41 28.33 4.93
N PRO G 215 -39.32 29.56 5.45
CA PRO G 215 -40.45 30.49 5.31
C PRO G 215 -40.66 30.89 3.85
N ILE G 216 -41.93 31.13 3.50
CA ILE G 216 -42.33 31.40 2.11
C ILE G 216 -43.10 32.73 1.94
N LYS G 217 -42.83 33.41 0.82
CA LYS G 217 -43.59 34.63 0.41
C LYS G 217 -45.07 34.36 0.18
N GLY G 225 -47.83 38.51 13.34
CA GLY G 225 -47.16 38.95 12.12
C GLY G 225 -45.64 38.82 12.20
N ASP G 226 -44.94 39.95 12.02
CA ASP G 226 -43.47 40.03 12.11
C ASP G 226 -42.75 39.09 11.12
N PHE G 227 -43.46 38.71 10.06
CA PHE G 227 -43.01 37.65 9.15
C PHE G 227 -42.04 38.19 8.11
N ARG G 228 -42.23 39.44 7.70
CA ARG G 228 -41.40 40.06 6.66
C ARG G 228 -39.94 40.12 7.07
N TYR G 229 -39.71 40.34 8.36
CA TYR G 229 -38.37 40.30 8.93
C TYR G 229 -37.74 38.92 8.78
N ILE G 230 -38.53 37.88 9.05
CA ILE G 230 -38.03 36.51 9.02
C ILE G 230 -37.62 36.14 7.59
N LEU G 231 -38.43 36.56 6.63
CA LEU G 231 -38.13 36.35 5.21
C LEU G 231 -36.79 36.99 4.83
N LYS G 232 -36.63 38.27 5.18
CA LYS G 232 -35.39 38.99 4.90
C LYS G 232 -34.19 38.31 5.57
N TRP G 233 -34.39 37.87 6.80
CA TRP G 233 -33.35 37.16 7.53
C TRP G 233 -32.86 35.94 6.74
N ASN G 234 -33.82 35.14 6.27
CA ASN G 234 -33.55 33.97 5.46
C ASN G 234 -32.95 34.32 4.11
N GLU G 235 -33.51 35.35 3.48
CA GLU G 235 -32.99 35.81 2.20
C GLU G 235 -31.52 36.23 2.28
N TYR G 236 -31.11 36.84 3.39
CA TYR G 236 -29.73 37.34 3.52
C TYR G 236 -28.76 36.29 4.08
N ASN G 237 -29.25 35.35 4.88
CA ASN G 237 -28.36 34.46 5.63
C ASN G 237 -28.36 33.00 5.20
N ALA G 238 -29.42 32.56 4.54
CA ALA G 238 -29.45 31.21 3.99
C ALA G 238 -28.38 31.10 2.91
N PRO G 239 -27.65 29.98 2.88
CA PRO G 239 -26.66 29.68 1.85
C PRO G 239 -27.09 30.05 0.44
N LEU G 240 -28.30 29.70 0.02
CA LEU G 240 -28.74 29.98 -1.36
C LEU G 240 -29.20 31.42 -1.53
N ARG G 241 -29.15 32.21 -0.46
CA ARG G 241 -29.47 33.65 -0.48
C ARG G 241 -30.82 33.92 -1.14
N ARG G 242 -31.80 33.08 -0.84
CA ARG G 242 -33.18 33.32 -1.25
C ARG G 242 -34.10 32.51 -0.33
N THR G 243 -35.38 32.86 -0.31
CA THR G 243 -36.36 32.08 0.45
C THR G 243 -37.01 31.09 -0.50
N VAL G 244 -37.29 29.89 0.00
CA VAL G 244 -37.86 28.85 -0.86
C VAL G 244 -39.28 29.19 -1.25
N THR G 245 -39.72 28.58 -2.34
CA THR G 245 -41.08 28.80 -2.86
C THR G 245 -41.86 27.51 -2.77
N ILE G 246 -43.16 27.61 -3.00
CA ILE G 246 -44.02 26.45 -2.94
C ILE G 246 -43.76 25.45 -4.08
N ASP G 247 -43.22 25.90 -5.20
CA ASP G 247 -42.87 24.99 -6.30
C ASP G 247 -41.62 24.22 -5.90
N GLU G 248 -40.74 24.86 -5.15
CA GLU G 248 -39.51 24.20 -4.73
C GLU G 248 -39.85 23.13 -3.72
N VAL G 249 -40.60 23.50 -2.69
CA VAL G 249 -41.04 22.57 -1.69
C VAL G 249 -41.92 21.48 -2.30
N GLY G 250 -42.75 21.85 -3.28
CA GLY G 250 -43.61 20.89 -3.97
C GLY G 250 -42.83 19.76 -4.59
N ASP G 251 -41.71 20.12 -5.20
CA ASP G 251 -40.83 19.13 -5.82
C ASP G 251 -40.13 18.28 -4.76
N VAL G 252 -39.86 18.85 -3.60
CA VAL G 252 -39.35 18.05 -2.50
C VAL G 252 -40.45 17.12 -2.02
N GLY G 253 -41.68 17.61 -1.95
CA GLY G 253 -42.83 16.78 -1.67
C GLY G 253 -42.95 15.68 -2.69
N LEU G 254 -42.78 16.02 -3.96
CA LEU G 254 -42.88 15.02 -5.03
C LEU G 254 -41.86 13.91 -4.81
N TYR G 255 -40.64 14.28 -4.43
CA TYR G 255 -39.60 13.29 -4.14
C TYR G 255 -40.04 12.31 -3.05
N PHE G 256 -40.67 12.82 -2.00
CA PHE G 256 -41.06 11.95 -0.86
C PHE G 256 -42.24 11.04 -1.20
N LEU G 257 -43.07 11.50 -2.13
CA LEU G 257 -44.20 10.73 -2.62
C LEU G 257 -43.75 9.71 -3.67
N SER G 258 -42.65 10.00 -4.36
CA SER G 258 -42.21 9.12 -5.43
C SER G 258 -41.45 7.91 -4.89
N ASP G 259 -41.09 7.01 -5.80
CA ASP G 259 -40.30 5.84 -5.46
C ASP G 259 -38.82 6.15 -5.37
N LEU G 260 -38.45 7.39 -5.68
CA LEU G 260 -37.04 7.79 -5.52
C LEU G 260 -36.65 7.77 -4.05
N SER G 261 -37.61 8.04 -3.18
CA SER G 261 -37.38 8.13 -1.74
C SER G 261 -37.75 6.84 -1.00
N ARG G 262 -37.78 5.71 -1.72
CA ARG G 262 -38.39 4.51 -1.19
C ARG G 262 -37.56 3.90 -0.05
N SER G 263 -36.29 4.31 0.04
CA SER G 263 -35.41 3.92 1.13
C SER G 263 -35.46 4.88 2.31
N VAL G 264 -36.22 5.95 2.19
CA VAL G 264 -36.21 7.00 3.18
C VAL G 264 -37.48 7.01 4.03
N THR G 265 -37.32 6.80 5.33
CA THR G 265 -38.42 6.92 6.25
C THR G 265 -37.97 7.47 7.58
N GLY G 266 -38.88 8.15 8.26
CA GLY G 266 -38.62 8.76 9.56
C GLY G 266 -37.68 9.94 9.46
N GLU G 267 -37.69 10.60 8.30
CA GLU G 267 -36.73 11.66 8.00
C GLU G 267 -37.40 13.01 8.17
N VAL G 268 -36.64 13.97 8.71
CA VAL G 268 -37.04 15.36 8.71
C VAL G 268 -36.10 16.04 7.74
N HIS G 269 -36.65 16.60 6.68
CA HIS G 269 -35.83 16.98 5.55
C HIS G 269 -36.00 18.46 5.26
N HIS G 270 -34.89 19.18 5.30
CA HIS G 270 -34.91 20.64 5.20
C HIS G 270 -34.99 21.09 3.74
N ALA G 271 -36.12 21.70 3.39
CA ALA G 271 -36.28 22.43 2.12
C ALA G 271 -36.38 23.90 2.49
N ASP G 272 -35.21 24.49 2.74
CA ASP G 272 -35.09 25.81 3.37
C ASP G 272 -33.90 26.65 2.85
N SER G 273 -33.45 26.39 1.63
CA SER G 273 -32.29 27.11 1.07
C SER G 273 -31.03 26.95 1.94
N GLY G 274 -31.05 25.92 2.77
CA GLY G 274 -29.91 25.56 3.61
C GLY G 274 -29.81 26.38 4.88
N TYR G 275 -30.86 27.08 5.23
CA TYR G 275 -30.80 27.97 6.39
C TYR G 275 -30.38 27.25 7.67
N HIS G 276 -30.80 26.00 7.81
CA HIS G 276 -30.61 25.22 9.02
C HIS G 276 -29.16 25.01 9.44
N VAL G 277 -28.20 25.17 8.52
CA VAL G 277 -26.77 25.01 8.86
C VAL G 277 -26.15 26.27 9.50
N ILE G 278 -26.86 27.40 9.41
CA ILE G 278 -26.35 28.69 9.85
C ILE G 278 -26.44 28.85 11.36
N GLY G 279 -25.29 28.87 12.03
CA GLY G 279 -25.24 29.04 13.48
C GLY G 279 -25.24 30.48 13.99
N MET G 280 -25.12 31.43 13.08
CA MET G 280 -25.09 32.87 13.41
C MET G 280 -25.28 33.71 12.14
N GLY H 27 -13.17 19.61 49.12
CA GLY H 27 -13.77 19.94 47.80
C GLY H 27 -14.06 18.71 46.97
N LEU H 28 -14.62 18.94 45.78
CA LEU H 28 -15.09 17.86 44.89
C LEU H 28 -14.02 17.01 44.25
N LEU H 29 -12.78 17.50 44.20
CA LEU H 29 -11.67 16.77 43.62
C LEU H 29 -10.61 16.42 44.66
N GLN H 30 -11.01 16.34 45.92
CA GLN H 30 -10.08 15.94 46.97
C GLN H 30 -9.69 14.49 46.74
N GLY H 31 -8.40 14.19 46.94
CA GLY H 31 -7.86 12.85 46.64
C GLY H 31 -7.76 12.51 45.16
N LYS H 32 -7.83 13.53 44.31
CA LYS H 32 -7.81 13.34 42.85
C LYS H 32 -6.64 14.07 42.23
N ARG H 33 -6.01 13.41 41.26
CA ARG H 33 -4.86 13.94 40.54
C ARG H 33 -5.12 13.87 39.04
N GLY H 34 -4.83 14.97 38.34
CA GLY H 34 -5.08 15.06 36.92
C GLY H 34 -4.08 15.88 36.13
N LEU H 35 -4.15 15.71 34.81
CA LEU H 35 -3.25 16.37 33.88
C LEU H 35 -4.05 17.36 33.05
N ILE H 36 -3.48 18.54 32.86
CA ILE H 36 -4.12 19.57 32.09
C ILE H 36 -3.16 19.97 30.98
N LEU H 37 -3.62 19.80 29.76
CA LEU H 37 -2.85 20.10 28.57
C LEU H 37 -3.43 21.36 27.97
N GLY H 38 -2.59 22.38 27.80
CA GLY H 38 -2.96 23.61 27.08
C GLY H 38 -2.96 24.88 27.90
N VAL H 39 -2.35 24.85 29.08
CA VAL H 39 -2.24 26.06 29.87
C VAL H 39 -1.08 26.88 29.31
N ALA H 40 -1.39 27.91 28.52
CA ALA H 40 -0.38 28.82 27.97
C ALA H 40 -0.37 30.19 28.64
N ASN H 41 -1.47 30.50 29.34
CA ASN H 41 -1.66 31.77 30.03
C ASN H 41 -2.78 31.65 31.06
N ASN H 42 -3.15 32.74 31.68
CA ASN H 42 -4.15 32.75 32.73
C ASN H 42 -5.51 33.30 32.24
N ARG H 43 -5.71 33.27 30.93
CA ARG H 43 -6.94 33.76 30.32
C ARG H 43 -7.78 32.64 29.70
N SER H 44 -7.24 31.41 29.65
CA SER H 44 -7.82 30.36 28.80
C SER H 44 -8.85 29.52 29.55
N ILE H 45 -9.68 28.77 28.82
CA ILE H 45 -10.61 27.85 29.47
C ILE H 45 -9.81 26.82 30.28
N ALA H 46 -8.72 26.32 29.69
CA ALA H 46 -7.75 25.48 30.41
C ALA H 46 -7.38 26.04 31.76
N TRP H 47 -6.99 27.32 31.80
CA TRP H 47 -6.61 27.93 33.07
C TRP H 47 -7.79 27.95 34.04
N GLY H 48 -8.95 28.32 33.52
CA GLY H 48 -10.21 28.33 34.30
C GLY H 48 -10.53 27.00 34.95
N ILE H 49 -10.36 25.92 34.19
CA ILE H 49 -10.60 24.59 34.70
C ILE H 49 -9.57 24.24 35.78
N ALA H 50 -8.30 24.41 35.44
CA ALA H 50 -7.19 24.20 36.38
C ALA H 50 -7.43 24.93 37.70
N LYS H 51 -7.72 26.22 37.61
CA LYS H 51 -7.97 27.00 38.80
C LYS H 51 -9.15 26.38 39.57
N ALA H 52 -10.25 26.12 38.86
CA ALA H 52 -11.44 25.55 39.53
C ALA H 52 -11.11 24.21 40.14
N ALA H 53 -10.27 23.43 39.49
CA ALA H 53 -9.98 22.07 39.96
C ALA H 53 -9.08 22.09 41.20
N ARG H 54 -8.05 22.94 41.18
CA ARG H 54 -7.19 23.12 42.34
C ARG H 54 -7.99 23.59 43.55
N GLU H 55 -8.81 24.61 43.34
CA GLU H 55 -9.67 25.10 44.41
C GLU H 55 -10.65 24.03 44.91
N ALA H 56 -11.01 23.06 44.07
CA ALA H 56 -11.83 21.93 44.49
C ALA H 56 -11.02 20.79 45.13
N GLY H 57 -9.71 21.01 45.30
CA GLY H 57 -8.86 20.09 46.04
C GLY H 57 -7.96 19.18 45.20
N ALA H 58 -8.03 19.30 43.88
CA ALA H 58 -7.23 18.45 43.00
C ALA H 58 -5.73 18.68 43.17
N GLU H 59 -4.92 17.66 42.91
CA GLU H 59 -3.49 17.87 42.68
C GLU H 59 -3.35 17.94 41.18
N LEU H 60 -2.65 18.95 40.67
CA LEU H 60 -2.56 19.13 39.23
C LEU H 60 -1.16 18.82 38.70
N ALA H 61 -1.11 18.53 37.41
CA ALA H 61 0.12 18.54 36.63
C ALA H 61 -0.19 19.23 35.32
N PHE H 62 0.77 20.00 34.82
CA PHE H 62 0.65 20.72 33.55
C PHE H 62 1.67 20.23 32.57
N THR H 63 1.36 20.37 31.29
CA THR H 63 2.36 20.26 30.24
C THR H 63 2.59 21.65 29.68
N TYR H 64 3.74 21.83 29.03
CA TYR H 64 3.99 22.99 28.19
C TYR H 64 4.26 22.46 26.79
N GLN H 65 3.94 23.26 25.77
CA GLN H 65 3.99 22.78 24.39
C GLN H 65 5.37 23.02 23.72
N GLY H 66 6.12 24.02 24.19
CA GLY H 66 7.46 24.31 23.64
C GLY H 66 8.48 24.56 24.75
N ASP H 67 9.27 25.63 24.60
CA ASP H 67 10.15 26.12 25.69
C ASP H 67 9.91 27.61 26.05
N ALA H 68 9.37 28.39 25.11
CA ALA H 68 8.89 29.76 25.41
C ALA H 68 7.66 29.74 26.32
N LEU H 69 6.86 28.69 26.20
CA LEU H 69 5.69 28.49 27.04
C LEU H 69 6.12 27.92 28.40
N LYS H 70 7.28 27.26 28.44
CA LYS H 70 7.82 26.75 29.71
C LYS H 70 8.10 27.87 30.71
N LYS H 71 8.54 29.02 30.22
CA LYS H 71 8.77 30.19 31.09
C LYS H 71 7.46 30.81 31.59
N ARG H 72 6.37 30.64 30.82
CA ARG H 72 5.04 31.16 31.20
C ARG H 72 4.24 30.16 32.02
N VAL H 73 4.50 28.88 31.80
CA VAL H 73 3.74 27.80 32.43
C VAL H 73 4.20 27.49 33.85
N GLU H 74 5.50 27.56 34.10
CA GLU H 74 6.03 27.29 35.44
C GLU H 74 5.33 28.14 36.52
N PRO H 75 5.31 29.47 36.33
CA PRO H 75 4.66 30.32 37.34
C PRO H 75 3.16 30.07 37.54
N LEU H 76 2.45 29.70 36.46
CA LEU H 76 1.04 29.36 36.55
C LEU H 76 0.88 28.04 37.30
N ALA H 77 1.80 27.11 37.06
CA ALA H 77 1.86 25.87 37.83
C ALA H 77 2.10 26.14 39.31
N GLU H 78 2.97 27.11 39.60
CA GLU H 78 3.34 27.45 40.98
C GLU H 78 2.17 28.06 41.75
N GLU H 79 1.38 28.90 41.09
CA GLU H 79 0.14 29.44 41.69
C GLU H 79 -0.78 28.34 42.23
N LEU H 80 -0.84 27.23 41.51
CA LEU H 80 -1.76 26.12 41.82
C LEU H 80 -1.06 24.88 42.37
N GLY H 81 0.24 25.01 42.67
CA GLY H 81 1.08 23.90 43.14
C GLY H 81 1.14 22.75 42.14
N ALA H 82 0.98 23.07 40.87
CA ALA H 82 0.96 22.06 39.82
C ALA H 82 2.36 21.52 39.54
N PHE H 83 2.44 20.21 39.34
CA PHE H 83 3.64 19.56 38.86
C PHE H 83 3.79 19.89 37.37
N VAL H 84 4.92 20.49 37.01
CA VAL H 84 5.22 20.70 35.61
C VAL H 84 5.69 19.36 35.09
N ALA H 85 4.86 18.74 34.26
CA ALA H 85 5.09 17.37 33.80
C ALA H 85 6.07 17.32 32.64
N GLY H 86 6.25 18.43 31.96
CA GLY H 86 7.29 18.53 30.93
C GLY H 86 6.76 18.96 29.57
N HIS H 87 7.63 18.89 28.57
CA HIS H 87 7.31 19.27 27.21
C HIS H 87 6.42 18.21 26.58
N CYS H 88 5.32 18.66 26.01
CA CYS H 88 4.40 17.80 25.29
C CYS H 88 4.08 18.46 23.96
N ASP H 89 4.53 17.82 22.88
CA ASP H 89 4.12 18.18 21.54
C ASP H 89 3.29 17.01 21.06
N VAL H 90 2.03 17.27 20.75
CA VAL H 90 1.08 16.20 20.41
C VAL H 90 1.35 15.58 19.05
N ALA H 91 2.18 16.24 18.25
CA ALA H 91 2.70 15.69 16.98
C ALA H 91 3.82 14.68 17.24
N ASP H 92 4.58 14.90 18.32
CA ASP H 92 5.72 14.08 18.74
C ASP H 92 5.24 12.90 19.58
N ALA H 93 5.09 11.73 18.97
CA ALA H 93 4.62 10.54 19.70
C ALA H 93 5.50 10.13 20.90
N ALA H 94 6.81 10.37 20.80
CA ALA H 94 7.72 10.05 21.90
C ALA H 94 7.49 11.00 23.07
N SER H 95 7.21 12.26 22.75
CA SER H 95 7.04 13.30 23.76
C SER H 95 5.87 13.03 24.71
N ILE H 96 4.81 12.43 24.19
CA ILE H 96 3.62 12.16 24.98
C ILE H 96 3.93 11.00 25.91
N ASP H 97 4.61 9.98 25.39
CA ASP H 97 5.07 8.86 26.22
C ASP H 97 5.99 9.35 27.35
N ALA H 98 6.78 10.39 27.06
CA ALA H 98 7.66 10.99 28.06
C ALA H 98 6.86 11.63 29.19
N VAL H 99 5.80 12.34 28.83
CA VAL H 99 4.94 12.96 29.83
C VAL H 99 4.32 11.91 30.74
N PHE H 100 3.76 10.88 30.15
CA PHE H 100 3.06 9.85 30.92
C PHE H 100 4.01 8.94 31.67
N GLU H 101 5.26 8.93 31.25
CA GLU H 101 6.32 8.26 31.99
C GLU H 101 6.55 9.01 33.30
N THR H 102 6.67 10.34 33.24
CA THR H 102 6.85 11.16 34.43
C THR H 102 5.68 11.06 35.45
N LEU H 103 4.46 10.92 34.95
CA LEU H 103 3.28 10.82 35.82
C LEU H 103 3.12 9.40 36.34
N GLU H 104 3.54 8.42 35.55
CA GLU H 104 3.55 7.02 35.99
C GLU H 104 4.46 6.83 37.22
N LYS H 105 5.62 7.50 37.22
CA LYS H 105 6.57 7.39 38.34
C LYS H 105 6.18 8.29 39.52
N LYS H 106 5.68 9.49 39.24
CA LYS H 106 5.30 10.42 40.31
C LYS H 106 4.01 9.98 41.02
N TRP H 107 2.94 9.74 40.26
CA TRP H 107 1.61 9.43 40.82
C TRP H 107 1.19 7.98 40.64
N GLY H 108 1.49 7.40 39.49
CA GLY H 108 1.12 6.01 39.22
C GLY H 108 -0.31 5.88 38.74
N LYS H 109 -1.21 6.58 39.40
CA LYS H 109 -2.60 6.66 39.00
C LYS H 109 -2.92 8.10 38.55
N LEU H 110 -3.68 8.20 37.47
CA LEU H 110 -4.21 9.48 37.01
C LEU H 110 -5.73 9.42 37.17
N ASP H 111 -6.31 10.40 37.89
CA ASP H 111 -7.77 10.43 38.09
C ASP H 111 -8.51 11.11 36.95
N PHE H 112 -7.88 12.06 36.29
CA PHE H 112 -8.55 12.76 35.21
C PHE H 112 -7.59 13.45 34.27
N LEU H 113 -8.13 13.91 33.14
CA LEU H 113 -7.32 14.54 32.09
C LEU H 113 -8.18 15.54 31.33
N VAL H 114 -7.67 16.76 31.20
CA VAL H 114 -8.35 17.84 30.49
C VAL H 114 -7.55 18.14 29.23
N HIS H 115 -8.21 18.07 28.09
CA HIS H 115 -7.61 18.28 26.80
C HIS H 115 -8.07 19.62 26.22
N ALA H 116 -7.25 20.64 26.41
CA ALA H 116 -7.53 21.97 25.87
C ALA H 116 -6.45 22.35 24.87
N ILE H 117 -6.22 21.46 23.92
CA ILE H 117 -5.24 21.65 22.86
C ILE H 117 -5.95 21.71 21.54
N GLY H 118 -5.66 22.75 20.76
CA GLY H 118 -6.30 22.96 19.47
C GLY H 118 -5.59 24.07 18.72
N PHE H 119 -5.60 23.99 17.39
CA PHE H 119 -4.89 24.95 16.58
C PHE H 119 -5.32 24.88 15.13
N SER H 120 -5.48 26.04 14.51
CA SER H 120 -5.59 26.15 13.06
C SER H 120 -4.96 27.45 12.59
N ASP H 121 -4.45 27.43 11.36
CA ASP H 121 -3.77 28.59 10.81
C ASP H 121 -4.69 29.80 10.93
N LYS H 122 -4.18 30.88 11.54
CA LYS H 122 -4.96 32.10 11.76
C LYS H 122 -5.37 32.81 10.46
N ASP H 123 -4.52 32.77 9.43
CA ASP H 123 -4.86 33.46 8.16
C ASP H 123 -6.11 32.86 7.52
N GLU H 124 -6.20 31.53 7.54
CA GLU H 124 -7.27 30.81 6.84
C GLU H 124 -8.62 30.79 7.58
N LEU H 125 -8.62 31.14 8.87
CA LEU H 125 -9.87 31.33 9.60
C LEU H 125 -10.70 32.48 9.03
N THR H 126 -10.02 33.51 8.50
CA THR H 126 -10.70 34.69 7.96
C THR H 126 -11.08 34.53 6.48
N GLY H 127 -10.48 33.57 5.80
CA GLY H 127 -10.84 33.25 4.42
C GLY H 127 -12.02 32.28 4.33
N ARG H 128 -12.29 31.77 3.13
CA ARG H 128 -13.38 30.80 2.94
C ARG H 128 -12.94 29.43 3.37
N TYR H 129 -13.85 28.65 3.93
CA TYR H 129 -13.53 27.26 4.29
C TYR H 129 -13.03 26.46 3.07
N ILE H 130 -13.66 26.72 1.93
CA ILE H 130 -13.39 25.98 0.70
C ILE H 130 -11.94 26.14 0.24
N ASP H 131 -11.31 27.26 0.60
CA ASP H 131 -9.92 27.52 0.24
C ASP H 131 -8.95 26.97 1.27
N THR H 132 -9.44 26.17 2.21
CA THR H 132 -8.58 25.56 3.20
C THR H 132 -7.46 24.78 2.53
N SER H 133 -6.23 25.02 2.98
CA SER H 133 -5.07 24.33 2.43
C SER H 133 -4.95 22.96 3.08
N GLU H 134 -4.32 22.03 2.35
CA GLU H 134 -4.12 20.66 2.84
C GLU H 134 -3.21 20.61 4.05
N ALA H 135 -2.15 21.42 4.05
CA ALA H 135 -1.23 21.47 5.20
C ALA H 135 -1.99 21.87 6.45
N ASN H 136 -2.89 22.84 6.31
CA ASN H 136 -3.65 23.37 7.44
C ASN H 136 -4.71 22.37 7.94
N PHE H 137 -5.51 21.84 7.02
CA PHE H 137 -6.42 20.72 7.32
C PHE H 137 -5.72 19.66 8.17
N THR H 138 -4.67 19.06 7.59
CA THR H 138 -3.99 17.95 8.22
C THR H 138 -3.42 18.37 9.56
N ASN H 139 -2.86 19.58 9.60
CA ASN H 139 -2.30 20.09 10.84
C ASN H 139 -3.36 20.25 11.92
N THR H 140 -4.43 20.95 11.56
CA THR H 140 -5.55 21.21 12.48
C THR H 140 -6.11 19.91 13.01
N MET H 141 -6.47 19.00 12.10
CA MET H 141 -6.95 17.66 12.48
C MET H 141 -6.01 16.94 13.44
N LEU H 142 -4.70 17.11 13.26
CA LEU H 142 -3.75 16.39 14.10
C LEU H 142 -3.64 16.96 15.52
N ILE H 143 -3.58 18.28 15.63
CA ILE H 143 -3.41 18.91 16.95
C ILE H 143 -4.76 18.99 17.68
N SER H 144 -5.83 19.15 16.90
CA SER H 144 -7.14 19.46 17.46
C SER H 144 -7.93 18.20 17.76
N VAL H 145 -7.77 17.19 16.92
CA VAL H 145 -8.58 15.99 17.03
C VAL H 145 -7.74 14.81 17.53
N TYR H 146 -6.75 14.39 16.76
CA TYR H 146 -5.99 13.19 17.09
C TYR H 146 -5.24 13.26 18.42
N SER H 147 -4.77 14.44 18.79
CA SER H 147 -4.10 14.59 20.08
C SER H 147 -4.94 14.05 21.24
N LEU H 148 -6.26 14.19 21.18
CA LEU H 148 -7.12 13.69 22.25
C LEU H 148 -7.01 12.17 22.30
N THR H 149 -7.13 11.55 21.13
CA THR H 149 -7.02 10.10 21.05
C THR H 149 -5.64 9.62 21.51
N ALA H 150 -4.58 10.23 20.97
CA ALA H 150 -3.21 9.87 21.34
C ALA H 150 -3.06 9.92 22.85
N VAL H 151 -3.36 11.08 23.41
CA VAL H 151 -3.19 11.34 24.83
C VAL H 151 -4.07 10.46 25.69
N SER H 152 -5.26 10.13 25.18
CA SER H 152 -6.19 9.26 25.89
C SER H 152 -5.71 7.81 25.91
N ARG H 153 -5.11 7.37 24.81
CA ARG H 153 -4.56 6.02 24.77
C ARG H 153 -3.55 5.83 25.89
N ARG H 154 -2.65 6.78 26.05
CA ARG H 154 -1.67 6.69 27.11
C ARG H 154 -2.32 6.88 28.47
N ALA H 155 -3.27 7.82 28.56
CA ALA H 155 -3.97 8.08 29.83
C ALA H 155 -4.74 6.86 30.34
N GLU H 156 -5.23 6.05 29.41
CA GLU H 156 -5.96 4.81 29.76
C GLU H 156 -5.16 3.92 30.69
N LYS H 157 -3.86 3.79 30.44
CA LYS H 157 -3.02 2.83 31.14
C LYS H 157 -2.82 3.26 32.61
N LEU H 158 -3.00 4.55 32.88
CA LEU H 158 -2.92 5.11 34.24
C LEU H 158 -4.26 5.20 34.96
N MET H 159 -5.35 4.91 34.27
CA MET H 159 -6.68 5.14 34.82
C MET H 159 -7.47 3.88 35.12
N ALA H 160 -6.79 2.80 35.49
CA ALA H 160 -7.45 1.49 35.70
C ALA H 160 -8.54 1.56 36.78
N ASP H 161 -8.37 2.46 37.76
CA ASP H 161 -9.44 2.74 38.75
C ASP H 161 -10.60 3.57 38.20
N GLY H 162 -10.47 4.06 36.97
CA GLY H 162 -11.48 4.93 36.37
C GLY H 162 -10.99 6.37 36.32
N GLY H 163 -11.83 7.26 35.83
CA GLY H 163 -11.45 8.68 35.73
C GLY H 163 -12.29 9.43 34.73
N SER H 164 -11.86 10.64 34.40
CA SER H 164 -12.65 11.50 33.53
C SER H 164 -11.76 12.22 32.54
N ILE H 165 -12.12 12.13 31.26
CA ILE H 165 -11.40 12.79 30.20
C ILE H 165 -12.31 13.87 29.61
N LEU H 166 -11.79 15.07 29.53
CA LEU H 166 -12.54 16.24 29.15
C LEU H 166 -11.79 16.94 28.05
N THR H 167 -12.50 17.32 27.00
CA THR H 167 -11.94 18.15 25.95
C THR H 167 -12.89 19.33 25.70
N LEU H 168 -12.51 20.27 24.83
CA LEU H 168 -13.29 21.46 24.59
C LEU H 168 -13.68 21.59 23.14
N THR H 169 -14.92 22.04 22.93
CA THR H 169 -15.40 22.22 21.57
C THR H 169 -16.18 23.53 21.47
N TYR H 170 -16.90 23.71 20.37
CA TYR H 170 -17.60 24.95 20.12
C TYR H 170 -18.73 24.69 19.12
N TYR H 171 -19.78 25.48 19.22
CA TYR H 171 -20.99 25.33 18.40
C TYR H 171 -20.72 25.25 16.91
N GLY H 172 -19.61 25.86 16.48
CA GLY H 172 -19.10 25.76 15.11
C GLY H 172 -18.92 24.33 14.59
N ALA H 173 -18.84 23.35 15.50
CA ALA H 173 -18.86 21.93 15.11
C ALA H 173 -20.24 21.49 14.62
N GLU H 174 -21.30 22.13 15.13
CA GLU H 174 -22.67 21.73 14.81
C GLU H 174 -23.27 22.55 13.70
N LYS H 175 -23.01 23.85 13.74
CA LYS H 175 -23.53 24.81 12.78
C LYS H 175 -22.37 25.63 12.24
N VAL H 176 -22.53 26.14 11.02
CA VAL H 176 -21.52 27.01 10.45
C VAL H 176 -21.49 28.28 11.28
N MET H 177 -20.33 28.59 11.83
CA MET H 177 -20.11 29.83 12.56
C MET H 177 -19.01 30.58 11.84
N PRO H 178 -18.97 31.90 12.02
CA PRO H 178 -18.00 32.73 11.32
C PRO H 178 -16.60 32.58 11.89
N ASN H 179 -15.60 32.78 11.05
CA ASN H 179 -14.20 32.78 11.47
C ASN H 179 -13.72 31.46 12.07
N TYR H 180 -14.18 30.36 11.52
CA TYR H 180 -13.95 29.05 12.17
C TYR H 180 -13.60 27.95 11.16
N ASN H 181 -14.21 27.98 9.98
CA ASN H 181 -13.76 27.15 8.86
C ASN H 181 -13.30 25.73 9.27
N VAL H 182 -12.02 25.39 9.07
CA VAL H 182 -11.58 24.00 9.22
C VAL H 182 -11.59 23.59 10.68
N MET H 183 -11.61 24.55 11.60
CA MET H 183 -11.68 24.21 13.02
C MET H 183 -13.09 23.71 13.37
N GLY H 184 -14.08 24.12 12.57
CA GLY H 184 -15.45 23.59 12.70
C GLY H 184 -15.47 22.13 12.31
N VAL H 185 -14.96 21.85 11.12
CA VAL H 185 -14.80 20.48 10.64
C VAL H 185 -14.00 19.67 11.67
N ALA H 186 -12.92 20.23 12.20
CA ALA H 186 -12.10 19.53 13.22
C ALA H 186 -12.86 19.21 14.50
N LYS H 187 -13.60 20.18 15.01
CA LYS H 187 -14.36 19.97 16.23
C LYS H 187 -15.51 19.01 16.00
N ALA H 188 -16.09 19.02 14.80
CA ALA H 188 -17.06 17.99 14.43
C ALA H 188 -16.45 16.60 14.59
N ALA H 189 -15.20 16.44 14.13
CA ALA H 189 -14.45 15.20 14.29
C ALA H 189 -14.12 14.89 15.75
N LEU H 190 -13.75 15.92 16.50
CA LEU H 190 -13.42 15.73 17.91
C LEU H 190 -14.65 15.28 18.67
N GLU H 191 -15.80 15.87 18.33
CA GLU H 191 -17.05 15.53 18.99
C GLU H 191 -17.36 14.08 18.73
N ALA H 192 -17.28 13.68 17.46
CA ALA H 192 -17.45 12.29 17.11
C ALA H 192 -16.45 11.39 17.87
N SER H 193 -15.20 11.82 17.97
CA SER H 193 -14.18 10.99 18.59
C SER H 193 -14.48 10.79 20.07
N VAL H 194 -14.99 11.83 20.72
CA VAL H 194 -15.43 11.73 22.12
C VAL H 194 -16.37 10.56 22.32
N LYS H 195 -17.30 10.39 21.39
CA LYS H 195 -18.24 9.30 21.44
C LYS H 195 -17.54 7.93 21.29
N TYR H 196 -16.67 7.80 20.28
CA TYR H 196 -15.98 6.52 20.04
C TYR H 196 -15.04 6.20 21.21
N LEU H 197 -14.38 7.23 21.73
CA LEU H 197 -13.54 7.07 22.91
C LEU H 197 -14.33 6.68 24.15
N ALA H 198 -15.55 7.20 24.27
CA ALA H 198 -16.42 6.86 25.40
C ALA H 198 -16.77 5.36 25.40
N VAL H 199 -16.97 4.78 24.22
CA VAL H 199 -17.27 3.36 24.10
C VAL H 199 -16.06 2.50 24.50
N ASP H 200 -14.85 2.84 24.03
CA ASP H 200 -13.62 2.10 24.38
C ASP H 200 -13.25 2.16 25.86
N LEU H 201 -13.50 3.31 26.49
CA LEU H 201 -12.97 3.58 27.81
C LEU H 201 -14.01 3.37 28.88
N GLY H 202 -15.29 3.36 28.50
CA GLY H 202 -16.41 3.18 29.43
C GLY H 202 -16.41 1.91 30.25
N PRO H 203 -16.07 0.77 29.63
CA PRO H 203 -15.99 -0.47 30.41
C PRO H 203 -14.98 -0.44 31.54
N GLN H 204 -13.94 0.40 31.41
CA GLN H 204 -12.98 0.63 32.50
C GLN H 204 -13.39 1.78 33.41
N ASN H 205 -14.63 2.24 33.29
CA ASN H 205 -15.15 3.34 34.11
C ASN H 205 -14.43 4.68 33.88
N ILE H 206 -13.92 4.86 32.66
CA ILE H 206 -13.34 6.11 32.24
C ILE H 206 -14.35 6.80 31.33
N ARG H 207 -14.71 8.02 31.72
CA ARG H 207 -15.69 8.80 31.01
C ARG H 207 -14.94 9.73 30.08
N VAL H 208 -15.55 10.03 28.95
CA VAL H 208 -14.98 10.94 27.99
C VAL H 208 -16.08 11.92 27.56
N ASN H 209 -15.87 13.20 27.81
CA ASN H 209 -16.86 14.20 27.52
C ASN H 209 -16.23 15.42 26.90
N ALA H 210 -17.08 16.33 26.44
CA ALA H 210 -16.64 17.57 25.88
C ALA H 210 -17.53 18.72 26.35
N ILE H 211 -16.91 19.87 26.57
CA ILE H 211 -17.61 21.12 26.79
C ILE H 211 -17.57 21.98 25.53
N SER H 212 -18.74 22.25 24.95
CA SER H 212 -18.87 23.21 23.87
C SER H 212 -19.05 24.61 24.50
N ALA H 213 -17.95 25.36 24.55
CA ALA H 213 -17.92 26.62 25.26
C ALA H 213 -18.38 27.74 24.34
N GLY H 214 -19.06 28.72 24.92
CA GLY H 214 -19.33 29.95 24.18
C GLY H 214 -18.04 30.75 24.04
N PRO H 215 -18.00 31.69 23.09
CA PRO H 215 -16.86 32.59 23.00
C PRO H 215 -16.71 33.36 24.31
N ILE H 216 -15.47 33.70 24.65
CA ILE H 216 -15.15 34.26 25.96
C ILE H 216 -14.52 35.64 25.78
N LYS H 217 -15.11 36.65 26.41
CA LYS H 217 -14.60 38.04 26.35
C LYS H 217 -13.22 38.09 26.98
N THR H 218 -12.26 38.60 26.21
CA THR H 218 -10.89 38.71 26.66
C THR H 218 -10.50 40.19 26.87
N LEU H 219 -9.69 40.44 27.89
CA LEU H 219 -9.12 41.78 28.11
C LEU H 219 -7.77 41.98 27.39
N ALA H 220 -7.21 40.93 26.79
CA ALA H 220 -5.99 41.06 25.97
C ALA H 220 -6.32 41.79 24.68
N ALA H 221 -5.34 41.92 23.79
CA ALA H 221 -5.51 42.72 22.57
C ALA H 221 -6.07 41.87 21.42
N SER H 222 -6.68 42.55 20.45
CA SER H 222 -7.07 41.91 19.18
C SER H 222 -7.57 42.95 18.18
N GLY H 225 -9.76 38.59 13.40
CA GLY H 225 -10.64 39.76 13.30
C GLY H 225 -12.12 39.43 13.47
N ASP H 226 -12.93 40.47 13.72
CA ASP H 226 -14.39 40.32 13.91
C ASP H 226 -14.78 39.44 15.11
N PHE H 227 -13.89 39.28 16.09
CA PHE H 227 -14.22 38.51 17.27
C PHE H 227 -15.19 39.22 18.21
N ARG H 228 -15.11 40.55 18.29
CA ARG H 228 -15.93 41.29 19.26
C ARG H 228 -17.36 41.39 18.73
N TYR H 229 -17.48 41.33 17.41
CA TYR H 229 -18.78 41.20 16.76
C TYR H 229 -19.43 39.89 17.25
N ILE H 230 -18.70 38.78 17.15
CA ILE H 230 -19.21 37.46 17.58
C ILE H 230 -19.58 37.49 19.07
N LEU H 231 -18.72 38.09 19.89
CA LEU H 231 -18.98 38.22 21.32
C LEU H 231 -20.25 39.00 21.60
N LYS H 232 -20.43 40.11 20.91
CA LYS H 232 -21.57 40.97 21.13
C LYS H 232 -22.80 40.27 20.63
N TRP H 233 -22.66 39.50 19.56
CA TRP H 233 -23.77 38.74 19.02
C TRP H 233 -24.28 37.75 20.06
N ASN H 234 -23.37 37.06 20.72
CA ASN H 234 -23.72 36.17 21.81
C ASN H 234 -24.31 36.96 22.97
N GLU H 235 -23.68 38.08 23.28
CA GLU H 235 -24.16 38.97 24.32
C GLU H 235 -25.63 39.32 24.14
N TYR H 236 -25.96 39.80 22.93
CA TYR H 236 -27.32 40.21 22.63
C TYR H 236 -28.29 39.05 22.48
N ASN H 237 -27.85 37.93 21.89
CA ASN H 237 -28.76 36.86 21.46
C ASN H 237 -28.83 35.60 22.31
N ALA H 238 -27.80 35.31 23.09
CA ALA H 238 -27.86 34.15 23.99
C ALA H 238 -28.92 34.41 25.04
N PRO H 239 -29.68 33.38 25.41
CA PRO H 239 -30.70 33.50 26.43
C PRO H 239 -30.24 34.23 27.70
N LEU H 240 -29.06 33.92 28.21
CA LEU H 240 -28.55 34.58 29.43
C LEU H 240 -27.95 35.96 29.17
N ARG H 241 -27.99 36.44 27.92
CA ARG H 241 -27.63 37.82 27.58
C ARG H 241 -26.26 38.24 28.13
N ARG H 242 -25.29 37.36 27.97
CA ARG H 242 -23.94 37.62 28.39
C ARG H 242 -23.10 36.48 27.83
N THR H 243 -21.82 36.76 27.66
CA THR H 243 -20.89 35.75 27.24
C THR H 243 -20.38 35.06 28.50
N VAL H 244 -19.93 33.82 28.33
CA VAL H 244 -19.46 33.00 29.44
C VAL H 244 -18.03 33.39 29.77
N THR H 245 -17.63 33.10 31.00
CA THR H 245 -16.28 33.38 31.48
C THR H 245 -15.55 32.09 31.78
N ILE H 246 -14.23 32.16 31.86
CA ILE H 246 -13.41 30.99 32.06
C ILE H 246 -13.69 30.36 33.44
N ASP H 247 -14.09 31.20 34.40
CA ASP H 247 -14.57 30.71 35.69
C ASP H 247 -15.85 29.90 35.52
N GLU H 248 -16.78 30.39 34.69
CA GLU H 248 -18.04 29.69 34.44
C GLU H 248 -17.75 28.35 33.77
N VAL H 249 -17.01 28.38 32.67
CA VAL H 249 -16.64 27.13 32.02
C VAL H 249 -15.79 26.27 32.94
N GLY H 250 -14.98 26.89 33.78
CA GLY H 250 -14.16 26.20 34.76
C GLY H 250 -14.97 25.36 35.73
N ASP H 251 -16.09 25.91 36.18
CA ASP H 251 -17.01 25.15 37.04
C ASP H 251 -17.71 24.00 36.30
N VAL H 252 -17.98 24.21 35.01
CA VAL H 252 -18.54 23.15 34.21
C VAL H 252 -17.50 22.04 34.07
N GLY H 253 -16.24 22.41 33.79
CA GLY H 253 -15.14 21.43 33.81
C GLY H 253 -15.01 20.68 35.13
N LEU H 254 -15.15 21.41 36.23
CA LEU H 254 -15.14 20.82 37.57
C LEU H 254 -16.18 19.72 37.70
N TYR H 255 -17.40 19.99 37.25
CA TYR H 255 -18.48 19.04 37.31
C TYR H 255 -18.10 17.75 36.61
N PHE H 256 -17.65 17.88 35.37
CA PHE H 256 -17.19 16.75 34.58
C PHE H 256 -16.01 15.97 35.19
N LEU H 257 -15.13 16.66 35.90
CA LEU H 257 -13.98 16.00 36.52
C LEU H 257 -14.40 15.31 37.79
N SER H 258 -15.44 15.83 38.43
CA SER H 258 -15.92 15.32 39.71
C SER H 258 -16.80 14.11 39.55
N ASP H 259 -17.13 13.46 40.67
CA ASP H 259 -18.01 12.29 40.67
C ASP H 259 -19.50 12.65 40.49
N LEU H 260 -19.80 13.95 40.47
CA LEU H 260 -21.16 14.41 40.16
C LEU H 260 -21.57 13.97 38.75
N SER H 261 -20.61 13.95 37.84
CA SER H 261 -20.89 13.57 36.47
C SER H 261 -20.59 12.10 36.18
N ARG H 262 -20.51 11.26 37.21
CA ARG H 262 -20.08 9.86 36.97
C ARG H 262 -21.03 9.04 36.11
N SER H 263 -22.27 9.51 35.93
CA SER H 263 -23.21 8.81 35.03
C SER H 263 -23.14 9.31 33.60
N VAL H 264 -22.33 10.33 33.37
CA VAL H 264 -22.35 11.06 32.11
C VAL H 264 -21.11 10.73 31.33
N THR H 265 -21.30 10.21 30.11
CA THR H 265 -20.16 10.06 29.20
C THR H 265 -20.60 10.14 27.76
N GLY H 266 -19.64 10.46 26.90
CA GLY H 266 -19.88 10.60 25.46
C GLY H 266 -20.67 11.83 25.12
N GLU H 267 -20.63 12.82 26.01
CA GLU H 267 -21.54 13.96 25.94
C GLU H 267 -20.81 15.18 25.44
N VAL H 268 -21.50 15.96 24.61
CA VAL H 268 -21.10 17.30 24.26
C VAL H 268 -22.05 18.28 24.95
N HIS H 269 -21.51 19.07 25.85
CA HIS H 269 -22.30 19.82 26.80
C HIS H 269 -22.03 21.29 26.65
N HIS H 270 -23.08 22.07 26.40
CA HIS H 270 -22.93 23.49 26.08
C HIS H 270 -22.83 24.39 27.27
N ALA H 271 -21.68 25.05 27.42
CA ALA H 271 -21.46 26.07 28.43
C ALA H 271 -21.34 27.37 27.67
N ASP H 272 -22.49 27.95 27.32
CA ASP H 272 -22.56 29.00 26.31
C ASP H 272 -23.70 29.99 26.49
N SER H 273 -24.19 30.16 27.73
CA SER H 273 -25.30 31.07 28.01
C SER H 273 -26.56 30.69 27.22
N GLY H 274 -26.65 29.43 26.81
CA GLY H 274 -27.76 28.92 26.01
C GLY H 274 -27.74 29.27 24.53
N TYR H 275 -26.65 29.82 24.02
CA TYR H 275 -26.66 30.29 22.64
C TYR H 275 -27.06 29.17 21.65
N HIS H 276 -26.64 27.95 21.92
CA HIS H 276 -26.89 26.81 21.04
C HIS H 276 -28.37 26.60 20.67
N VAL H 277 -29.30 27.04 21.51
CA VAL H 277 -30.75 26.84 21.22
C VAL H 277 -31.33 27.87 20.29
N ILE H 278 -30.58 28.93 19.99
CA ILE H 278 -31.07 30.03 19.19
C ILE H 278 -31.01 29.73 17.70
N GLY H 279 -32.16 29.78 17.03
CA GLY H 279 -32.18 29.52 15.61
C GLY H 279 -32.06 30.77 14.76
N MET H 280 -32.18 31.93 15.42
CA MET H 280 -32.24 33.22 14.75
C MET H 280 -32.03 34.35 15.78
#